data_5LGE
#
_entry.id   5LGE
#
_cell.length_a   96.900
_cell.length_b   110.320
_cell.length_c   198.540
_cell.angle_alpha   90.00
_cell.angle_beta   91.19
_cell.angle_gamma   90.00
#
_symmetry.space_group_name_H-M   'C 1 2 1'
#
loop_
_entity.id
_entity.type
_entity.pdbx_description
1 polymer 'Isocitrate dehydrogenase [NADP] cytoplasmic'
2 non-polymer 'NADP NICOTINAMIDE-ADENINE-DINUCLEOTIDE PHOSPHATE'
3 non-polymer 1,2-ETHANEDIOL
4 non-polymer '2-[(4-propan-2-ylphenyl)amino]-1-[(1~{S},5~{S})-3,3,5-trimethylcyclohexyl]benzimidazole-5-carboxylic acid'
5 non-polymer 'ACETATE ION'
6 water water
#
_entity_poly.entity_id   1
_entity_poly.type   'polypeptide(L)'
_entity_poly.pdbx_seq_one_letter_code
;MSKKISGGSVVEMQGDEMTRIIWELIKEKLIFPYVELDLHSYDLGIENRDATNDQVTKDAAEAIKKHNVGVKCATITPDE
KRVEEFKLKQMWKSPNGTIRNILGGTVFREAIICKNIPRLVSGWVKPIIIGHHAYGDQYRATDFVVPGPGKVEITYTPSD
GTQKVTYLVHNFEEGGGVAMGMYNQDKSIEDFAHSSFQMALSKGWPLYLSTKNTILKKYDGRFKDIFQEIYDKQYKSQFE
AQKIWYEHRLIDDMVAQAMKSEGGFIWACKNYDGDVQSDSVAQGYGSLGMMTSVLVCPDGKTVEAEAAHGTVTRHYRMYQ
KGQETSTNPIASIFAWTRGLAHRAKLDNNKELAFFANALEEVSIETIEAGFMTKDLAACIKGLPNVQRSDYLNTFEFMDK
LGENLKIKLAQAKLSLEHHHHHHHH
;
_entity_poly.pdbx_strand_id   A,B,C,D
#
# COMPACT_ATOMS: atom_id res chain seq x y z
N LYS A 3 -36.41 0.66 13.70
CA LYS A 3 -35.25 1.02 12.82
C LYS A 3 -33.92 0.78 13.55
N LYS A 4 -32.89 0.37 12.80
CA LYS A 4 -31.52 0.20 13.33
C LYS A 4 -30.69 1.47 13.19
N ILE A 5 -29.57 1.53 13.92
CA ILE A 5 -28.63 2.64 13.82
C ILE A 5 -27.82 2.51 12.53
N SER A 6 -27.69 3.60 11.79
CA SER A 6 -26.87 3.63 10.58
C SER A 6 -25.41 3.75 11.02
N GLY A 7 -24.68 2.64 10.95
CA GLY A 7 -23.31 2.56 11.46
C GLY A 7 -22.21 3.05 10.54
N GLY A 8 -22.42 2.99 9.22
CA GLY A 8 -21.40 3.39 8.24
C GLY A 8 -20.42 2.28 7.86
N SER A 9 -19.25 2.68 7.35
CA SER A 9 -18.26 1.75 6.79
C SER A 9 -17.30 1.18 7.83
N VAL A 10 -17.28 -0.15 7.96
CA VAL A 10 -16.37 -0.83 8.89
C VAL A 10 -15.77 -2.05 8.20
N VAL A 11 -14.44 -2.17 8.29
CA VAL A 11 -13.74 -3.38 7.85
C VAL A 11 -13.77 -4.35 9.03
N GLU A 12 -14.29 -5.57 8.82
CA GLU A 12 -14.22 -6.62 9.86
C GLU A 12 -13.33 -7.73 9.35
N MET A 13 -12.55 -8.31 10.27
CA MET A 13 -11.65 -9.41 9.97
C MET A 13 -11.95 -10.59 10.87
N GLN A 14 -12.42 -11.67 10.27
CA GLN A 14 -12.70 -12.90 11.01
C GLN A 14 -11.40 -13.64 11.29
N GLY A 15 -11.36 -14.31 12.43
CA GLY A 15 -10.15 -14.98 12.94
C GLY A 15 -10.32 -16.47 13.13
N ASP A 16 -9.74 -16.99 14.22
CA ASP A 16 -9.57 -18.42 14.42
C ASP A 16 -10.06 -18.96 15.76
N GLU A 17 -10.30 -20.27 15.78
CA GLU A 17 -10.51 -21.05 17.00
C GLU A 17 -11.60 -20.44 17.90
N MET A 18 -11.38 -20.32 19.21
CA MET A 18 -12.46 -19.92 20.12
C MET A 18 -12.92 -18.50 19.88
N THR A 19 -11.98 -17.61 19.60
CA THR A 19 -12.32 -16.22 19.35
C THR A 19 -13.24 -16.05 18.15
N ARG A 20 -13.10 -16.92 17.14
CA ARG A 20 -13.99 -16.88 15.97
C ARG A 20 -15.46 -17.19 16.35
N ILE A 21 -15.65 -18.17 17.24
CA ILE A 21 -16.97 -18.51 17.76
C ILE A 21 -17.58 -17.30 18.45
N ILE A 22 -16.81 -16.73 19.36
CA ILE A 22 -17.22 -15.57 20.16
C ILE A 22 -17.48 -14.33 19.32
N TRP A 23 -16.65 -14.12 18.31
CA TRP A 23 -16.82 -13.04 17.38
C TRP A 23 -18.19 -13.09 16.72
N GLU A 24 -18.63 -14.28 16.29
CA GLU A 24 -19.97 -14.42 15.69
C GLU A 24 -21.10 -14.18 16.69
N LEU A 25 -20.93 -14.64 17.93
CA LEU A 25 -21.93 -14.39 18.95
C LEU A 25 -22.07 -12.89 19.22
N ILE A 26 -20.96 -12.17 19.22
CA ILE A 26 -20.97 -10.73 19.43
C ILE A 26 -21.75 -10.06 18.31
N LYS A 27 -21.46 -10.45 17.06
CA LYS A 27 -22.15 -9.86 15.92
C LYS A 27 -23.64 -10.16 15.94
N GLU A 28 -23.97 -11.43 16.16
CA GLU A 28 -25.36 -11.89 16.14
C GLU A 28 -26.23 -11.28 17.25
N LYS A 29 -25.67 -11.15 18.45
CA LYS A 29 -26.42 -10.76 19.65
C LYS A 29 -26.25 -9.31 20.13
N LEU A 30 -25.05 -8.75 19.99
CA LEU A 30 -24.75 -7.42 20.53
C LEU A 30 -24.70 -6.31 19.51
N ILE A 31 -24.43 -6.62 18.24
CA ILE A 31 -24.19 -5.57 17.22
C ILE A 31 -25.29 -5.49 16.17
N PHE A 32 -25.46 -6.55 15.38
CA PHE A 32 -26.41 -6.54 14.24
C PHE A 32 -27.89 -6.31 14.56
N PRO A 33 -28.39 -6.72 15.76
CA PRO A 33 -29.77 -6.36 16.11
C PRO A 33 -30.03 -4.86 16.22
N TYR A 34 -29.00 -4.09 16.59
CA TYR A 34 -29.15 -2.66 16.84
C TYR A 34 -28.47 -1.73 15.83
N VAL A 35 -27.54 -2.26 15.03
CA VAL A 35 -26.71 -1.45 14.13
C VAL A 35 -26.66 -2.07 12.73
N GLU A 36 -26.90 -1.24 11.72
CA GLU A 36 -26.75 -1.62 10.31
C GLU A 36 -25.38 -1.11 9.87
N LEU A 37 -24.57 -1.99 9.28
CA LEU A 37 -23.22 -1.63 8.88
C LEU A 37 -22.95 -1.91 7.41
N ASP A 38 -22.31 -0.95 6.76
CA ASP A 38 -21.65 -1.17 5.46
C ASP A 38 -20.38 -1.94 5.80
N LEU A 39 -20.48 -3.25 5.76
CA LEU A 39 -19.46 -4.12 6.31
C LEU A 39 -18.56 -4.63 5.19
N HIS A 40 -17.25 -4.48 5.36
CA HIS A 40 -16.28 -5.03 4.42
C HIS A 40 -15.55 -6.15 5.12
N SER A 41 -16.01 -7.38 4.86
CA SER A 41 -15.54 -8.55 5.59
C SER A 41 -14.41 -9.29 4.89
N TYR A 42 -13.35 -9.57 5.65
CA TYR A 42 -12.20 -10.34 5.18
C TYR A 42 -12.00 -11.48 6.15
N ASP A 43 -11.88 -12.69 5.62
CA ASP A 43 -11.68 -13.86 6.46
C ASP A 43 -10.18 -14.10 6.64
N LEU A 44 -9.65 -13.69 7.80
CA LEU A 44 -8.25 -13.94 8.13
C LEU A 44 -8.07 -15.23 8.93
N GLY A 45 -9.07 -16.10 8.94
CA GLY A 45 -8.88 -17.45 9.44
C GLY A 45 -7.73 -18.10 8.69
N ILE A 46 -7.05 -19.01 9.36
CA ILE A 46 -5.81 -19.54 8.84
C ILE A 46 -5.96 -20.31 7.54
N GLU A 47 -7.08 -21.01 7.34
CA GLU A 47 -7.29 -21.76 6.11
C GLU A 47 -7.42 -20.84 4.90
N ASN A 48 -8.18 -19.74 5.05
CA ASN A 48 -8.33 -18.79 3.97
C ASN A 48 -7.04 -17.99 3.70
N ARG A 49 -6.24 -17.75 4.75
CA ARG A 49 -4.92 -17.15 4.56
C ARG A 49 -3.99 -18.06 3.77
N ASP A 50 -3.91 -19.32 4.15
CA ASP A 50 -3.14 -20.29 3.38
C ASP A 50 -3.61 -20.32 1.92
N ALA A 51 -4.92 -20.45 1.70
CA ALA A 51 -5.49 -20.58 0.37
C ALA A 51 -5.24 -19.36 -0.51
N THR A 52 -5.14 -18.17 0.09
CA THR A 52 -4.89 -16.94 -0.66
C THR A 52 -3.43 -16.53 -0.69
N ASN A 53 -2.54 -17.35 -0.13
CA ASN A 53 -1.12 -16.98 -0.02
C ASN A 53 -0.89 -15.74 0.83
N ASP A 54 -1.71 -15.62 1.86
CA ASP A 54 -1.76 -14.49 2.77
C ASP A 54 -2.19 -13.17 2.12
N GLN A 55 -2.75 -13.23 0.91
CA GLN A 55 -3.18 -12.03 0.20
C GLN A 55 -4.37 -11.37 0.89
N VAL A 56 -5.27 -12.16 1.45
CA VAL A 56 -6.42 -11.64 2.19
C VAL A 56 -6.02 -10.67 3.32
N THR A 57 -4.89 -10.95 3.98
CA THR A 57 -4.39 -10.07 5.02
C THR A 57 -4.00 -8.71 4.45
N LYS A 58 -3.34 -8.73 3.30
CA LYS A 58 -2.96 -7.51 2.61
C LYS A 58 -4.19 -6.76 2.14
N ASP A 59 -5.15 -7.48 1.53
CA ASP A 59 -6.40 -6.85 1.06
C ASP A 59 -7.13 -6.18 2.23
N ALA A 60 -7.16 -6.84 3.38
CA ALA A 60 -7.79 -6.30 4.59
C ALA A 60 -7.13 -5.02 5.05
N ALA A 61 -5.80 -5.02 5.11
CA ALA A 61 -5.05 -3.84 5.52
C ALA A 61 -5.33 -2.66 4.57
N GLU A 62 -5.30 -2.91 3.26
CA GLU A 62 -5.62 -1.86 2.28
C GLU A 62 -7.06 -1.33 2.46
N ALA A 63 -8.00 -2.21 2.78
CA ALA A 63 -9.37 -1.79 3.05
C ALA A 63 -9.47 -0.85 4.28
N ILE A 64 -8.69 -1.14 5.33
CA ILE A 64 -8.67 -0.30 6.54
C ILE A 64 -8.11 1.07 6.22
N LYS A 65 -7.03 1.09 5.42
CA LYS A 65 -6.40 2.33 4.96
C LYS A 65 -7.41 3.21 4.23
N LYS A 66 -8.32 2.56 3.53
CA LYS A 66 -9.35 3.21 2.74
C LYS A 66 -10.58 3.66 3.54
N HIS A 67 -11.08 2.81 4.44
CA HIS A 67 -12.30 3.10 5.19
C HIS A 67 -12.09 3.63 6.60
N ASN A 68 -10.84 3.64 7.08
CA ASN A 68 -10.45 4.22 8.40
C ASN A 68 -10.76 3.42 9.66
N VAL A 69 -11.59 2.38 9.59
CA VAL A 69 -11.99 1.64 10.79
C VAL A 69 -11.95 0.15 10.53
N GLY A 70 -11.12 -0.53 11.33
CA GLY A 70 -11.01 -1.98 11.30
C GLY A 70 -11.35 -2.56 12.66
N VAL A 71 -12.06 -3.68 12.68
CA VAL A 71 -12.24 -4.46 13.87
C VAL A 71 -11.84 -5.89 13.50
N LYS A 72 -10.91 -6.46 14.26
CA LYS A 72 -10.34 -7.77 13.94
C LYS A 72 -10.43 -8.76 15.12
N CYS A 73 -10.78 -9.99 14.76
CA CYS A 73 -10.78 -11.14 15.67
C CYS A 73 -9.37 -11.71 15.78
N ALA A 74 -9.07 -12.39 16.89
CA ALA A 74 -7.74 -12.97 17.07
C ALA A 74 -7.47 -14.06 16.05
N THR A 75 -6.22 -14.17 15.63
CA THR A 75 -5.81 -15.08 14.56
C THR A 75 -4.66 -15.96 15.02
N ILE A 76 -4.50 -17.11 14.39
CA ILE A 76 -3.37 -17.99 14.64
C ILE A 76 -2.13 -17.40 13.99
N THR A 77 -1.04 -17.32 14.75
CA THR A 77 0.29 -17.04 14.19
C THR A 77 1.00 -18.38 14.03
N PRO A 78 1.24 -18.80 12.78
CA PRO A 78 1.79 -20.13 12.59
C PRO A 78 3.21 -20.32 13.13
N ASP A 79 3.44 -21.47 13.76
CA ASP A 79 4.76 -22.02 14.06
C ASP A 79 4.87 -23.40 13.39
N GLU A 80 5.94 -24.16 13.67
CA GLU A 80 6.11 -25.49 13.06
C GLU A 80 4.93 -26.44 13.30
N LYS A 81 4.46 -26.52 14.54
CA LYS A 81 3.31 -27.36 14.88
C LYS A 81 2.05 -26.99 14.09
N ARG A 82 1.80 -25.68 13.92
CA ARG A 82 0.66 -25.21 13.09
C ARG A 82 0.81 -25.56 11.61
N VAL A 83 2.04 -25.49 11.09
CA VAL A 83 2.32 -25.94 9.73
C VAL A 83 1.95 -27.42 9.60
N GLU A 84 2.32 -28.27 10.57
CA GLU A 84 1.99 -29.70 10.48
C GLU A 84 0.48 -29.94 10.65
N GLU A 85 -0.15 -29.17 11.56
CA GLU A 85 -1.58 -29.30 11.86
C GLU A 85 -2.48 -29.02 10.66
N PHE A 86 -2.22 -27.91 9.96
CA PHE A 86 -3.03 -27.50 8.82
C PHE A 86 -2.37 -27.82 7.46
N LYS A 87 -1.22 -28.50 7.48
CA LYS A 87 -0.39 -28.74 6.28
C LYS A 87 -0.26 -27.46 5.46
N LEU A 88 0.19 -26.40 6.13
CA LEU A 88 0.34 -25.07 5.53
C LEU A 88 1.43 -25.09 4.45
N LYS A 89 1.32 -24.15 3.52
CA LYS A 89 2.26 -24.02 2.40
C LYS A 89 3.55 -23.33 2.84
N GLN A 90 3.41 -22.28 3.65
CA GLN A 90 4.53 -21.64 4.34
C GLN A 90 4.16 -21.29 5.77
N MET A 91 5.18 -21.02 6.57
CA MET A 91 4.99 -20.48 7.90
C MET A 91 4.69 -18.99 7.78
N TRP A 92 3.42 -18.70 7.53
CA TRP A 92 2.98 -17.35 7.20
C TRP A 92 3.27 -16.39 8.36
N LYS A 93 3.49 -15.13 8.01
CA LYS A 93 3.84 -14.08 8.97
C LYS A 93 2.56 -13.75 9.76
N SER A 94 2.74 -13.27 10.98
CA SER A 94 1.61 -12.79 11.78
C SER A 94 0.76 -11.76 11.01
N PRO A 95 -0.55 -11.98 10.88
CA PRO A 95 -1.34 -10.96 10.18
C PRO A 95 -1.34 -9.58 10.87
N ASN A 96 -1.21 -9.58 12.18
CA ASN A 96 -1.08 -8.34 12.96
C ASN A 96 0.11 -7.53 12.50
N GLY A 97 1.25 -8.21 12.33
CA GLY A 97 2.47 -7.59 11.82
C GLY A 97 2.29 -7.01 10.44
N THR A 98 1.72 -7.81 9.55
CA THR A 98 1.47 -7.39 8.18
C THR A 98 0.53 -6.19 8.11
N ILE A 99 -0.51 -6.15 8.94
CA ILE A 99 -1.46 -5.03 8.94
C ILE A 99 -0.83 -3.77 9.51
N ARG A 100 -0.19 -3.90 10.67
CA ARG A 100 0.51 -2.81 11.33
C ARG A 100 1.59 -2.20 10.45
N ASN A 101 2.30 -3.06 9.71
CA ASN A 101 3.31 -2.64 8.75
C ASN A 101 2.73 -1.79 7.59
N ILE A 102 1.71 -2.32 6.94
CA ILE A 102 1.04 -1.62 5.84
C ILE A 102 0.42 -0.29 6.30
N LEU A 103 -0.16 -0.26 7.51
CA LEU A 103 -0.85 0.94 8.01
C LEU A 103 0.08 1.94 8.69
N GLY A 104 1.23 1.44 9.16
CA GLY A 104 2.25 2.29 9.77
C GLY A 104 1.96 2.74 11.19
N GLY A 105 1.02 2.09 11.85
CA GLY A 105 0.59 2.56 13.16
C GLY A 105 1.41 2.05 14.34
N THR A 106 0.95 2.46 15.51
CA THR A 106 1.43 1.99 16.79
C THR A 106 0.28 1.33 17.55
N VAL A 107 0.54 0.15 18.12
CA VAL A 107 -0.46 -0.62 18.88
C VAL A 107 -0.43 -0.23 20.34
N PHE A 108 -1.60 0.11 20.89
CA PHE A 108 -1.75 0.50 22.28
C PHE A 108 -2.68 -0.46 23.03
N ARG A 109 -2.16 -1.08 24.10
CA ARG A 109 -2.94 -2.01 24.92
C ARG A 109 -3.56 -1.31 26.11
N GLU A 110 -4.85 -1.56 26.33
CA GLU A 110 -5.61 -0.92 27.39
C GLU A 110 -6.46 -1.96 28.07
N ALA A 111 -6.34 -2.07 29.38
CA ALA A 111 -7.24 -2.91 30.19
C ALA A 111 -8.65 -2.33 30.32
N ILE A 112 -9.62 -3.22 30.54
CA ILE A 112 -10.96 -2.84 30.99
C ILE A 112 -11.01 -3.11 32.51
N ILE A 113 -11.25 -2.05 33.31
CA ILE A 113 -11.29 -2.15 34.76
C ILE A 113 -12.73 -2.33 35.23
N CYS A 114 -12.95 -3.36 36.05
CA CYS A 114 -14.20 -3.52 36.79
C CYS A 114 -13.86 -3.39 38.28
N LYS A 115 -14.73 -2.70 39.02
CA LYS A 115 -14.48 -2.39 40.43
C LYS A 115 -14.28 -3.61 41.35
N ASN A 116 -14.94 -4.71 41.02
CA ASN A 116 -14.84 -5.95 41.81
C ASN A 116 -13.72 -6.90 41.40
N ILE A 117 -12.95 -6.55 40.39
CA ILE A 117 -11.82 -7.37 39.94
C ILE A 117 -10.49 -6.79 40.46
N PRO A 118 -9.74 -7.58 41.25
CA PRO A 118 -8.41 -7.14 41.72
C PRO A 118 -7.43 -6.81 40.59
N ARG A 119 -6.61 -5.79 40.82
CA ARG A 119 -5.45 -5.49 39.97
C ARG A 119 -4.19 -5.73 40.79
N LEU A 120 -3.06 -5.65 40.10
CA LEU A 120 -1.74 -5.78 40.71
C LEU A 120 -1.57 -4.76 41.83
N VAL A 121 -1.90 -3.51 41.50
CA VAL A 121 -1.86 -2.37 42.41
C VAL A 121 -3.31 -1.94 42.63
N SER A 122 -3.79 -1.99 43.87
CA SER A 122 -5.20 -1.73 44.17
C SER A 122 -5.62 -0.29 43.94
N GLY A 123 -4.68 0.66 44.05
CA GLY A 123 -4.92 2.06 43.73
C GLY A 123 -5.31 2.38 42.29
N TRP A 124 -4.99 1.51 41.34
CA TRP A 124 -5.34 1.77 39.94
C TRP A 124 -6.85 1.80 39.78
N VAL A 125 -7.39 2.96 39.41
CA VAL A 125 -8.81 3.09 39.05
C VAL A 125 -9.01 3.33 37.55
N LYS A 126 -8.01 3.93 36.89
CA LYS A 126 -7.96 4.01 35.42
C LYS A 126 -6.81 3.17 34.89
N PRO A 127 -6.92 2.75 33.62
CA PRO A 127 -5.84 1.96 33.05
C PRO A 127 -4.61 2.79 32.69
N ILE A 128 -3.47 2.12 32.62
CA ILE A 128 -2.25 2.65 32.04
C ILE A 128 -2.15 2.05 30.65
N ILE A 129 -2.24 2.90 29.63
CA ILE A 129 -2.21 2.44 28.25
C ILE A 129 -0.76 2.33 27.81
N ILE A 130 -0.37 1.16 27.28
CA ILE A 130 1.01 0.92 26.90
C ILE A 130 1.17 0.74 25.40
N GLY A 131 1.97 1.62 24.79
CA GLY A 131 2.25 1.62 23.36
C GLY A 131 3.61 1.03 23.07
N HIS A 132 3.72 0.31 21.97
CA HIS A 132 4.97 -0.33 21.57
C HIS A 132 5.50 0.15 20.24
N HIS A 133 6.82 0.27 20.12
CA HIS A 133 7.45 0.44 18.82
C HIS A 133 7.89 -0.90 18.22
N ALA A 134 7.14 -1.37 17.23
CA ALA A 134 7.37 -2.68 16.61
C ALA A 134 8.04 -2.56 15.24
N TYR A 135 8.54 -3.70 14.77
CA TYR A 135 9.17 -3.79 13.45
C TYR A 135 8.22 -3.47 12.30
N GLY A 136 8.81 -3.02 11.20
CA GLY A 136 8.07 -2.65 10.00
C GLY A 136 8.97 -2.54 8.78
N ASP A 137 8.49 -1.81 7.77
CA ASP A 137 9.27 -1.57 6.54
C ASP A 137 10.54 -0.74 6.80
N GLN A 138 10.51 0.10 7.84
CA GLN A 138 11.62 1.01 8.14
C GLN A 138 12.28 0.77 9.51
N TYR A 139 12.04 -0.42 10.08
CA TYR A 139 12.63 -0.83 11.36
C TYR A 139 12.66 -2.36 11.39
N ARG A 140 13.85 -2.94 11.18
CA ARG A 140 13.97 -4.40 10.99
C ARG A 140 15.35 -4.89 11.40
N ALA A 141 15.47 -6.17 11.70
CA ALA A 141 16.73 -6.77 12.14
C ALA A 141 16.95 -8.14 11.52
N THR A 142 18.18 -8.38 11.07
CA THR A 142 18.64 -9.71 10.69
C THR A 142 19.66 -10.17 11.71
N ASP A 143 19.68 -11.47 11.97
CA ASP A 143 20.71 -12.12 12.77
C ASP A 143 21.19 -13.36 12.03
N PHE A 144 22.37 -13.84 12.38
CA PHE A 144 22.88 -15.04 11.73
C PHE A 144 23.92 -15.74 12.58
N VAL A 145 24.06 -17.04 12.36
CA VAL A 145 25.03 -17.87 13.05
C VAL A 145 26.40 -17.63 12.42
N VAL A 146 27.33 -17.14 13.23
CA VAL A 146 28.72 -17.05 12.87
C VAL A 146 29.28 -18.49 13.10
N PRO A 147 29.55 -19.23 12.00
CA PRO A 147 29.89 -20.66 12.10
C PRO A 147 31.30 -20.95 12.65
N GLY A 148 32.22 -19.99 12.59
CA GLY A 148 33.56 -20.18 13.11
C GLY A 148 34.42 -18.93 13.08
N PRO A 149 35.73 -19.08 13.36
CA PRO A 149 36.69 -17.96 13.37
C PRO A 149 36.53 -16.99 12.20
N GLY A 150 36.68 -15.70 12.47
CA GLY A 150 36.63 -14.68 11.41
C GLY A 150 36.68 -13.25 11.90
N LYS A 151 35.80 -12.42 11.34
CA LYS A 151 35.82 -10.98 11.57
C LYS A 151 34.49 -10.39 11.15
N VAL A 152 33.63 -10.07 12.11
CA VAL A 152 32.37 -9.39 11.82
C VAL A 152 32.62 -7.89 11.79
N GLU A 153 32.02 -7.23 10.79
CA GLU A 153 32.09 -5.79 10.63
C GLU A 153 30.72 -5.29 10.20
N ILE A 154 30.44 -4.03 10.50
CA ILE A 154 29.24 -3.35 10.00
C ILE A 154 29.70 -2.04 9.37
N THR A 155 29.35 -1.85 8.09
CA THR A 155 29.85 -0.75 7.28
C THR A 155 28.69 0.10 6.77
N TYR A 156 29.00 1.34 6.42
CA TYR A 156 28.01 2.26 5.83
C TYR A 156 28.60 2.87 4.55
N THR A 157 27.98 2.59 3.40
CA THR A 157 28.42 3.08 2.08
C THR A 157 27.57 4.25 1.56
N PRO A 158 28.20 5.44 1.31
CA PRO A 158 27.41 6.58 0.78
C PRO A 158 26.96 6.38 -0.67
N THR A 166 33.31 2.38 8.71
CA THR A 166 33.36 0.96 9.07
C THR A 166 33.39 0.83 10.61
N TYR A 167 32.60 -0.10 11.16
CA TYR A 167 32.51 -0.36 12.61
C TYR A 167 32.67 -1.85 12.92
N LEU A 168 33.69 -2.18 13.70
CA LEU A 168 33.98 -3.55 14.10
C LEU A 168 32.97 -3.99 15.17
N HIS A 170 33.24 -7.28 16.17
CA HIS A 170 34.20 -8.13 16.90
C HIS A 170 35.24 -8.74 15.95
N ASN A 171 36.35 -9.20 16.52
CA ASN A 171 37.25 -10.15 15.89
C ASN A 171 37.09 -11.52 16.57
N PHE A 172 36.37 -12.43 15.91
CA PHE A 172 36.21 -13.83 16.37
C PHE A 172 37.49 -14.66 16.10
N GLU A 173 38.33 -14.84 17.13
CA GLU A 173 39.57 -15.64 17.02
C GLU A 173 39.46 -17.12 17.51
N GLU A 174 38.53 -17.40 18.42
CA GLU A 174 38.29 -18.76 18.95
C GLU A 174 37.14 -19.44 18.17
N GLY A 175 36.13 -19.99 18.84
CA GLY A 175 35.10 -20.79 18.17
C GLY A 175 34.05 -19.98 17.44
N GLY A 176 32.79 -20.40 17.55
CA GLY A 176 31.68 -19.76 16.84
C GLY A 176 30.94 -18.70 17.64
N GLY A 177 29.68 -18.46 17.29
CA GLY A 177 28.83 -17.49 17.98
C GLY A 177 27.58 -17.13 17.20
N VAL A 178 27.02 -15.97 17.51
CA VAL A 178 25.95 -15.33 16.74
C VAL A 178 26.21 -13.83 16.62
N ALA A 179 25.63 -13.22 15.59
CA ALA A 179 25.70 -11.77 15.40
C ALA A 179 24.35 -11.24 14.96
N MET A 180 24.21 -9.92 14.93
CA MET A 180 22.99 -9.28 14.47
C MET A 180 23.21 -7.83 14.05
N GLY A 181 22.20 -7.27 13.40
CA GLY A 181 22.18 -5.88 12.99
C GLY A 181 20.75 -5.41 13.01
N MET A 182 20.57 -4.10 13.11
CA MET A 182 19.25 -3.50 13.27
C MET A 182 19.34 -2.07 12.79
N TYR A 183 18.25 -1.56 12.23
CA TYR A 183 18.21 -0.19 11.74
C TYR A 183 16.89 0.41 12.12
N ASN A 184 16.79 1.72 11.95
CA ASN A 184 15.58 2.43 12.24
C ASN A 184 15.59 3.77 11.53
N GLN A 185 14.64 3.98 10.64
CA GLN A 185 14.58 5.22 9.90
C GLN A 185 13.83 6.26 10.71
N ASP A 186 14.18 7.52 10.49
CA ASP A 186 13.56 8.64 11.19
C ASP A 186 12.03 8.60 11.04
N LYS A 187 11.55 8.36 9.83
CA LYS A 187 10.12 8.25 9.53
C LYS A 187 9.39 7.26 10.46
N SER A 188 9.97 6.08 10.65
CA SER A 188 9.44 5.07 11.59
C SER A 188 9.28 5.64 13.02
N ILE A 189 10.25 6.44 13.45
CA ILE A 189 10.23 7.07 14.76
C ILE A 189 9.22 8.21 14.81
N GLU A 190 9.14 8.98 13.72
CA GLU A 190 8.18 10.09 13.61
C GLU A 190 6.74 9.59 13.64
N ASP A 191 6.50 8.48 12.95
CA ASP A 191 5.21 7.77 13.01
C ASP A 191 4.83 7.40 14.44
N PHE A 192 5.76 6.72 15.11
CA PHE A 192 5.58 6.28 16.50
C PHE A 192 5.27 7.46 17.43
N ALA A 193 5.96 8.58 17.21
CA ALA A 193 5.70 9.82 17.97
C ALA A 193 4.31 10.37 17.67
N HIS A 194 4.04 10.61 16.40
CA HIS A 194 2.72 11.09 15.94
C HIS A 194 1.57 10.25 16.48
N SER A 195 1.66 8.95 16.30
CA SER A 195 0.64 8.02 16.80
C SER A 195 0.43 8.18 18.31
N SER A 196 1.53 8.27 19.06
CA SER A 196 1.47 8.40 20.50
C SER A 196 0.82 9.70 20.97
N PHE A 197 1.10 10.81 20.27
CA PHE A 197 0.49 12.12 20.62
C PHE A 197 -0.98 12.13 20.26
N GLN A 198 -1.31 11.59 19.08
CA GLN A 198 -2.69 11.44 18.62
C GLN A 198 -3.52 10.65 19.61
N MET A 199 -2.94 9.56 20.12
CA MET A 199 -3.58 8.69 21.12
C MET A 199 -3.83 9.43 22.43
N ALA A 200 -2.85 10.22 22.85
CA ALA A 200 -3.00 11.06 24.04
C ALA A 200 -4.11 12.09 23.89
N LEU A 201 -4.13 12.82 22.77
CA LEU A 201 -5.20 13.79 22.50
C LEU A 201 -6.58 13.13 22.54
N SER A 202 -6.68 11.94 21.93
CA SER A 202 -7.93 11.15 21.90
C SER A 202 -8.47 10.84 23.30
N LYS A 203 -7.63 10.28 24.17
CA LYS A 203 -8.02 9.93 25.55
C LYS A 203 -8.04 11.10 26.53
N GLY A 204 -7.38 12.21 26.18
CA GLY A 204 -7.25 13.34 27.09
C GLY A 204 -6.33 13.08 28.28
N TRP A 205 -5.37 12.15 28.11
CA TRP A 205 -4.42 11.81 29.17
C TRP A 205 -3.00 12.17 28.77
N PRO A 206 -2.13 12.42 29.77
CA PRO A 206 -0.73 12.70 29.47
C PRO A 206 0.02 11.49 28.90
N LEU A 207 1.16 11.78 28.27
CA LEU A 207 1.96 10.80 27.56
C LEU A 207 3.39 10.78 28.12
N TYR A 208 3.96 9.60 28.28
CA TYR A 208 5.33 9.43 28.71
C TYR A 208 6.05 8.49 27.77
N LEU A 209 7.16 8.93 27.23
CA LEU A 209 8.06 8.08 26.47
C LEU A 209 9.10 7.58 27.46
N SER A 210 9.24 6.27 27.59
CA SER A 210 10.26 5.71 28.46
C SER A 210 11.40 5.12 27.65
N THR A 211 12.62 5.37 28.11
CA THR A 211 13.83 4.69 27.61
C THR A 211 14.66 4.29 28.83
N LYS A 212 15.76 3.59 28.58
CA LYS A 212 16.68 3.21 29.65
C LYS A 212 18.14 3.55 29.32
N ASN A 213 18.85 3.85 30.39
CA ASN A 213 20.27 3.75 30.60
C ASN A 213 21.30 4.34 29.63
N THR A 214 21.09 4.20 28.32
CA THR A 214 21.96 4.83 27.29
C THR A 214 23.32 4.09 27.08
N ILE A 215 23.20 2.76 26.92
CA ILE A 215 24.30 1.91 26.43
C ILE A 215 24.41 2.11 24.91
N LEU A 216 23.27 2.23 24.23
CA LEU A 216 23.20 2.64 22.83
C LEU A 216 22.67 4.07 22.84
N LYS A 217 23.56 4.99 23.23
CA LYS A 217 23.20 6.38 23.51
C LYS A 217 22.65 7.11 22.28
N LYS A 218 23.38 7.04 21.17
CA LYS A 218 22.97 7.70 19.92
C LYS A 218 21.63 7.20 19.36
N TYR A 219 21.28 5.94 19.62
CA TYR A 219 20.01 5.36 19.20
C TYR A 219 18.85 5.92 20.01
N ASP A 220 18.94 5.85 21.35
CA ASP A 220 17.87 6.37 22.23
C ASP A 220 17.72 7.89 22.18
N GLY A 221 18.84 8.59 21.99
CA GLY A 221 18.84 10.05 21.81
C GLY A 221 18.02 10.52 20.62
N ARG A 222 18.03 9.74 19.53
CA ARG A 222 17.26 10.06 18.32
C ARG A 222 15.77 10.01 18.60
N PHE A 223 15.34 9.04 19.41
CA PHE A 223 13.94 8.96 19.85
C PHE A 223 13.55 10.16 20.69
N LYS A 224 14.30 10.41 21.75
CA LYS A 224 14.04 11.55 22.65
C LYS A 224 13.88 12.85 21.86
N ASP A 225 14.87 13.12 21.01
CA ASP A 225 14.89 14.35 20.20
C ASP A 225 13.69 14.44 19.25
N ILE A 226 13.41 13.36 18.52
CA ILE A 226 12.32 13.35 17.54
C ILE A 226 10.98 13.56 18.22
N PHE A 227 10.75 12.89 19.35
CA PHE A 227 9.54 13.12 20.15
C PHE A 227 9.41 14.58 20.60
N GLN A 228 10.51 15.14 21.10
CA GLN A 228 10.49 16.52 21.60
C GLN A 228 10.24 17.53 20.48
N GLU A 229 10.99 17.42 19.38
CA GLU A 229 10.79 18.25 18.18
C GLU A 229 9.33 18.26 17.71
N ILE A 230 8.75 17.06 17.52
CA ILE A 230 7.37 16.92 17.04
C ILE A 230 6.37 17.49 18.06
N TYR A 231 6.63 17.27 19.34
CA TYR A 231 5.77 17.79 20.42
C TYR A 231 5.78 19.33 20.46
N ASP A 232 6.97 19.90 20.49
CA ASP A 232 7.15 21.36 20.53
C ASP A 232 6.50 22.07 19.33
N LYS A 233 6.51 21.44 18.17
CA LYS A 233 6.07 22.08 16.93
C LYS A 233 4.64 21.81 16.47
N GLN A 234 4.04 20.69 16.88
CA GLN A 234 2.70 20.34 16.40
C GLN A 234 1.63 20.00 17.45
N TYR A 235 2.02 19.77 18.71
CA TYR A 235 1.06 19.26 19.72
C TYR A 235 0.96 20.04 21.04
N LYS A 236 2.05 20.64 21.51
CA LYS A 236 2.08 21.32 22.82
C LYS A 236 0.91 22.30 23.03
N SER A 237 0.56 23.05 21.98
CA SER A 237 -0.60 23.95 21.99
C SER A 237 -1.91 23.22 22.27
N GLN A 238 -2.10 22.08 21.61
CA GLN A 238 -3.28 21.23 21.83
C GLN A 238 -3.25 20.47 23.17
N PHE A 239 -2.04 20.14 23.64
CA PHE A 239 -1.87 19.43 24.91
C PHE A 239 -2.23 20.32 26.10
N GLU A 240 -1.66 21.52 26.15
CA GLU A 240 -2.00 22.52 27.19
C GLU A 240 -3.49 22.85 27.19
N ALA A 241 -4.08 22.91 26.00
CA ALA A 241 -5.53 23.13 25.81
C ALA A 241 -6.40 22.13 26.58
N GLN A 242 -5.94 20.88 26.67
CA GLN A 242 -6.66 19.83 27.42
C GLN A 242 -6.06 19.55 28.82
N LYS A 243 -5.25 20.46 29.35
CA LYS A 243 -4.62 20.29 30.68
C LYS A 243 -3.73 19.02 30.79
N ILE A 244 -3.09 18.63 29.68
CA ILE A 244 -2.19 17.46 29.65
C ILE A 244 -0.79 17.82 29.15
N TRP A 245 0.13 16.89 29.22
CA TRP A 245 1.54 17.12 28.91
C TRP A 245 2.23 15.89 28.31
N TYR A 246 3.40 16.12 27.70
CA TYR A 246 4.33 15.07 27.29
C TYR A 246 5.61 15.20 28.10
N GLU A 247 6.19 14.06 28.49
CA GLU A 247 7.44 14.04 29.25
C GLU A 247 8.22 12.78 28.89
N HIS A 248 9.50 12.91 28.59
CA HIS A 248 10.40 11.76 28.54
C HIS A 248 10.69 11.36 29.98
N ARG A 249 10.93 10.08 30.20
CA ARG A 249 11.15 9.56 31.55
C ARG A 249 12.05 8.33 31.48
N LEU A 250 12.83 8.07 32.51
CA LEU A 250 13.62 6.84 32.58
C LEU A 250 12.70 5.71 32.99
N ILE A 251 13.12 4.49 32.66
CA ILE A 251 12.27 3.29 32.80
C ILE A 251 11.95 3.00 34.29
N ASP A 252 12.95 3.15 35.16
CA ASP A 252 12.79 2.88 36.60
C ASP A 252 11.87 3.89 37.25
N ASP A 253 11.97 5.16 36.85
CA ASP A 253 11.07 6.22 37.34
C ASP A 253 9.65 5.98 36.82
N MET A 254 9.57 5.34 35.67
CA MET A 254 8.28 5.00 35.08
C MET A 254 7.54 3.92 35.88
N VAL A 255 8.23 2.87 36.32
CA VAL A 255 7.57 1.81 37.10
C VAL A 255 7.22 2.35 38.48
N ALA A 256 8.11 3.15 39.06
CA ALA A 256 7.89 3.86 40.31
C ALA A 256 6.60 4.67 40.28
N GLN A 257 6.43 5.46 39.22
CA GLN A 257 5.24 6.28 39.04
C GLN A 257 3.99 5.41 38.92
N ALA A 258 4.07 4.36 38.10
CA ALA A 258 2.96 3.45 37.90
C ALA A 258 2.49 2.84 39.21
N MET A 259 3.45 2.29 39.96
CA MET A 259 3.24 1.74 41.32
C MET A 259 2.42 2.63 42.26
N LYS A 260 2.62 3.94 42.14
CA LYS A 260 2.08 4.90 43.08
C LYS A 260 1.03 5.86 42.49
N SER A 261 0.45 5.51 41.35
CA SER A 261 -0.56 6.36 40.72
C SER A 261 -1.93 5.70 40.63
N GLU A 262 -2.92 6.50 40.27
CA GLU A 262 -4.28 6.04 40.02
C GLU A 262 -4.44 5.50 38.60
N GLY A 263 -3.44 5.70 37.75
CA GLY A 263 -3.50 5.35 36.34
C GLY A 263 -3.94 6.55 35.52
N GLY A 264 -4.44 6.28 34.32
CA GLY A 264 -4.89 7.33 33.42
C GLY A 264 -3.77 8.10 32.75
N PHE A 265 -2.71 7.40 32.34
CA PHE A 265 -1.71 7.96 31.44
C PHE A 265 -1.34 6.95 30.36
N ILE A 266 -0.69 7.46 29.31
CA ILE A 266 -0.21 6.64 28.22
C ILE A 266 1.30 6.52 28.35
N TRP A 267 1.80 5.30 28.24
CA TRP A 267 3.20 4.97 28.43
C TRP A 267 3.73 4.38 27.14
N ALA A 268 4.43 5.20 26.36
CA ALA A 268 5.09 4.76 25.11
C ALA A 268 6.41 4.09 25.46
N CYS A 269 6.49 2.78 25.29
CA CYS A 269 7.67 2.02 25.69
C CYS A 269 8.61 1.93 24.50
N LYS A 270 9.90 2.13 24.73
CA LYS A 270 10.93 1.97 23.68
C LYS A 270 12.01 1.04 24.19
N ASN A 271 11.95 -0.21 23.71
CA ASN A 271 13.06 -1.16 23.83
C ASN A 271 13.23 -1.94 22.53
N TYR A 272 14.08 -2.96 22.52
CA TYR A 272 14.50 -3.55 21.25
C TYR A 272 13.63 -4.75 20.86
N ASP A 273 12.31 -4.49 20.85
CA ASP A 273 11.18 -5.38 20.56
C ASP A 273 10.72 -6.24 21.70
N GLY A 274 10.46 -5.54 22.80
CA GLY A 274 9.53 -6.02 23.86
C GLY A 274 9.67 -5.26 25.17
N ASP A 275 9.28 -5.89 26.26
CA ASP A 275 9.62 -5.40 27.58
C ASP A 275 9.31 -6.41 28.66
N VAL A 276 9.95 -6.17 29.79
CA VAL A 276 9.76 -6.99 30.95
C VAL A 276 8.80 -6.38 31.92
N GLN A 277 8.68 -5.03 31.98
CA GLN A 277 7.91 -4.32 33.03
C GLN A 277 6.74 -3.50 32.50
N SER A 278 6.89 -2.93 31.30
CA SER A 278 5.75 -2.54 30.50
C SER A 278 4.83 -3.74 30.42
N ASP A 279 5.35 -4.87 29.94
CA ASP A 279 4.56 -6.09 29.77
C ASP A 279 4.04 -6.68 31.07
N SER A 280 4.65 -6.31 32.19
CA SER A 280 4.21 -6.76 33.51
C SER A 280 2.98 -6.01 33.97
N VAL A 281 2.88 -4.71 33.68
CA VAL A 281 1.68 -3.90 33.99
C VAL A 281 0.41 -4.46 33.29
N ALA A 282 0.58 -4.89 32.03
CA ALA A 282 -0.51 -5.44 31.21
C ALA A 282 -1.02 -6.84 31.57
N GLN A 283 -0.41 -7.50 32.55
CA GLN A 283 -0.91 -8.78 33.08
C GLN A 283 -1.34 -8.58 34.54
N GLY A 284 -1.33 -7.32 34.96
CA GLY A 284 -1.65 -6.90 36.29
C GLY A 284 -3.07 -6.40 36.41
N TYR A 285 -3.90 -6.52 35.38
CA TYR A 285 -5.32 -6.18 35.48
C TYR A 285 -6.20 -7.45 35.48
N GLY A 286 -5.70 -8.50 36.12
CA GLY A 286 -6.51 -9.67 36.39
C GLY A 286 -6.42 -10.74 35.34
N SER A 287 -7.01 -10.50 34.18
CA SER A 287 -7.19 -11.55 33.17
C SER A 287 -6.96 -11.07 31.75
N LEU A 288 -6.43 -11.98 30.93
CA LEU A 288 -6.18 -11.71 29.53
C LEU A 288 -7.41 -11.32 28.74
N GLY A 289 -8.57 -11.82 29.15
CA GLY A 289 -9.84 -11.43 28.54
C GLY A 289 -10.27 -9.99 28.74
N MET A 290 -9.52 -9.20 29.51
CA MET A 290 -9.86 -7.81 29.78
C MET A 290 -8.88 -6.81 29.16
N MET A 291 -8.17 -7.21 28.09
CA MET A 291 -7.13 -6.38 27.50
C MET A 291 -7.39 -6.24 26.01
N THR A 292 -7.67 -5.01 25.55
CA THR A 292 -7.77 -4.69 24.11
C THR A 292 -6.51 -4.05 23.54
N SER A 293 -6.34 -4.19 22.23
CA SER A 293 -5.32 -3.50 21.43
C SER A 293 -6.03 -2.49 20.51
N VAL A 294 -5.43 -1.32 20.32
CA VAL A 294 -5.88 -0.37 19.32
C VAL A 294 -4.65 0.07 18.54
N LEU A 295 -4.67 -0.18 17.23
CA LEU A 295 -3.63 0.28 16.32
C LEU A 295 -4.01 1.66 15.88
N VAL A 296 -3.17 2.65 16.18
CA VAL A 296 -3.44 4.05 15.85
C VAL A 296 -2.38 4.52 14.85
N CYS A 297 -2.83 5.04 13.71
CA CYS A 297 -1.94 5.53 12.65
C CYS A 297 -1.52 6.97 12.94
N PRO A 298 -0.44 7.46 12.26
CA PRO A 298 0.07 8.81 12.54
C PRO A 298 -0.93 9.92 12.21
N ASP A 299 -1.70 9.73 11.14
CA ASP A 299 -2.76 10.66 10.73
C ASP A 299 -3.84 10.97 11.80
N GLY A 300 -3.98 10.13 12.82
CA GLY A 300 -5.04 10.27 13.81
C GLY A 300 -6.40 9.70 13.37
N LYS A 301 -6.54 9.45 12.07
CA LYS A 301 -7.82 9.18 11.41
C LYS A 301 -8.16 7.68 11.33
N THR A 302 -7.14 6.84 11.17
CA THR A 302 -7.35 5.41 10.93
C THR A 302 -7.00 4.59 12.16
N VAL A 303 -7.90 3.69 12.58
CA VAL A 303 -7.63 2.75 13.68
C VAL A 303 -8.06 1.32 13.36
N GLU A 304 -7.40 0.36 13.99
CA GLU A 304 -7.80 -1.04 13.98
C GLU A 304 -7.87 -1.54 15.40
N ALA A 305 -9.05 -2.00 15.82
CA ALA A 305 -9.27 -2.50 17.18
C ALA A 305 -9.28 -4.03 17.20
N GLU A 306 -8.76 -4.59 18.28
CA GLU A 306 -8.53 -6.02 18.39
C GLU A 306 -8.35 -6.44 19.85
N ALA A 307 -8.78 -7.64 20.22
CA ALA A 307 -8.43 -8.15 21.55
C ALA A 307 -6.92 -8.41 21.61
N ALA A 308 -6.33 -8.14 22.77
CA ALA A 308 -4.89 -8.35 22.99
C ALA A 308 -4.54 -9.82 23.17
N HIS A 309 -5.46 -10.61 23.68
CA HIS A 309 -5.22 -12.04 23.85
C HIS A 309 -5.22 -12.81 22.53
N GLY A 310 -4.88 -14.09 22.61
CA GLY A 310 -4.89 -14.99 21.45
C GLY A 310 -6.23 -15.64 21.20
N THR A 311 -6.19 -16.74 20.45
CA THR A 311 -7.39 -17.45 19.99
C THR A 311 -7.98 -18.40 21.03
N VAL A 312 -7.28 -18.59 22.13
CA VAL A 312 -7.75 -19.39 23.25
C VAL A 312 -7.92 -20.85 22.82
N THR A 313 -6.86 -21.39 22.22
CA THR A 313 -6.85 -22.76 21.70
C THR A 313 -7.35 -23.79 22.72
N ARG A 314 -6.92 -23.68 23.97
CA ARG A 314 -7.32 -24.67 24.97
C ARG A 314 -8.85 -24.76 25.10
N HIS A 315 -9.52 -23.60 25.16
CA HIS A 315 -10.97 -23.57 25.23
C HIS A 315 -11.58 -24.08 23.93
N TYR A 316 -10.97 -23.76 22.80
CA TYR A 316 -11.46 -24.24 21.51
C TYR A 316 -11.49 -25.77 21.44
N ARG A 317 -10.44 -26.43 21.94
CA ARG A 317 -10.40 -27.90 21.97
C ARG A 317 -11.54 -28.52 22.79
N MET A 318 -11.91 -27.84 23.88
CA MET A 318 -13.03 -28.27 24.71
C MET A 318 -14.33 -28.11 23.93
N TYR A 319 -14.50 -26.96 23.29
CA TYR A 319 -15.66 -26.70 22.45
C TYR A 319 -15.81 -27.72 21.30
N GLN A 320 -14.69 -28.18 20.75
CA GLN A 320 -14.72 -29.21 19.69
C GLN A 320 -15.17 -30.58 20.18
N LYS A 321 -14.90 -30.88 21.45
CA LYS A 321 -15.34 -32.11 22.12
C LYS A 321 -16.72 -31.95 22.80
N GLY A 322 -17.39 -30.84 22.57
CA GLY A 322 -18.72 -30.60 23.14
C GLY A 322 -18.75 -30.31 24.62
N GLN A 323 -17.63 -29.85 25.17
CA GLN A 323 -17.49 -29.57 26.61
C GLN A 323 -17.70 -28.09 26.87
N GLU A 324 -18.15 -27.81 28.08
CA GLU A 324 -18.51 -26.47 28.49
C GLU A 324 -17.24 -25.61 28.62
N THR A 325 -17.33 -24.39 28.13
CA THR A 325 -16.23 -23.44 28.20
C THR A 325 -16.71 -22.20 28.95
N SER A 326 -15.75 -21.43 29.49
CA SER A 326 -16.04 -20.13 30.07
C SER A 326 -15.01 -19.14 29.55
N THR A 327 -15.22 -18.69 28.33
CA THR A 327 -14.31 -17.80 27.65
C THR A 327 -14.82 -16.37 27.77
N ASN A 328 -13.96 -15.47 28.22
CA ASN A 328 -14.30 -14.07 28.44
C ASN A 328 -14.34 -13.28 27.12
N PRO A 329 -15.50 -12.73 26.75
CA PRO A 329 -15.63 -11.99 25.49
C PRO A 329 -15.35 -10.48 25.56
N ILE A 330 -15.00 -9.95 26.73
CA ILE A 330 -14.95 -8.51 26.95
C ILE A 330 -13.95 -7.80 26.03
N ALA A 331 -12.72 -8.29 25.97
CA ALA A 331 -11.72 -7.72 25.09
C ALA A 331 -12.20 -7.69 23.64
N SER A 332 -12.80 -8.79 23.18
CA SER A 332 -13.37 -8.86 21.84
C SER A 332 -14.55 -7.88 21.66
N ILE A 333 -15.40 -7.78 22.66
CA ILE A 333 -16.49 -6.80 22.62
C ILE A 333 -15.95 -5.37 22.56
N PHE A 334 -14.94 -5.08 23.37
CA PHE A 334 -14.35 -3.74 23.40
C PHE A 334 -13.60 -3.37 22.10
N ALA A 335 -13.16 -4.37 21.34
CA ALA A 335 -12.68 -4.11 19.98
C ALA A 335 -13.79 -3.52 19.11
N TRP A 336 -14.97 -4.13 19.14
CA TRP A 336 -16.12 -3.57 18.42
C TRP A 336 -16.51 -2.18 18.92
N THR A 337 -16.60 -2.00 20.24
CA THR A 337 -17.06 -0.71 20.79
C THR A 337 -16.06 0.40 20.54
N ARG A 338 -14.77 0.11 20.65
CA ARG A 338 -13.75 1.13 20.39
C ARG A 338 -13.63 1.43 18.90
N GLY A 339 -13.85 0.41 18.06
CA GLY A 339 -13.93 0.61 16.62
C GLY A 339 -15.13 1.45 16.24
N LEU A 340 -16.31 1.04 16.70
CA LEU A 340 -17.54 1.79 16.42
C LEU A 340 -17.52 3.21 17.01
N ALA A 341 -16.84 3.40 18.15
CA ALA A 341 -16.69 4.74 18.74
C ALA A 341 -15.88 5.66 17.85
N HIS A 342 -14.79 5.14 17.28
CA HIS A 342 -13.96 5.89 16.37
C HIS A 342 -14.71 6.18 15.07
N ARG A 343 -15.38 5.17 14.54
CA ARG A 343 -16.29 5.33 13.39
C ARG A 343 -17.28 6.47 13.62
N ALA A 344 -17.87 6.53 14.81
CA ALA A 344 -18.85 7.56 15.15
C ALA A 344 -18.24 8.95 15.23
N LYS A 345 -17.03 9.04 15.75
CA LYS A 345 -16.31 10.31 15.84
C LYS A 345 -15.96 10.87 14.45
N LEU A 346 -15.53 10.00 13.53
CA LEU A 346 -15.26 10.39 12.15
C LEU A 346 -16.53 10.83 11.40
N ASP A 347 -17.58 10.01 11.51
CA ASP A 347 -18.86 10.29 10.83
C ASP A 347 -19.77 11.28 11.57
N ASN A 348 -19.37 11.70 12.77
CA ASN A 348 -20.16 12.63 13.58
C ASN A 348 -21.55 12.08 13.87
N ASN A 349 -21.57 10.83 14.32
CA ASN A 349 -22.78 10.05 14.47
C ASN A 349 -23.11 9.91 15.96
N LYS A 350 -23.99 10.80 16.45
CA LYS A 350 -24.42 10.79 17.86
C LYS A 350 -24.98 9.43 18.30
N GLU A 351 -25.86 8.84 17.49
CA GLU A 351 -26.52 7.57 17.85
C GLU A 351 -25.55 6.38 17.99
N LEU A 352 -24.56 6.30 17.12
CA LEU A 352 -23.57 5.21 17.17
C LEU A 352 -22.58 5.41 18.31
N ALA A 353 -22.24 6.65 18.62
CA ALA A 353 -21.34 6.93 19.75
C ALA A 353 -22.02 6.52 21.05
N PHE A 354 -23.32 6.81 21.15
CA PHE A 354 -24.15 6.43 22.30
C PHE A 354 -24.20 4.92 22.49
N PHE A 355 -24.51 4.22 21.40
CA PHE A 355 -24.58 2.76 21.42
C PHE A 355 -23.25 2.13 21.86
N ALA A 356 -22.15 2.60 21.30
CA ALA A 356 -20.83 2.05 21.61
C ALA A 356 -20.52 2.18 23.09
N ASN A 357 -20.79 3.35 23.64
CA ASN A 357 -20.62 3.59 25.08
C ASN A 357 -21.57 2.75 25.92
N ALA A 358 -22.81 2.61 25.46
CA ALA A 358 -23.82 1.79 26.17
C ALA A 358 -23.35 0.35 26.34
N LEU A 359 -22.82 -0.23 25.26
CA LEU A 359 -22.36 -1.61 25.28
C LEU A 359 -21.14 -1.78 26.20
N GLU A 360 -20.30 -0.75 26.30
CA GLU A 360 -19.19 -0.78 27.26
C GLU A 360 -19.72 -0.76 28.69
N GLU A 361 -20.66 0.13 28.97
CA GLU A 361 -21.28 0.24 30.31
C GLU A 361 -21.96 -1.06 30.73
N VAL A 362 -22.72 -1.66 29.82
CA VAL A 362 -23.43 -2.91 30.08
C VAL A 362 -22.43 -4.01 30.44
N SER A 363 -21.36 -4.10 29.67
CA SER A 363 -20.32 -5.09 29.89
C SER A 363 -19.71 -5.00 31.30
N ILE A 364 -19.33 -3.79 31.70
CA ILE A 364 -18.75 -3.57 33.02
C ILE A 364 -19.80 -3.74 34.12
N GLU A 365 -21.01 -3.22 33.89
CA GLU A 365 -22.12 -3.37 34.85
C GLU A 365 -22.46 -4.82 35.13
N THR A 366 -22.51 -5.64 34.08
CA THR A 366 -22.79 -7.05 34.22
C THR A 366 -21.78 -7.74 35.14
N ILE A 367 -20.49 -7.49 34.90
CA ILE A 367 -19.41 -8.05 35.72
C ILE A 367 -19.46 -7.49 37.14
N GLU A 368 -19.66 -6.19 37.27
CA GLU A 368 -19.73 -5.57 38.59
C GLU A 368 -20.96 -6.02 39.38
N ALA A 369 -21.99 -6.49 38.68
CA ALA A 369 -23.16 -7.09 39.31
C ALA A 369 -23.00 -8.57 39.70
N GLY A 370 -21.83 -9.15 39.46
CA GLY A 370 -21.56 -10.53 39.90
C GLY A 370 -21.68 -11.62 38.83
N PHE A 371 -22.04 -11.24 37.60
CA PHE A 371 -22.15 -12.20 36.50
C PHE A 371 -20.87 -12.15 35.66
N MET A 372 -20.13 -13.24 35.62
CA MET A 372 -18.82 -13.23 34.98
C MET A 372 -18.36 -14.61 34.58
N THR A 373 -17.37 -14.65 33.69
CA THR A 373 -16.74 -15.89 33.28
C THR A 373 -15.75 -16.36 34.32
N LYS A 374 -15.30 -17.60 34.18
CA LYS A 374 -14.52 -18.28 35.21
C LYS A 374 -13.19 -17.59 35.55
N ASP A 375 -12.52 -17.08 34.52
CA ASP A 375 -11.28 -16.33 34.69
C ASP A 375 -11.43 -15.19 35.70
N LEU A 376 -12.52 -14.43 35.61
CA LEU A 376 -12.75 -13.31 36.52
C LEU A 376 -13.16 -13.78 37.91
N ALA A 377 -13.94 -14.84 38.00
CA ALA A 377 -14.22 -15.47 39.29
C ALA A 377 -12.94 -15.91 39.99
N ALA A 378 -11.99 -16.43 39.21
CA ALA A 378 -10.67 -16.84 39.75
C ALA A 378 -9.84 -15.67 40.26
N CYS A 379 -9.90 -14.52 39.58
CA CYS A 379 -9.25 -13.32 40.12
C CYS A 379 -9.77 -12.96 41.50
N ILE A 380 -11.07 -13.09 41.71
CA ILE A 380 -11.69 -12.71 42.99
C ILE A 380 -11.39 -13.76 44.07
N LYS A 381 -11.64 -15.03 43.78
CA LYS A 381 -11.62 -16.08 44.79
C LYS A 381 -10.35 -16.92 44.84
N GLY A 382 -9.53 -16.88 43.79
CA GLY A 382 -8.47 -17.86 43.60
C GLY A 382 -9.02 -19.13 42.96
N LEU A 383 -8.37 -19.59 41.91
CA LEU A 383 -8.86 -20.70 41.08
C LEU A 383 -9.25 -21.96 41.88
N PRO A 384 -8.44 -22.35 42.90
CA PRO A 384 -8.84 -23.53 43.69
C PRO A 384 -10.20 -23.41 44.40
N ASN A 385 -10.60 -22.18 44.71
CA ASN A 385 -11.84 -21.90 45.43
C ASN A 385 -13.04 -21.60 44.53
N VAL A 386 -12.88 -21.69 43.22
CA VAL A 386 -13.95 -21.38 42.30
C VAL A 386 -14.84 -22.60 42.15
N GLN A 387 -16.13 -22.42 42.41
CA GLN A 387 -17.14 -23.44 42.17
C GLN A 387 -17.93 -23.07 40.93
N ARG A 388 -18.73 -24.01 40.43
CA ARG A 388 -19.50 -23.78 39.21
C ARG A 388 -20.56 -22.69 39.37
N SER A 389 -21.08 -22.55 40.58
CA SER A 389 -22.05 -21.49 40.89
C SER A 389 -21.46 -20.08 40.80
N ASP A 390 -20.15 -19.93 40.94
CA ASP A 390 -19.48 -18.61 40.88
C ASP A 390 -19.35 -17.97 39.50
N TYR A 391 -19.61 -18.70 38.42
CA TYR A 391 -19.43 -18.16 37.08
C TYR A 391 -20.44 -18.66 36.07
N LEU A 392 -20.44 -18.02 34.90
CA LEU A 392 -21.26 -18.44 33.76
C LEU A 392 -20.38 -19.01 32.66
N ASN A 393 -20.92 -19.95 31.89
CA ASN A 393 -20.24 -20.44 30.69
C ASN A 393 -20.31 -19.41 29.57
N THR A 394 -19.56 -19.68 28.50
CA THR A 394 -19.39 -18.73 27.41
C THR A 394 -20.73 -18.20 26.89
N PHE A 395 -21.68 -19.12 26.70
CA PHE A 395 -22.95 -18.80 26.08
C PHE A 395 -23.89 -18.17 27.07
N GLU A 396 -23.86 -18.64 28.32
CA GLU A 396 -24.64 -18.03 29.42
C GLU A 396 -24.26 -16.57 29.62
N PHE A 397 -22.95 -16.27 29.59
CA PHE A 397 -22.48 -14.91 29.77
C PHE A 397 -22.85 -14.00 28.59
N MET A 398 -22.74 -14.50 27.35
CA MET A 398 -23.15 -13.72 26.17
C MET A 398 -24.63 -13.43 26.20
N ASP A 399 -25.44 -14.42 26.58
CA ASP A 399 -26.90 -14.23 26.76
C ASP A 399 -27.18 -13.13 27.79
N LYS A 400 -26.45 -13.19 28.91
CA LYS A 400 -26.63 -12.20 29.98
C LYS A 400 -26.31 -10.80 29.50
N LEU A 401 -25.21 -10.66 28.76
CA LEU A 401 -24.88 -9.39 28.14
C LEU A 401 -25.94 -8.92 27.15
N GLY A 402 -26.39 -9.82 26.29
CA GLY A 402 -27.40 -9.51 25.28
C GLY A 402 -28.70 -9.04 25.88
N GLU A 403 -29.08 -9.70 26.98
CA GLU A 403 -30.29 -9.38 27.73
C GLU A 403 -30.21 -8.00 28.40
N ASN A 404 -29.07 -7.71 29.03
CA ASN A 404 -28.84 -6.39 29.65
C ASN A 404 -28.70 -5.25 28.64
N LEU A 405 -28.08 -5.52 27.50
CA LEU A 405 -27.96 -4.54 26.44
C LEU A 405 -29.34 -4.11 25.94
N LYS A 406 -30.22 -5.08 25.73
CA LYS A 406 -31.58 -4.80 25.29
C LYS A 406 -32.31 -3.89 26.26
N ILE A 407 -32.20 -4.20 27.55
CA ILE A 407 -32.80 -3.40 28.64
C ILE A 407 -32.25 -1.98 28.61
N LYS A 408 -30.93 -1.83 28.52
CA LYS A 408 -30.29 -0.52 28.55
C LYS A 408 -30.74 0.38 27.40
N LEU A 409 -30.81 -0.17 26.19
CA LEU A 409 -31.23 0.60 25.01
C LEU A 409 -32.72 0.90 25.03
N ALA A 410 -33.51 -0.01 25.61
CA ALA A 410 -34.95 0.21 25.82
C ALA A 410 -35.22 1.34 26.80
N GLN A 411 -34.46 1.38 27.90
CA GLN A 411 -34.53 2.48 28.88
C GLN A 411 -34.11 3.81 28.27
N ALA A 412 -33.07 3.80 27.46
CA ALA A 412 -32.64 5.00 26.71
C ALA A 412 -33.75 5.53 25.81
N LYS A 413 -34.38 4.65 25.02
CA LYS A 413 -35.53 5.05 24.17
C LYS A 413 -36.73 5.57 24.95
N LEU A 414 -36.98 5.03 26.15
CA LEU A 414 -38.13 5.45 26.98
C LEU A 414 -37.93 6.84 27.64
N SER A 415 -36.71 7.39 27.59
CA SER A 415 -36.43 8.81 27.89
C SER A 415 -36.48 9.65 26.56
N LEU A 416 -37.71 9.74 26.03
CA LEU A 416 -38.16 10.61 24.89
C LEU A 416 -37.10 11.15 23.91
N LYS B 3 38.10 -14.71 72.04
CA LYS B 3 38.74 -15.04 70.72
C LYS B 3 37.76 -14.76 69.58
N LYS B 4 38.29 -14.28 68.44
CA LYS B 4 37.50 -14.02 67.24
C LYS B 4 37.44 -15.22 66.32
N ILE B 5 36.48 -15.21 65.39
CA ILE B 5 36.35 -16.25 64.37
C ILE B 5 37.43 -16.08 63.31
N SER B 6 38.10 -17.16 62.97
CA SER B 6 39.08 -17.15 61.89
C SER B 6 38.33 -17.16 60.55
N GLY B 7 38.28 -16.00 59.91
CA GLY B 7 37.49 -15.82 58.69
C GLY B 7 38.13 -16.23 57.36
N GLY B 8 39.46 -16.19 57.27
CA GLY B 8 40.17 -16.52 56.03
C GLY B 8 40.35 -15.37 55.07
N SER B 9 40.58 -15.68 53.80
CA SER B 9 40.95 -14.69 52.78
C SER B 9 39.72 -14.04 52.12
N VAL B 10 39.62 -12.72 52.22
CA VAL B 10 38.54 -11.97 51.58
C VAL B 10 39.10 -10.72 50.92
N VAL B 11 38.73 -10.49 49.65
CA VAL B 11 39.02 -9.25 48.97
C VAL B 11 37.90 -8.26 49.31
N GLU B 12 38.24 -7.09 49.84
CA GLU B 12 37.22 -6.03 50.09
C GLU B 12 37.55 -4.85 49.20
N MET B 13 36.50 -4.22 48.68
CA MET B 13 36.61 -3.06 47.82
C MET B 13 35.79 -1.90 48.39
N GLN B 14 36.49 -0.84 48.77
CA GLN B 14 35.83 0.38 49.24
CA GLN B 14 35.84 0.37 49.25
C GLN B 14 35.27 1.17 48.08
N GLY B 15 34.14 1.84 48.32
CA GLY B 15 33.41 2.60 47.30
C GLY B 15 33.29 4.09 47.60
N ASP B 16 32.12 4.64 47.26
CA ASP B 16 31.91 6.10 47.21
C ASP B 16 30.72 6.62 48.01
N GLU B 17 30.78 7.91 48.30
CA GLU B 17 29.65 8.69 48.85
C GLU B 17 29.02 7.99 50.07
N MET B 18 27.69 7.88 50.13
CA MET B 18 27.06 7.43 51.39
C MET B 18 27.36 5.99 51.72
N THR B 19 27.41 5.15 50.70
CA THR B 19 27.72 3.75 50.90
C THR B 19 29.11 3.53 51.50
N ARG B 20 30.06 4.39 51.19
CA ARG B 20 31.41 4.31 51.80
C ARG B 20 31.38 4.52 53.32
N ILE B 21 30.57 5.48 53.77
CA ILE B 21 30.40 5.75 55.19
C ILE B 21 29.85 4.50 55.85
N ILE B 22 28.78 3.98 55.27
CA ILE B 22 28.07 2.80 55.78
C ILE B 22 28.93 1.54 55.78
N TRP B 23 29.72 1.40 54.73
CA TRP B 23 30.65 0.28 54.63
C TRP B 23 31.63 0.21 55.79
N GLU B 24 32.16 1.36 56.21
CA GLU B 24 33.04 1.41 57.39
C GLU B 24 32.31 1.10 58.70
N LEU B 25 31.08 1.59 58.85
CA LEU B 25 30.30 1.29 60.04
C LEU B 25 30.05 -0.22 60.13
N ILE B 26 29.79 -0.88 58.98
CA ILE B 26 29.54 -2.31 58.97
C ILE B 26 30.77 -3.06 59.42
N LYS B 27 31.92 -2.68 58.88
CA LYS B 27 33.18 -3.30 59.29
C LYS B 27 33.50 -3.09 60.77
N GLU B 28 33.41 -1.84 61.21
CA GLU B 28 33.74 -1.47 62.58
C GLU B 28 32.83 -2.15 63.64
N LYS B 29 31.53 -2.24 63.34
CA LYS B 29 30.51 -2.65 64.33
C LYS B 29 29.98 -4.06 64.19
N LEU B 30 29.82 -4.54 62.96
CA LEU B 30 29.21 -5.85 62.71
C LEU B 30 30.17 -6.97 62.38
N ILE B 31 31.36 -6.66 61.85
CA ILE B 31 32.26 -7.71 61.33
C ILE B 31 33.53 -7.87 62.16
N PHE B 32 34.37 -6.84 62.21
CA PHE B 32 35.68 -6.93 62.87
C PHE B 32 35.69 -7.28 64.37
N PRO B 33 34.64 -6.88 65.14
CA PRO B 33 34.59 -7.31 66.55
C PRO B 33 34.50 -8.82 66.74
N TYR B 34 33.90 -9.52 65.77
CA TYR B 34 33.64 -10.95 65.89
C TYR B 34 34.45 -11.84 64.95
N VAL B 35 35.03 -11.27 63.89
CA VAL B 35 35.72 -12.03 62.84
C VAL B 35 37.09 -11.43 62.54
N GLU B 36 38.12 -12.28 62.51
CA GLU B 36 39.47 -11.91 62.06
C GLU B 36 39.58 -12.32 60.60
N LEU B 37 40.00 -11.39 59.74
CA LEU B 37 40.09 -11.66 58.30
C LEU B 37 41.48 -11.38 57.76
N ASP B 38 41.96 -12.30 56.92
CA ASP B 38 43.06 -12.04 55.99
C ASP B 38 42.45 -11.19 54.87
N LEU B 39 42.55 -9.88 55.05
CA LEU B 39 41.81 -8.94 54.23
C LEU B 39 42.72 -8.37 53.13
N HIS B 40 42.26 -8.44 51.89
CA HIS B 40 42.96 -7.80 50.78
C HIS B 40 42.15 -6.62 50.30
N SER B 41 42.53 -5.43 50.75
CA SER B 41 41.72 -4.23 50.55
C SER B 41 42.16 -3.40 49.36
N TYR B 42 41.18 -3.01 48.54
CA TYR B 42 41.38 -2.16 47.38
C TYR B 42 40.41 -1.01 47.47
N ASP B 43 40.90 0.21 47.31
CA ASP B 43 40.05 1.38 47.34
C ASP B 43 39.54 1.72 45.94
N LEU B 44 38.30 1.36 45.64
CA LEU B 44 37.67 1.70 44.38
C LEU B 44 36.86 2.98 44.46
N GLY B 45 37.08 3.78 45.49
CA GLY B 45 36.59 5.16 45.47
C GLY B 45 37.06 5.91 44.22
N ILE B 46 36.26 6.86 43.76
CA ILE B 46 36.50 7.46 42.46
C ILE B 46 37.79 8.23 42.38
N GLU B 47 38.22 8.85 43.47
CA GLU B 47 39.47 9.58 43.47
C GLU B 47 40.67 8.66 43.31
N ASN B 48 40.69 7.52 43.99
CA ASN B 48 41.77 6.55 43.85
C ASN B 48 41.77 5.86 42.50
N ARG B 49 40.58 5.66 41.93
CA ARG B 49 40.47 5.15 40.57
C ARG B 49 41.07 6.12 39.58
N ASP B 50 40.68 7.39 39.65
CA ASP B 50 41.25 8.41 38.79
C ASP B 50 42.77 8.44 38.94
N ALA B 51 43.26 8.48 40.18
CA ALA B 51 44.69 8.56 40.45
C ALA B 51 45.51 7.35 39.98
N THR B 52 44.90 6.17 39.92
CA THR B 52 45.57 4.96 39.43
C THR B 52 45.27 4.64 37.97
N ASN B 53 44.55 5.51 37.28
CA ASN B 53 44.08 5.27 35.90
C ASN B 53 43.25 4.00 35.76
N ASP B 54 42.42 3.83 36.78
CA ASP B 54 41.53 2.68 36.94
C ASP B 54 42.25 1.33 37.14
N GLN B 55 43.56 1.36 37.44
CA GLN B 55 44.33 0.14 37.63
C GLN B 55 43.89 -0.61 38.88
N VAL B 56 43.54 0.14 39.93
CA VAL B 56 43.06 -0.47 41.19
C VAL B 56 41.86 -1.40 40.98
N THR B 57 40.98 -1.07 40.03
CA THR B 57 39.84 -1.92 39.70
C THR B 57 40.30 -3.26 39.13
N LYS B 58 41.29 -3.18 38.25
CA LYS B 58 41.85 -4.37 37.63
C LYS B 58 42.56 -5.20 38.68
N ASP B 59 43.37 -4.56 39.52
CA ASP B 59 44.09 -5.26 40.59
C ASP B 59 43.11 -5.98 41.51
N ALA B 60 42.00 -5.31 41.83
CA ALA B 60 40.96 -5.89 42.66
C ALA B 60 40.35 -7.13 42.02
N ALA B 61 40.00 -7.03 40.74
CA ALA B 61 39.42 -8.16 40.02
C ALA B 61 40.37 -9.36 40.01
N GLU B 62 41.65 -9.12 39.73
CA GLU B 62 42.65 -10.18 39.75
C GLU B 62 42.79 -10.81 41.13
N ALA B 63 42.68 -10.01 42.19
CA ALA B 63 42.69 -10.53 43.57
C ALA B 63 41.50 -11.45 43.88
N ILE B 64 40.32 -11.11 43.36
CA ILE B 64 39.13 -11.94 43.53
C ILE B 64 39.30 -13.29 42.82
N LYS B 65 39.83 -13.23 41.59
CA LYS B 65 40.12 -14.42 40.79
C LYS B 65 41.05 -15.38 41.54
N LYS B 66 41.95 -14.80 42.31
CA LYS B 66 42.91 -15.53 43.11
C LYS B 66 42.37 -16.06 44.45
N HIS B 67 41.63 -15.24 45.19
CA HIS B 67 41.16 -15.62 46.54
C HIS B 67 39.72 -16.11 46.61
N ASN B 68 38.98 -16.02 45.50
CA ASN B 68 37.61 -16.57 45.38
C ASN B 68 36.45 -15.82 46.03
N VAL B 69 36.72 -14.84 46.90
CA VAL B 69 35.66 -14.12 47.59
C VAL B 69 35.93 -12.62 47.57
N GLY B 70 35.00 -11.88 46.99
CA GLY B 70 35.03 -10.42 46.96
C GLY B 70 33.78 -9.86 47.63
N VAL B 71 33.96 -8.81 48.42
CA VAL B 71 32.84 -8.01 48.92
C VAL B 71 33.11 -6.55 48.58
N LYS B 72 32.17 -5.92 47.89
CA LYS B 72 32.39 -4.59 47.32
C LYS B 72 31.28 -3.61 47.72
N CYS B 73 31.73 -2.40 48.05
CA CYS B 73 30.86 -1.27 48.30
C CYS B 73 30.43 -0.61 46.97
N ALA B 74 29.28 0.08 46.96
CA ALA B 74 28.83 0.76 45.75
C ALA B 74 29.77 1.86 45.33
N THR B 75 29.93 2.04 44.01
CA THR B 75 30.89 2.97 43.43
C THR B 75 30.20 3.91 42.48
N ILE B 76 30.79 5.08 42.24
CA ILE B 76 30.30 6.01 41.22
C ILE B 76 30.67 5.48 39.83
N THR B 77 29.68 5.46 38.92
CA THR B 77 29.94 5.25 37.49
C THR B 77 29.98 6.62 36.84
N PRO B 78 31.15 7.04 36.34
CA PRO B 78 31.22 8.40 35.82
C PRO B 78 30.39 8.65 34.55
N ASP B 79 29.73 9.80 34.52
CA ASP B 79 29.15 10.40 33.32
C ASP B 79 29.77 11.79 33.15
N GLU B 80 29.26 12.60 32.22
CA GLU B 80 29.83 13.93 31.99
C GLU B 80 29.83 14.79 33.24
N LYS B 81 28.72 14.82 33.96
CA LYS B 81 28.63 15.61 35.19
C LYS B 81 29.67 15.22 36.23
N ARG B 82 29.92 13.91 36.36
CA ARG B 82 30.97 13.40 37.28
C ARG B 82 32.37 13.77 36.85
N VAL B 83 32.61 13.78 35.54
CA VAL B 83 33.87 14.27 35.00
C VAL B 83 34.07 15.73 35.41
N GLU B 84 33.05 16.58 35.29
CA GLU B 84 33.21 18.01 35.67
C GLU B 84 33.35 18.15 37.21
N GLU B 85 32.61 17.35 37.97
CA GLU B 85 32.62 17.41 39.43
C GLU B 85 33.99 17.09 40.04
N PHE B 86 34.61 16.00 39.59
CA PHE B 86 35.92 15.56 40.12
C PHE B 86 37.09 15.94 39.22
N LYS B 87 36.82 16.67 38.12
CA LYS B 87 37.82 16.97 37.08
C LYS B 87 38.61 15.71 36.72
N LEU B 88 37.86 14.66 36.36
CA LEU B 88 38.43 13.35 36.03
C LEU B 88 39.25 13.42 34.76
N LYS B 89 40.20 12.49 34.64
CA LYS B 89 41.10 12.43 33.50
C LYS B 89 40.41 11.80 32.29
N GLN B 90 39.65 10.75 32.53
CA GLN B 90 38.74 10.16 31.53
C GLN B 90 37.42 9.77 32.17
N MET B 91 36.42 9.55 31.32
CA MET B 91 35.15 8.97 31.75
C MET B 91 35.34 7.49 31.92
N TRP B 92 35.83 7.12 33.10
CA TRP B 92 36.23 5.75 33.40
C TRP B 92 35.04 4.81 33.29
N LYS B 93 35.32 3.56 32.95
CA LYS B 93 34.30 2.55 32.75
C LYS B 93 33.79 2.13 34.14
N SER B 94 32.54 1.68 34.20
CA SER B 94 31.99 1.13 35.45
C SER B 94 32.92 0.07 36.04
N PRO B 95 33.36 0.22 37.32
CA PRO B 95 34.16 -0.86 37.89
C PRO B 95 33.47 -2.22 37.99
N ASN B 96 32.14 -2.21 38.14
CA ASN B 96 31.34 -3.44 38.09
C ASN B 96 31.51 -4.16 36.78
N GLY B 97 31.44 -3.41 35.67
CA GLY B 97 31.66 -3.94 34.33
C GLY B 97 33.04 -4.53 34.17
N THR B 98 34.06 -3.78 34.58
CA THR B 98 35.44 -4.20 34.50
C THR B 98 35.70 -5.47 35.32
N ILE B 99 35.12 -5.58 36.51
CA ILE B 99 35.31 -6.75 37.35
C ILE B 99 34.58 -7.96 36.77
N ARG B 100 33.31 -7.78 36.43
CA ARG B 100 32.47 -8.81 35.81
C ARG B 100 33.08 -9.35 34.53
N ASN B 101 33.65 -8.45 33.73
CA ASN B 101 34.34 -8.80 32.48
C ASN B 101 35.59 -9.67 32.74
N ILE B 102 36.47 -9.22 33.63
CA ILE B 102 37.69 -9.97 34.00
C ILE B 102 37.34 -11.34 34.62
N LEU B 103 36.30 -11.40 35.44
CA LEU B 103 35.94 -12.65 36.15
C LEU B 103 35.05 -13.56 35.31
N GLY B 104 34.34 -12.97 34.35
CA GLY B 104 33.48 -13.74 33.44
C GLY B 104 32.15 -14.21 34.01
N GLY B 105 31.72 -13.62 35.11
CA GLY B 105 30.54 -14.10 35.80
C GLY B 105 29.22 -13.52 35.33
N THR B 106 28.16 -13.95 36.02
CA THR B 106 26.82 -13.45 35.86
C THR B 106 26.36 -12.88 37.18
N VAL B 107 25.76 -11.69 37.14
CA VAL B 107 25.27 -11.00 38.34
C VAL B 107 23.83 -11.40 38.59
N PHE B 108 23.55 -11.81 39.82
CA PHE B 108 22.21 -12.19 40.28
C PHE B 108 21.73 -11.28 41.39
N ARG B 109 20.60 -10.62 41.18
CA ARG B 109 19.96 -9.75 42.17
C ARG B 109 18.94 -10.49 43.01
N GLU B 110 19.01 -10.32 44.33
CA GLU B 110 18.13 -11.01 45.26
C GLU B 110 17.67 -10.02 46.31
N ALA B 111 16.36 -9.90 46.48
CA ALA B 111 15.79 -9.12 47.60
C ALA B 111 15.97 -9.78 48.97
N ILE B 112 15.97 -8.93 50.01
CA ILE B 112 15.81 -9.38 51.39
C ILE B 112 14.37 -9.10 51.80
N ILE B 113 13.63 -10.16 52.14
CA ILE B 113 12.22 -10.06 52.53
C ILE B 113 12.09 -9.96 54.05
N CYS B 114 11.36 -8.94 54.51
CA CYS B 114 10.92 -8.87 55.89
C CYS B 114 9.39 -8.95 55.90
N LYS B 115 8.85 -9.70 56.87
CA LYS B 115 7.40 -9.97 56.94
C LYS B 115 6.49 -8.73 57.02
N ASN B 116 6.98 -7.67 57.67
CA ASN B 116 6.23 -6.42 57.82
C ASN B 116 6.40 -5.40 56.70
N ILE B 117 7.20 -5.72 55.68
CA ILE B 117 7.40 -4.83 54.54
C ILE B 117 6.58 -5.35 53.35
N PRO B 118 5.64 -4.52 52.84
CA PRO B 118 4.89 -4.88 51.63
C PRO B 118 5.75 -5.18 50.40
N ARG B 119 5.34 -6.15 49.59
CA ARG B 119 5.89 -6.39 48.26
C ARG B 119 4.80 -6.08 47.25
N LEU B 120 5.19 -6.12 45.99
CA LEU B 120 4.30 -5.94 44.86
C LEU B 120 3.16 -6.97 44.92
N VAL B 121 3.56 -8.23 45.08
CA VAL B 121 2.66 -9.37 45.18
C VAL B 121 2.77 -9.87 46.62
N SER B 122 1.67 -9.86 47.36
CA SER B 122 1.70 -10.19 48.79
C SER B 122 2.01 -11.67 49.09
N GLY B 123 1.67 -12.56 48.15
CA GLY B 123 2.04 -13.97 48.22
C GLY B 123 3.54 -14.30 48.25
N TRP B 124 4.40 -13.41 47.77
CA TRP B 124 5.84 -13.67 47.76
C TRP B 124 6.35 -13.78 49.17
N VAL B 125 6.83 -14.96 49.55
CA VAL B 125 7.49 -15.17 50.85
C VAL B 125 9.00 -15.42 50.67
N LYS B 126 9.41 -15.96 49.52
CA LYS B 126 10.81 -16.05 49.14
C LYS B 126 11.08 -15.14 47.94
N PRO B 127 12.35 -14.75 47.75
CA PRO B 127 12.66 -13.88 46.61
C PRO B 127 12.73 -14.64 45.29
N ILE B 128 12.56 -13.90 44.20
CA ILE B 128 12.80 -14.39 42.87
C ILE B 128 14.13 -13.78 42.46
N ILE B 129 15.14 -14.63 42.28
CA ILE B 129 16.48 -14.17 41.98
C ILE B 129 16.57 -13.97 40.48
N ILE B 130 17.01 -12.79 40.04
CA ILE B 130 17.07 -12.46 38.61
C ILE B 130 18.50 -12.27 38.14
N GLY B 131 18.89 -13.11 37.17
CA GLY B 131 20.22 -13.07 36.57
C GLY B 131 20.20 -12.40 35.21
N HIS B 132 21.24 -11.65 34.89
CA HIS B 132 21.32 -10.92 33.64
C HIS B 132 22.52 -11.33 32.80
N HIS B 133 22.31 -11.40 31.48
CA HIS B 133 23.42 -11.59 30.56
C HIS B 133 23.93 -10.24 30.11
N ALA B 134 25.07 -9.83 30.66
CA ALA B 134 25.63 -8.51 30.41
C ALA B 134 26.78 -8.55 29.41
N TYR B 135 27.10 -7.37 28.88
CA TYR B 135 28.22 -7.21 27.96
C TYR B 135 29.57 -7.58 28.59
N GLY B 136 30.50 -7.95 27.72
CA GLY B 136 31.85 -8.36 28.13
C GLY B 136 32.80 -8.39 26.95
N ASP B 137 33.89 -9.14 27.11
CA ASP B 137 34.88 -9.31 26.05
C ASP B 137 34.31 -10.02 24.82
N GLN B 138 33.31 -10.89 25.02
CA GLN B 138 32.76 -11.71 23.95
C GLN B 138 31.27 -11.43 23.65
N TYR B 139 30.76 -10.28 24.11
CA TYR B 139 29.38 -9.86 23.90
C TYR B 139 29.31 -8.33 23.99
N ARG B 140 29.18 -7.65 22.85
CA ARG B 140 29.30 -6.18 22.79
C ARG B 140 28.53 -5.62 21.60
N ALA B 141 28.17 -4.33 21.65
CA ALA B 141 27.40 -3.65 20.59
C ALA B 141 27.87 -2.22 20.33
N THR B 142 27.94 -1.84 19.05
CA THR B 142 28.12 -0.45 18.62
C THR B 142 26.84 -0.01 17.92
N ASP B 143 26.53 1.28 18.03
CA ASP B 143 25.46 1.94 17.25
C ASP B 143 25.99 3.24 16.67
N PHE B 144 25.33 3.74 15.63
CA PHE B 144 25.75 4.99 15.01
C PHE B 144 24.64 5.66 14.21
N VAL B 145 24.76 6.97 14.05
CA VAL B 145 23.81 7.76 13.26
C VAL B 145 24.09 7.57 11.78
N VAL B 146 23.11 7.03 11.06
CA VAL B 146 23.13 7.01 9.60
C VAL B 146 22.71 8.43 9.16
N PRO B 147 23.66 9.23 8.64
CA PRO B 147 23.40 10.65 8.38
C PRO B 147 22.51 10.93 7.16
N GLY B 148 22.41 9.98 6.23
CA GLY B 148 21.57 10.18 5.05
C GLY B 148 21.49 8.95 4.18
N PRO B 149 20.89 9.08 2.97
CA PRO B 149 20.76 7.98 2.02
C PRO B 149 22.01 7.12 1.89
N GLY B 150 21.83 5.80 1.78
CA GLY B 150 22.95 4.90 1.58
C GLY B 150 22.58 3.43 1.63
N LYS B 151 23.40 2.64 2.33
CA LYS B 151 23.30 1.19 2.31
C LYS B 151 24.08 0.62 3.50
N VAL B 152 23.36 0.21 4.55
CA VAL B 152 23.98 -0.47 5.69
C VAL B 152 24.08 -1.96 5.38
N GLU B 153 25.23 -2.54 5.73
CA GLU B 153 25.50 -3.96 5.54
C GLU B 153 26.27 -4.46 6.75
N ILE B 154 26.16 -5.77 7.01
CA ILE B 154 26.98 -6.44 8.02
C ILE B 154 27.59 -7.68 7.34
N THR B 155 28.91 -7.79 7.38
CA THR B 155 29.65 -8.80 6.63
C THR B 155 30.45 -9.71 7.58
N TYR B 156 30.78 -10.91 7.11
CA TYR B 156 31.58 -11.90 7.86
C TYR B 156 32.66 -12.56 6.99
N THR B 157 33.87 -12.70 7.56
CA THR B 157 35.01 -13.30 6.83
C THR B 157 34.80 -14.81 6.64
N VAL B 165 30.59 -13.69 3.43
CA VAL B 165 29.14 -13.70 3.49
C VAL B 165 28.68 -12.31 3.94
N THR B 166 27.65 -11.78 3.27
CA THR B 166 27.14 -10.41 3.46
C THR B 166 25.70 -10.50 3.88
N TYR B 167 25.31 -9.67 4.85
CA TYR B 167 23.91 -9.57 5.28
C TYR B 167 23.47 -8.11 5.27
N LEU B 168 22.45 -7.82 4.47
CA LEU B 168 21.89 -6.49 4.38
C LEU B 168 21.08 -6.20 5.64
N VAL B 169 21.39 -5.08 6.28
CA VAL B 169 20.60 -4.59 7.39
C VAL B 169 19.45 -3.76 6.80
N HIS B 170 19.76 -2.89 5.83
CA HIS B 170 18.75 -2.12 5.06
C HIS B 170 19.37 -1.42 3.83
N ASN B 171 18.52 -1.01 2.89
CA ASN B 171 18.85 0.00 1.89
C ASN B 171 18.12 1.30 2.25
N PHE B 172 18.84 2.26 2.82
CA PHE B 172 18.32 3.62 3.11
C PHE B 172 18.23 4.43 1.82
N GLU B 173 17.04 4.47 1.20
CA GLU B 173 16.81 5.27 -0.01
C GLU B 173 16.20 6.67 0.29
N GLU B 174 15.59 6.85 1.46
CA GLU B 174 14.95 8.13 1.85
C GLU B 174 15.89 8.95 2.77
N GLY B 175 15.43 9.44 3.91
CA GLY B 175 16.22 10.35 4.76
C GLY B 175 17.27 9.63 5.58
N GLY B 176 17.44 10.05 6.85
CA GLY B 176 18.43 9.47 7.75
C GLY B 176 17.90 8.35 8.63
N GLY B 177 18.56 8.13 9.77
CA GLY B 177 18.16 7.11 10.72
C GLY B 177 19.23 6.79 11.75
N VAL B 178 19.11 5.61 12.37
CA VAL B 178 20.16 5.03 13.22
C VAL B 178 20.31 3.54 12.92
N ALA B 179 21.47 2.99 13.23
CA ALA B 179 21.72 1.58 13.05
C ALA B 179 22.47 1.05 14.26
N MET B 180 22.58 -0.27 14.32
CA MET B 180 23.39 -0.92 15.35
C MET B 180 23.79 -2.33 14.93
N GLY B 181 24.71 -2.87 15.70
CA GLY B 181 25.21 -4.22 15.49
C GLY B 181 25.57 -4.79 16.85
N MET B 182 25.59 -6.10 16.94
CA MET B 182 25.82 -6.80 18.19
C MET B 182 26.33 -8.19 17.85
N TYR B 183 27.15 -8.75 18.72
CA TYR B 183 27.66 -10.10 18.54
C TYR B 183 27.63 -10.82 19.86
N ASN B 184 27.84 -12.12 19.81
CA ASN B 184 27.85 -12.95 21.00
C ASN B 184 28.55 -14.27 20.71
N GLN B 185 29.65 -14.54 21.42
CA GLN B 185 30.37 -15.79 21.24
C GLN B 185 29.72 -16.89 22.07
N ASP B 186 29.85 -18.13 21.61
CA ASP B 186 29.33 -19.29 22.33
C ASP B 186 29.83 -19.33 23.77
N LYS B 187 31.13 -19.10 23.96
CA LYS B 187 31.76 -19.07 25.29
C LYS B 187 31.03 -18.14 26.28
N SER B 188 30.72 -16.93 25.84
CA SER B 188 29.93 -15.96 26.63
C SER B 188 28.58 -16.55 27.10
N ILE B 189 27.93 -17.30 26.20
CA ILE B 189 26.65 -17.97 26.48
C ILE B 189 26.84 -19.18 27.41
N GLU B 190 27.91 -19.93 27.20
CA GLU B 190 28.24 -21.08 28.03
C GLU B 190 28.54 -20.67 29.47
N ASP B 191 29.28 -19.57 29.62
CA ASP B 191 29.55 -18.94 30.91
C ASP B 191 28.24 -18.61 31.65
N PHE B 192 27.37 -17.88 30.95
CA PHE B 192 26.06 -17.47 31.46
C PHE B 192 25.20 -18.66 31.90
N ALA B 193 25.24 -19.73 31.12
CA ALA B 193 24.57 -20.99 31.47
C ALA B 193 25.18 -21.60 32.73
N HIS B 194 26.49 -21.87 32.69
CA HIS B 194 27.23 -22.44 33.82
C HIS B 194 26.97 -21.68 35.11
N SER B 195 27.13 -20.36 35.06
CA SER B 195 26.90 -19.51 36.22
C SER B 195 25.48 -19.66 36.77
N SER B 196 24.49 -19.69 35.88
CA SER B 196 23.09 -19.85 36.27
C SER B 196 22.78 -21.21 36.92
N PHE B 197 23.39 -22.29 36.42
CA PHE B 197 23.18 -23.62 37.01
C PHE B 197 23.87 -23.72 38.37
N GLN B 198 25.11 -23.21 38.44
CA GLN B 198 25.86 -23.15 39.69
C GLN B 198 25.11 -22.41 40.78
N MET B 199 24.50 -21.28 40.40
CA MET B 199 23.66 -20.47 41.29
C MET B 199 22.44 -21.22 41.80
N ALA B 200 21.79 -21.96 40.90
CA ALA B 200 20.66 -22.81 41.27
C ALA B 200 21.07 -23.91 42.26
N LEU B 201 22.16 -24.63 41.97
CA LEU B 201 22.66 -25.66 42.89
C LEU B 201 22.94 -25.06 44.28
N SER B 202 23.57 -23.89 44.30
CA SER B 202 23.88 -23.17 45.55
C SER B 202 22.64 -22.90 46.42
N LYS B 203 21.61 -22.29 45.84
CA LYS B 203 20.37 -21.99 46.57
C LYS B 203 19.42 -23.17 46.75
N GLY B 204 19.58 -24.23 45.96
CA GLY B 204 18.66 -25.35 45.97
C GLY B 204 17.30 -25.06 45.35
N TRP B 205 17.24 -24.07 44.45
CA TRP B 205 15.99 -23.67 43.78
C TRP B 205 16.05 -23.93 42.31
N PRO B 206 14.87 -24.13 41.68
CA PRO B 206 14.85 -24.34 40.23
C PRO B 206 15.24 -23.10 39.44
N LEU B 207 15.61 -23.32 38.18
CA LEU B 207 16.10 -22.27 37.29
C LEU B 207 15.23 -22.19 36.04
N TYR B 208 14.95 -20.96 35.60
CA TYR B 208 14.21 -20.72 34.37
C TYR B 208 14.97 -19.74 33.51
N LEU B 209 15.24 -20.12 32.26
CA LEU B 209 15.79 -19.23 31.26
C LEU B 209 14.59 -18.67 30.51
N SER B 210 14.44 -17.35 30.49
CA SER B 210 13.37 -16.72 29.74
C SER B 210 13.90 -16.08 28.48
N THR B 211 13.17 -16.26 27.39
CA THR B 211 13.38 -15.51 26.16
C THR B 211 12.02 -15.08 25.66
N LYS B 212 12.03 -14.32 24.59
CA LYS B 212 10.85 -13.96 23.88
C LYS B 212 11.18 -14.53 22.54
N ASN B 213 10.59 -15.65 22.16
CA ASN B 213 11.04 -16.45 20.95
C ASN B 213 10.82 -15.67 19.66
N THR B 214 10.47 -14.39 19.79
CA THR B 214 9.70 -13.66 18.80
C THR B 214 10.57 -13.34 17.59
N ILE B 215 11.50 -12.45 17.84
CA ILE B 215 12.01 -11.57 16.81
C ILE B 215 13.28 -12.09 16.09
N LEU B 216 14.28 -12.44 16.87
CA LEU B 216 15.62 -12.81 16.39
C LEU B 216 15.79 -14.30 16.68
N LYS B 217 15.18 -15.12 15.84
CA LYS B 217 15.02 -16.54 16.11
C LYS B 217 16.35 -17.31 16.26
N LYS B 218 17.24 -17.17 15.29
CA LYS B 218 18.55 -17.87 15.31
C LYS B 218 19.45 -17.47 16.51
N TYR B 219 19.30 -16.24 16.99
CA TYR B 219 20.04 -15.73 18.16
C TYR B 219 19.53 -16.38 19.45
N ASP B 220 18.23 -16.34 19.69
CA ASP B 220 17.61 -16.92 20.89
C ASP B 220 17.68 -18.45 20.93
N GLY B 221 17.58 -19.08 19.76
CA GLY B 221 17.77 -20.52 19.62
C GLY B 221 19.12 -21.03 20.09
N ARG B 222 20.16 -20.23 19.86
CA ARG B 222 21.52 -20.59 20.31
C ARG B 222 21.61 -20.63 21.84
N PHE B 223 20.92 -19.70 22.51
CA PHE B 223 20.82 -19.70 23.97
C PHE B 223 20.10 -20.93 24.49
N LYS B 224 18.88 -21.15 23.99
CA LYS B 224 18.07 -22.31 24.38
C LYS B 224 18.87 -23.60 24.28
N ASP B 225 19.47 -23.82 23.11
CA ASP B 225 20.26 -25.02 22.81
C ASP B 225 21.46 -25.17 23.75
N ILE B 226 22.24 -24.10 23.90
CA ILE B 226 23.44 -24.14 24.74
C ILE B 226 23.09 -24.43 26.21
N PHE B 227 22.06 -23.80 26.72
CA PHE B 227 21.55 -24.10 28.07
C PHE B 227 21.15 -25.58 28.21
N GLN B 228 20.40 -26.08 27.23
CA GLN B 228 19.91 -27.46 27.27
C GLN B 228 21.05 -28.47 27.21
N GLU B 229 21.95 -28.29 26.23
CA GLU B 229 23.16 -29.12 26.10
C GLU B 229 23.96 -29.21 27.40
N ILE B 230 24.28 -28.05 27.98
CA ILE B 230 25.07 -27.97 29.23
C ILE B 230 24.31 -28.61 30.41
N TYR B 231 23.00 -28.39 30.47
CA TYR B 231 22.15 -28.98 31.51
C TYR B 231 22.11 -30.51 31.43
N ASP B 232 21.81 -31.01 30.23
CA ASP B 232 21.73 -32.46 30.00
C ASP B 232 23.04 -33.18 30.31
N LYS B 233 24.19 -32.53 30.04
CA LYS B 233 25.52 -33.17 30.15
C LYS B 233 26.27 -32.99 31.47
N GLN B 234 25.99 -31.93 32.21
CA GLN B 234 26.76 -31.64 33.44
C GLN B 234 25.98 -31.38 34.73
N TYR B 235 24.67 -31.14 34.66
CA TYR B 235 23.89 -30.71 35.85
C TYR B 235 22.64 -31.51 36.21
N LYS B 236 21.93 -32.05 35.20
CA LYS B 236 20.65 -32.74 35.45
C LYS B 236 20.71 -33.79 36.57
N SER B 237 21.81 -34.54 36.63
CA SER B 237 22.06 -35.52 37.70
C SER B 237 22.09 -34.86 39.08
N GLN B 238 22.77 -33.72 39.17
CA GLN B 238 22.83 -32.96 40.42
C GLN B 238 21.52 -32.22 40.74
N PHE B 239 20.79 -31.82 39.70
CA PHE B 239 19.51 -31.11 39.87
C PHE B 239 18.44 -32.03 40.45
N GLU B 240 18.25 -33.20 39.83
CA GLU B 240 17.31 -34.21 40.33
C GLU B 240 17.65 -34.64 41.77
N ALA B 241 18.95 -34.71 42.07
CA ALA B 241 19.45 -35.01 43.42
C ALA B 241 18.92 -34.08 44.49
N GLN B 242 18.72 -32.80 44.15
CA GLN B 242 18.17 -31.80 45.07
C GLN B 242 16.67 -31.49 44.83
N LYS B 243 15.96 -32.35 44.10
CA LYS B 243 14.53 -32.17 43.80
C LYS B 243 14.22 -30.85 43.04
N ILE B 244 15.15 -30.40 42.19
CA ILE B 244 14.99 -29.18 41.40
C ILE B 244 15.15 -29.48 39.90
N TRP B 245 14.86 -28.48 39.07
CA TRP B 245 14.84 -28.65 37.60
C TRP B 245 15.29 -27.37 36.88
N TYR B 246 15.60 -27.53 35.60
CA TYR B 246 15.79 -26.41 34.66
C TYR B 246 14.70 -26.47 33.60
N GLU B 247 14.19 -25.30 33.21
CA GLU B 247 13.17 -25.20 32.18
C GLU B 247 13.34 -23.89 31.41
N HIS B 248 13.34 -23.97 30.08
CA HIS B 248 13.19 -22.76 29.26
C HIS B 248 11.73 -22.36 29.34
N ARG B 249 11.46 -21.06 29.23
CA ARG B 249 10.12 -20.52 29.36
C ARG B 249 10.00 -19.24 28.53
N LEU B 250 8.80 -18.94 28.03
CA LEU B 250 8.57 -17.67 27.35
C LEU B 250 8.39 -16.59 28.39
N ILE B 251 8.64 -15.35 27.99
CA ILE B 251 8.71 -14.21 28.91
C ILE B 251 7.34 -13.91 29.57
N ASP B 252 6.27 -14.00 28.80
CA ASP B 252 4.90 -13.76 29.30
C ASP B 252 4.44 -14.83 30.29
N ASP B 253 4.80 -16.10 30.02
CA ASP B 253 4.54 -17.20 30.95
C ASP B 253 5.37 -17.06 32.23
N MET B 254 6.53 -16.42 32.08
CA MET B 254 7.39 -16.14 33.21
C MET B 254 6.83 -15.10 34.18
N VAL B 255 6.25 -14.02 33.66
CA VAL B 255 5.65 -13.00 34.55
C VAL B 255 4.38 -13.57 35.18
N ALA B 256 3.60 -14.31 34.39
CA ALA B 256 2.42 -15.03 34.86
C ALA B 256 2.73 -15.91 36.08
N GLN B 257 3.80 -16.71 35.95
CA GLN B 257 4.23 -17.59 37.02
C GLN B 257 4.65 -16.81 38.25
N ALA B 258 5.45 -15.76 38.04
CA ALA B 258 5.91 -14.89 39.14
C ALA B 258 4.74 -14.30 39.92
N MET B 259 3.81 -13.69 39.19
CA MET B 259 2.54 -13.18 39.74
C MET B 259 1.81 -14.12 40.70
N LYS B 260 1.86 -15.41 40.42
CA LYS B 260 1.04 -16.40 41.10
C LYS B 260 1.85 -17.42 41.92
N SER B 261 3.11 -17.10 42.25
CA SER B 261 3.95 -18.01 43.03
C SER B 261 4.36 -17.41 44.38
N GLU B 262 4.93 -18.27 45.22
CA GLU B 262 5.48 -17.88 46.51
C GLU B 262 6.90 -17.35 46.37
N GLY B 263 7.50 -17.51 45.19
CA GLY B 263 8.89 -17.15 44.94
C GLY B 263 9.77 -18.37 45.10
N GLY B 264 11.05 -18.14 45.30
CA GLY B 264 12.02 -19.21 45.49
C GLY B 264 12.42 -19.93 44.21
N PHE B 265 12.59 -19.15 43.13
CA PHE B 265 13.23 -19.66 41.91
C PHE B 265 14.20 -18.64 41.36
N ILE B 266 15.06 -19.09 40.47
CA ILE B 266 16.02 -18.25 39.78
C ILE B 266 15.55 -18.06 38.35
N TRP B 267 15.57 -16.81 37.91
CA TRP B 267 15.05 -16.40 36.62
C TRP B 267 16.19 -15.78 35.85
N ALA B 268 16.77 -16.55 34.93
CA ALA B 268 17.82 -16.06 34.05
C ALA B 268 17.16 -15.33 32.89
N CYS B 269 17.31 -14.00 32.87
CA CYS B 269 16.67 -13.18 31.85
C CYS B 269 17.61 -13.02 30.67
N LYS B 270 17.06 -13.13 29.47
CA LYS B 270 17.82 -12.88 28.28
C LYS B 270 17.04 -11.92 27.36
N ASN B 271 17.51 -10.68 27.35
CA ASN B 271 16.99 -9.60 26.51
C ASN B 271 18.17 -9.02 25.74
N TYR B 272 17.99 -7.89 25.04
CA TYR B 272 19.09 -7.27 24.29
C TYR B 272 19.68 -6.04 25.00
N ASP B 273 20.01 -6.21 26.26
CA ASP B 273 20.62 -5.08 26.97
C ASP B 273 21.82 -5.65 27.60
N GLY B 274 22.78 -4.84 28.05
CA GLY B 274 23.82 -5.34 28.90
C GLY B 274 23.20 -5.45 30.27
N ASP B 275 24.04 -5.35 31.30
CA ASP B 275 23.57 -5.00 32.65
C ASP B 275 23.04 -3.55 32.61
N VAL B 276 21.78 -3.37 33.00
CA VAL B 276 21.22 -2.05 33.25
C VAL B 276 21.38 -1.79 34.76
N GLN B 277 21.29 -0.54 35.17
CA GLN B 277 21.13 -0.20 36.59
C GLN B 277 19.67 -0.42 37.08
N SER B 278 19.15 -1.64 36.87
CA SER B 278 17.74 -2.00 37.06
C SER B 278 17.30 -1.92 38.56
N ASP B 279 17.12 -0.67 39.00
CA ASP B 279 16.40 -0.29 40.22
C ASP B 279 14.89 -0.59 40.10
N SER B 280 14.42 -1.10 38.96
CA SER B 280 13.03 -1.48 38.75
C SER B 280 12.69 -2.81 39.44
N VAL B 281 13.59 -3.80 39.42
CA VAL B 281 13.32 -5.09 40.16
C VAL B 281 13.14 -4.85 41.67
N ALA B 282 13.94 -3.94 42.23
CA ALA B 282 13.93 -3.61 43.67
C ALA B 282 12.73 -2.81 44.19
N GLN B 283 11.81 -2.42 43.30
CA GLN B 283 10.55 -1.78 43.72
C GLN B 283 9.44 -2.80 43.60
N GLY B 284 9.81 -4.05 43.33
CA GLY B 284 8.95 -5.19 43.61
C GLY B 284 8.89 -5.51 45.10
N TYR B 285 10.04 -5.34 45.74
CA TYR B 285 10.23 -5.71 47.13
C TYR B 285 10.45 -4.49 48.06
N GLY B 286 9.73 -3.41 47.80
CA GLY B 286 9.69 -2.27 48.71
C GLY B 286 10.71 -1.19 48.49
N SER B 287 11.96 -1.48 48.78
CA SER B 287 13.01 -0.45 48.76
C SER B 287 14.35 -0.93 48.19
N LEU B 288 15.04 0.00 47.53
CA LEU B 288 16.35 -0.28 46.95
C LEU B 288 17.38 -0.73 47.95
N GLY B 289 17.25 -0.31 49.20
CA GLY B 289 18.12 -0.78 50.28
C GLY B 289 18.00 -2.24 50.67
N MET B 290 17.07 -2.97 50.05
CA MET B 290 16.87 -4.39 50.35
C MET B 290 17.24 -5.33 49.19
N MET B 291 18.12 -4.90 48.30
CA MET B 291 18.45 -5.67 47.09
C MET B 291 19.96 -5.85 46.98
N THR B 292 20.44 -7.08 47.09
CA THR B 292 21.86 -7.42 46.86
C THR B 292 22.12 -7.97 45.48
N SER B 293 23.38 -7.84 45.02
CA SER B 293 23.91 -8.47 43.80
C SER B 293 24.92 -9.53 44.23
N VAL B 294 24.95 -10.65 43.53
CA VAL B 294 26.04 -11.62 43.66
C VAL B 294 26.51 -11.96 42.27
N LEU B 295 27.79 -11.70 42.01
CA LEU B 295 28.44 -12.09 40.77
C LEU B 295 28.93 -13.53 40.95
N VAL B 296 28.43 -14.44 40.13
CA VAL B 296 28.80 -15.86 40.22
C VAL B 296 29.52 -16.27 38.94
N CYS B 297 30.73 -16.83 39.09
CA CYS B 297 31.55 -17.25 37.95
C CYS B 297 31.15 -18.63 37.49
N PRO B 298 31.55 -19.04 36.26
CA PRO B 298 31.16 -20.35 35.75
C PRO B 298 31.69 -21.52 36.57
N ASP B 299 32.92 -21.40 37.06
CA ASP B 299 33.53 -22.42 37.95
C ASP B 299 32.73 -22.80 39.22
N GLY B 300 31.79 -21.95 39.65
CA GLY B 300 31.06 -22.16 40.91
C GLY B 300 31.78 -21.68 42.15
N LYS B 301 33.09 -21.46 42.02
CA LYS B 301 34.00 -21.31 43.14
C LYS B 301 34.18 -19.84 43.55
N THR B 302 34.13 -18.94 42.59
CA THR B 302 34.44 -17.52 42.83
C THR B 302 33.17 -16.67 42.83
N VAL B 303 32.99 -15.84 43.87
CA VAL B 303 31.87 -14.89 43.91
C VAL B 303 32.30 -13.50 44.37
N GLU B 304 31.56 -12.49 43.91
CA GLU B 304 31.69 -11.11 44.38
C GLU B 304 30.31 -10.59 44.80
N ALA B 305 30.18 -10.22 46.07
CA ALA B 305 28.92 -9.75 46.62
C ALA B 305 28.92 -8.24 46.74
N GLU B 306 27.76 -7.63 46.52
CA GLU B 306 27.63 -6.20 46.41
C GLU B 306 26.18 -5.76 46.60
N ALA B 307 25.93 -4.59 47.15
CA ALA B 307 24.57 -4.04 47.13
C ALA B 307 24.19 -3.70 45.69
N ALA B 308 22.93 -3.93 45.34
CA ALA B 308 22.40 -3.61 44.01
C ALA B 308 22.17 -2.12 43.80
N HIS B 309 21.87 -1.39 44.88
CA HIS B 309 21.66 0.05 44.75
C HIS B 309 22.96 0.79 44.49
N GLY B 310 22.83 2.08 44.22
CA GLY B 310 23.97 2.97 44.04
C GLY B 310 24.53 3.55 45.33
N THR B 311 25.27 4.64 45.18
CA THR B 311 25.98 5.25 46.28
C THR B 311 25.12 6.17 47.15
N VAL B 312 23.88 6.41 46.73
CA VAL B 312 22.91 7.20 47.50
C VAL B 312 23.38 8.65 47.62
N THR B 313 23.73 9.24 46.49
CA THR B 313 24.26 10.59 46.42
C THR B 313 23.39 11.59 47.20
N ARG B 314 22.07 11.51 47.08
CA ARG B 314 21.21 12.48 47.75
C ARG B 314 21.45 12.50 49.27
N HIS B 315 21.56 11.31 49.86
CA HIS B 315 21.83 11.21 51.29
C HIS B 315 23.24 11.68 51.61
N TYR B 316 24.19 11.36 50.75
CA TYR B 316 25.56 11.83 50.94
C TYR B 316 25.65 13.36 51.03
N ARG B 317 24.92 14.07 50.17
CA ARG B 317 24.91 15.54 50.18
C ARG B 317 24.41 16.10 51.50
N MET B 318 23.43 15.42 52.09
CA MET B 318 22.90 15.80 53.41
C MET B 318 23.96 15.57 54.48
N TYR B 319 24.60 14.39 54.43
CA TYR B 319 25.71 14.08 55.32
C TYR B 319 26.88 15.10 55.24
N GLN B 320 27.14 15.63 54.05
CA GLN B 320 28.18 16.65 53.86
C GLN B 320 27.83 18.01 54.46
N LYS B 321 26.55 18.32 54.50
CA LYS B 321 26.02 19.52 55.17
C LYS B 321 25.66 19.31 56.66
N GLY B 322 26.04 18.16 57.24
CA GLY B 322 25.80 17.90 58.64
C GLY B 322 24.34 17.67 59.00
N GLN B 323 23.55 17.23 58.02
CA GLN B 323 22.15 16.91 58.22
C GLN B 323 21.94 15.42 58.45
N GLU B 324 20.86 15.10 59.15
CA GLU B 324 20.55 13.74 59.52
C GLU B 324 20.11 12.95 58.30
N THR B 325 20.56 11.71 58.20
CA THR B 325 20.19 10.80 57.09
C THR B 325 19.54 9.56 57.66
N SER B 326 18.78 8.86 56.82
CA SER B 326 18.26 7.54 57.15
C SER B 326 18.51 6.60 55.97
N THR B 327 19.74 6.12 55.88
CA THR B 327 20.16 5.27 54.78
C THR B 327 20.17 3.80 55.22
N ASN B 328 19.51 2.97 54.42
CA ASN B 328 19.34 1.57 54.74
C ASN B 328 20.60 0.75 54.41
N PRO B 329 21.21 0.09 55.42
CA PRO B 329 22.44 -0.63 55.22
C PRO B 329 22.28 -2.13 54.88
N ILE B 330 21.05 -2.61 54.77
CA ILE B 330 20.79 -4.05 54.69
C ILE B 330 21.45 -4.70 53.48
N ALA B 331 21.23 -4.14 52.29
CA ALA B 331 21.85 -4.65 51.09
C ALA B 331 23.37 -4.71 51.23
N SER B 332 23.98 -3.66 51.78
CA SER B 332 25.42 -3.64 52.04
C SER B 332 25.84 -4.70 53.07
N ILE B 333 25.05 -4.87 54.11
CA ILE B 333 25.32 -5.92 55.12
C ILE B 333 25.23 -7.29 54.50
N PHE B 334 24.20 -7.51 53.68
CA PHE B 334 24.02 -8.81 53.04
C PHE B 334 25.10 -9.14 51.99
N ALA B 335 25.77 -8.13 51.46
CA ALA B 335 26.98 -8.35 50.67
C ALA B 335 28.07 -9.01 51.51
N TRP B 336 28.30 -8.50 52.71
CA TRP B 336 29.24 -9.14 53.64
C TRP B 336 28.81 -10.55 54.04
N THR B 337 27.55 -10.72 54.42
CA THR B 337 27.08 -12.03 54.89
C THR B 337 27.08 -13.08 53.79
N ARG B 338 26.68 -12.71 52.59
CA ARG B 338 26.71 -13.66 51.48
C ARG B 338 28.13 -13.96 51.02
N GLY B 339 29.02 -12.97 51.09
CA GLY B 339 30.43 -13.18 50.83
C GLY B 339 31.05 -14.12 51.85
N LEU B 340 30.87 -13.79 53.12
CA LEU B 340 31.38 -14.62 54.22
C LEU B 340 30.77 -16.03 54.24
N ALA B 341 29.51 -16.16 53.83
CA ALA B 341 28.88 -17.47 53.72
C ALA B 341 29.56 -18.33 52.66
N HIS B 342 29.88 -17.74 51.51
CA HIS B 342 30.57 -18.45 50.44
C HIS B 342 32.00 -18.80 50.85
N ARG B 343 32.68 -17.84 51.46
CA ARG B 343 33.99 -18.08 52.09
C ARG B 343 33.97 -19.29 53.02
N ALA B 344 32.94 -19.38 53.86
CA ALA B 344 32.78 -20.47 54.82
C ALA B 344 32.55 -21.80 54.15
N LYS B 345 31.78 -21.80 53.07
CA LYS B 345 31.51 -23.03 52.30
C LYS B 345 32.77 -23.58 51.62
N LEU B 346 33.58 -22.69 51.05
CA LEU B 346 34.88 -23.07 50.46
C LEU B 346 35.86 -23.60 51.51
N ASP B 347 36.01 -22.87 52.61
CA ASP B 347 36.94 -23.22 53.69
C ASP B 347 36.40 -24.27 54.67
N ASN B 348 35.14 -24.66 54.51
CA ASN B 348 34.50 -25.63 55.40
C ASN B 348 34.54 -25.17 56.88
N ASN B 349 34.12 -23.92 57.07
CA ASN B 349 34.25 -23.22 58.34
C ASN B 349 32.87 -23.10 59.00
N LYS B 350 32.56 -24.04 59.89
CA LYS B 350 31.28 -24.04 60.63
C LYS B 350 31.01 -22.73 61.36
N GLU B 351 32.01 -22.21 62.07
CA GLU B 351 31.83 -20.98 62.88
C GLU B 351 31.50 -19.74 62.06
N LEU B 352 32.14 -19.59 60.91
CA LEU B 352 31.91 -18.45 60.03
C LEU B 352 30.57 -18.55 59.31
N ALA B 353 30.16 -19.76 58.96
CA ALA B 353 28.85 -19.96 58.33
C ALA B 353 27.74 -19.58 59.29
N PHE B 354 27.92 -19.97 60.56
CA PHE B 354 26.99 -19.63 61.63
C PHE B 354 26.86 -18.12 61.82
N PHE B 355 28.01 -17.45 61.93
CA PHE B 355 28.06 -16.01 62.10
C PHE B 355 27.35 -15.29 60.96
N ALA B 356 27.64 -15.69 59.73
CA ALA B 356 27.05 -15.05 58.55
C ALA B 356 25.54 -15.13 58.59
N ASN B 357 25.03 -16.31 58.89
CA ASN B 357 23.58 -16.51 59.03
C ASN B 357 22.99 -15.73 60.21
N ALA B 358 23.71 -15.67 61.31
CA ALA B 358 23.27 -14.92 62.49
C ALA B 358 23.05 -13.46 62.16
N LEU B 359 23.99 -12.87 61.45
CA LEU B 359 23.90 -11.45 61.09
C LEU B 359 22.74 -11.18 60.13
N GLU B 360 22.42 -12.15 59.27
CA GLU B 360 21.24 -12.02 58.40
C GLU B 360 19.96 -12.07 59.23
N GLU B 361 19.87 -13.04 60.14
CA GLU B 361 18.71 -13.16 61.05
C GLU B 361 18.48 -11.90 61.89
N VAL B 362 19.56 -11.36 62.47
CA VAL B 362 19.50 -10.14 63.28
C VAL B 362 18.94 -8.97 62.48
N SER B 363 19.46 -8.82 61.26
CA SER B 363 19.04 -7.77 60.35
C SER B 363 17.54 -7.81 60.06
N ILE B 364 17.03 -8.98 59.72
CA ILE B 364 15.61 -9.15 59.45
C ILE B 364 14.77 -9.03 60.74
N GLU B 365 15.25 -9.64 61.83
CA GLU B 365 14.58 -9.55 63.14
C GLU B 365 14.43 -8.11 63.64
N THR B 366 15.49 -7.32 63.48
CA THR B 366 15.44 -5.91 63.85
C THR B 366 14.31 -5.15 63.13
N ILE B 367 14.26 -5.32 61.81
CA ILE B 367 13.24 -4.68 60.99
C ILE B 367 11.86 -5.22 61.34
N GLU B 368 11.75 -6.54 61.49
CA GLU B 368 10.45 -7.15 61.82
C GLU B 368 9.97 -6.77 63.20
N ALA B 369 10.89 -6.38 64.08
CA ALA B 369 10.57 -5.84 65.40
C ALA B 369 10.18 -4.35 65.42
N GLY B 370 10.14 -3.69 64.27
CA GLY B 370 9.71 -2.29 64.19
C GLY B 370 10.82 -1.23 64.12
N PHE B 371 12.09 -1.63 64.16
CA PHE B 371 13.21 -0.70 64.07
C PHE B 371 13.72 -0.70 62.65
N MET B 372 13.62 0.45 61.97
CA MET B 372 13.94 0.52 60.55
C MET B 372 14.27 1.93 60.10
N THR B 373 14.90 2.01 58.94
CA THR B 373 15.20 3.29 58.31
C THR B 373 13.97 3.85 57.60
N LYS B 374 14.05 5.10 57.20
CA LYS B 374 12.88 5.83 56.72
C LYS B 374 12.24 5.25 55.46
N ASP B 375 13.07 4.76 54.55
CA ASP B 375 12.59 4.09 53.34
C ASP B 375 11.62 2.95 53.66
N LEU B 376 11.94 2.12 54.66
CA LEU B 376 11.10 0.99 55.01
C LEU B 376 9.84 1.46 55.74
N ALA B 377 9.97 2.49 56.57
CA ALA B 377 8.80 3.12 57.20
C ALA B 377 7.82 3.65 56.14
N ALA B 378 8.37 4.22 55.07
CA ALA B 378 7.55 4.70 53.95
C ALA B 378 6.83 3.56 53.21
N CYS B 379 7.48 2.41 53.03
CA CYS B 379 6.78 1.26 52.44
C CYS B 379 5.54 0.88 53.24
N ILE B 380 5.63 0.93 54.57
CA ILE B 380 4.52 0.54 55.43
C ILE B 380 3.43 1.61 55.45
N LYS B 381 3.81 2.85 55.72
CA LYS B 381 2.85 3.92 55.99
C LYS B 381 2.53 4.84 54.82
N GLY B 382 3.35 4.83 53.78
CA GLY B 382 3.31 5.88 52.76
C GLY B 382 4.08 7.11 53.21
N LEU B 383 4.98 7.60 52.35
CA LEU B 383 5.91 8.66 52.71
C LEU B 383 5.26 9.91 53.35
N PRO B 384 4.10 10.35 52.83
CA PRO B 384 3.45 11.52 53.46
C PRO B 384 3.07 11.32 54.93
N ASN B 385 2.83 10.07 55.33
CA ASN B 385 2.41 9.73 56.69
C ASN B 385 3.55 9.35 57.63
N VAL B 386 4.80 9.44 57.16
CA VAL B 386 5.93 9.05 57.97
C VAL B 386 6.32 10.23 58.85
N GLN B 387 6.36 9.99 60.15
CA GLN B 387 6.87 10.93 61.12
C GLN B 387 8.26 10.50 61.55
N ARG B 388 8.99 11.39 62.23
CA ARG B 388 10.34 11.09 62.69
C ARG B 388 10.39 9.96 63.72
N SER B 389 9.35 9.83 64.54
CA SER B 389 9.24 8.72 65.50
C SER B 389 9.15 7.34 64.83
N ASP B 390 8.69 7.27 63.58
CA ASP B 390 8.54 5.98 62.88
C ASP B 390 9.84 5.29 62.42
N TYR B 391 10.96 5.98 62.46
CA TYR B 391 12.19 5.42 61.94
C TYR B 391 13.42 5.85 62.72
N LEU B 392 14.54 5.20 62.42
CA LEU B 392 15.85 5.57 62.95
C LEU B 392 16.74 6.18 61.89
N ASN B 393 17.62 7.08 62.29
CA ASN B 393 18.65 7.59 61.39
C ASN B 393 19.73 6.53 61.13
N THR B 394 20.62 6.84 60.19
CA THR B 394 21.62 5.88 59.71
C THR B 394 22.42 5.28 60.86
N PHE B 395 22.84 6.13 61.78
CA PHE B 395 23.71 5.73 62.88
C PHE B 395 22.94 5.06 64.01
N GLU B 396 21.73 5.55 64.28
CA GLU B 396 20.84 4.89 65.22
C GLU B 396 20.54 3.44 64.81
N PHE B 397 20.27 3.22 63.51
CA PHE B 397 19.91 1.90 63.02
C PHE B 397 21.11 0.96 63.06
N MET B 398 22.29 1.45 62.70
CA MET B 398 23.50 0.62 62.80
C MET B 398 23.80 0.23 64.24
N ASP B 399 23.64 1.18 65.17
CA ASP B 399 23.79 0.89 66.59
C ASP B 399 22.84 -0.20 67.03
N LYS B 400 21.58 -0.08 66.60
CA LYS B 400 20.56 -1.08 66.96
C LYS B 400 20.93 -2.46 66.45
N LEU B 401 21.40 -2.52 65.20
CA LEU B 401 21.88 -3.78 64.65
C LEU B 401 23.06 -4.34 65.44
N GLY B 402 24.04 -3.48 65.73
CA GLY B 402 25.23 -3.87 66.47
C GLY B 402 24.91 -4.42 67.86
N GLU B 403 23.96 -3.78 68.51
CA GLU B 403 23.48 -4.16 69.83
C GLU B 403 22.78 -5.53 69.78
N ASN B 404 21.91 -5.75 68.80
CA ASN B 404 21.21 -7.03 68.64
C ASN B 404 22.11 -8.18 68.21
N LEU B 405 23.09 -7.88 67.37
CA LEU B 405 24.09 -8.88 66.97
C LEU B 405 24.85 -9.41 68.19
N LYS B 406 25.26 -8.49 69.06
CA LYS B 406 25.99 -8.88 70.25
C LYS B 406 25.17 -9.83 71.12
N ILE B 407 23.90 -9.49 71.30
CA ILE B 407 22.96 -10.30 72.07
C ILE B 407 22.82 -11.68 71.44
N LYS B 408 22.63 -11.72 70.13
CA LYS B 408 22.43 -13.00 69.44
C LYS B 408 23.61 -13.95 69.56
N LEU B 409 24.82 -13.43 69.39
CA LEU B 409 26.03 -14.25 69.51
C LEU B 409 26.30 -14.65 70.98
N ALA B 410 25.91 -13.79 71.92
CA ALA B 410 26.00 -14.11 73.36
C ALA B 410 25.04 -15.25 73.75
N GLN B 411 23.83 -15.19 73.22
CA GLN B 411 22.85 -16.26 73.41
C GLN B 411 23.31 -17.58 72.82
N ALA B 412 23.90 -17.52 71.63
CA ALA B 412 24.51 -18.69 71.00
C ALA B 412 25.59 -19.33 71.88
N LYS B 413 26.49 -18.50 72.40
CA LYS B 413 27.51 -18.92 73.39
C LYS B 413 26.93 -19.59 74.65
N LEU B 414 25.82 -19.07 75.15
CA LEU B 414 25.18 -19.58 76.38
C LEU B 414 24.38 -20.87 76.23
N SER B 415 24.05 -21.24 74.99
CA SER B 415 23.15 -22.37 74.74
C SER B 415 23.85 -23.68 74.44
N LEU B 416 23.06 -24.76 74.32
CA LEU B 416 23.42 -25.93 73.48
C LEU B 416 23.18 -25.55 72.02
N SER C 2 41.27 -1.84 -26.95
CA SER C 2 39.83 -1.43 -27.08
C SER C 2 39.04 -1.53 -25.74
N LYS C 3 39.12 -0.45 -24.98
CA LYS C 3 38.49 -0.30 -23.65
C LYS C 3 37.00 0.01 -23.85
N LYS C 4 36.15 -0.55 -22.99
CA LYS C 4 34.70 -0.45 -23.21
C LYS C 4 34.23 0.92 -22.75
N ILE C 5 33.04 1.32 -23.20
CA ILE C 5 32.44 2.59 -22.79
C ILE C 5 31.93 2.44 -21.37
N SER C 6 32.24 3.43 -20.54
CA SER C 6 31.72 3.46 -19.18
C SER C 6 30.26 3.94 -19.24
N GLY C 7 29.34 3.00 -19.08
CA GLY C 7 27.91 3.26 -19.23
C GLY C 7 27.18 3.86 -18.03
N GLY C 8 27.66 3.57 -16.81
CA GLY C 8 26.99 4.03 -15.59
C GLY C 8 25.88 3.10 -15.09
N SER C 9 24.97 3.66 -14.29
CA SER C 9 23.95 2.88 -13.57
C SER C 9 22.68 2.67 -14.40
N VAL C 10 22.32 1.40 -14.63
CA VAL C 10 21.10 1.06 -15.35
C VAL C 10 20.39 -0.09 -14.66
N VAL C 11 19.09 0.08 -14.43
CA VAL C 11 18.24 -1.00 -13.93
C VAL C 11 17.74 -1.77 -15.14
N GLU C 12 17.95 -3.07 -15.13
CA GLU C 12 17.49 -3.94 -16.19
C GLU C 12 16.51 -4.94 -15.65
N MET C 13 15.45 -5.21 -16.43
CA MET C 13 14.41 -6.13 -16.03
C MET C 13 14.21 -7.22 -17.08
N GLN C 14 14.53 -8.46 -16.73
CA GLN C 14 14.30 -9.59 -17.63
CA GLN C 14 14.31 -9.60 -17.62
C GLN C 14 12.82 -9.97 -17.66
N GLY C 15 12.37 -10.43 -18.81
CA GLY C 15 10.97 -10.77 -19.06
C GLY C 15 10.73 -12.24 -19.43
N ASP C 16 9.81 -12.46 -20.35
CA ASP C 16 9.24 -13.79 -20.60
C ASP C 16 9.25 -14.24 -22.07
N GLU C 17 9.15 -15.55 -22.26
CA GLU C 17 8.90 -16.19 -23.55
C GLU C 17 9.88 -15.70 -24.63
N MET C 18 9.41 -15.34 -25.84
CA MET C 18 10.34 -15.07 -26.92
C MET C 18 11.19 -13.82 -26.69
N THR C 19 10.57 -12.79 -26.12
CA THR C 19 11.30 -11.57 -25.83
C THR C 19 12.46 -11.79 -24.89
N ARG C 20 12.34 -12.74 -23.97
CA ARG C 20 13.44 -13.06 -23.05
C ARG C 20 14.67 -13.61 -23.78
N ILE C 21 14.43 -14.47 -24.77
CA ILE C 21 15.49 -15.04 -25.62
C ILE C 21 16.21 -13.91 -26.35
N ILE C 22 15.43 -13.06 -27.00
CA ILE C 22 15.92 -11.89 -27.71
C ILE C 22 16.65 -10.87 -26.85
N TRP C 23 16.14 -10.64 -25.65
CA TRP C 23 16.76 -9.74 -24.69
C TRP C 23 18.18 -10.15 -24.38
N GLU C 24 18.41 -11.44 -24.16
CA GLU C 24 19.77 -11.95 -23.92
C GLU C 24 20.67 -11.79 -25.15
N LEU C 25 20.14 -12.03 -26.35
CA LEU C 25 20.94 -11.87 -27.56
C LEU C 25 21.37 -10.41 -27.69
N ILE C 26 20.48 -9.48 -27.36
CA ILE C 26 20.78 -8.05 -27.46
C ILE C 26 21.89 -7.68 -26.50
N LYS C 27 21.82 -8.16 -25.27
CA LYS C 27 22.87 -7.91 -24.29
C LYS C 27 24.20 -8.53 -24.70
N GLU C 28 24.17 -9.81 -25.08
CA GLU C 28 25.39 -10.54 -25.44
CA GLU C 28 25.39 -10.53 -25.46
C GLU C 28 26.11 -9.95 -26.66
N LYS C 29 25.34 -9.54 -27.68
CA LYS C 29 25.89 -9.17 -29.00
C LYS C 29 25.96 -7.69 -29.29
N LEU C 30 24.97 -6.91 -28.83
CA LEU C 30 24.89 -5.48 -29.17
C LEU C 30 25.32 -4.53 -28.07
N ILE C 31 25.27 -4.94 -26.80
CA ILE C 31 25.53 -4.02 -25.69
C ILE C 31 26.84 -4.31 -24.92
N PHE C 32 26.92 -5.47 -24.28
CA PHE C 32 28.07 -5.81 -23.41
C PHE C 32 29.46 -5.83 -24.07
N PRO C 33 29.57 -6.20 -25.36
CA PRO C 33 30.88 -6.10 -26.00
C PRO C 33 31.46 -4.69 -26.05
N TYR C 34 30.59 -3.67 -26.08
CA TYR C 34 31.02 -2.29 -26.26
C TYR C 34 30.82 -1.37 -25.04
N VAL C 35 29.98 -1.79 -24.09
CA VAL C 35 29.60 -0.95 -22.96
C VAL C 35 29.71 -1.72 -21.65
N GLU C 36 30.36 -1.11 -20.67
CA GLU C 36 30.44 -1.65 -19.31
C GLU C 36 29.37 -0.93 -18.50
N LEU C 37 28.52 -1.69 -17.82
CA LEU C 37 27.41 -1.12 -17.06
C LEU C 37 27.44 -1.54 -15.61
N ASP C 38 27.20 -0.56 -14.75
CA ASP C 38 26.79 -0.82 -13.37
C ASP C 38 25.32 -1.25 -13.47
N LEU C 39 25.12 -2.56 -13.56
CA LEU C 39 23.84 -3.12 -13.91
C LEU C 39 23.10 -3.59 -12.65
N HIS C 40 21.87 -3.14 -12.48
CA HIS C 40 21.01 -3.60 -11.40
C HIS C 40 19.92 -4.45 -12.01
N SER C 41 20.12 -5.77 -11.98
CA SER C 41 19.25 -6.71 -12.68
C SER C 41 18.17 -7.31 -11.81
N TYR C 42 16.94 -7.29 -12.32
CA TYR C 42 15.79 -7.85 -11.66
C TYR C 42 15.13 -8.78 -12.66
N ASP C 43 14.83 -9.99 -12.23
CA ASP C 43 14.15 -10.95 -13.09
C ASP C 43 12.64 -10.85 -12.91
N LEU C 44 11.97 -10.19 -13.86
CA LEU C 44 10.52 -10.10 -13.85
C LEU C 44 9.86 -11.16 -14.70
N GLY C 45 10.61 -12.21 -15.05
CA GLY C 45 9.98 -13.40 -15.57
C GLY C 45 8.89 -13.91 -14.64
N ILE C 46 7.88 -14.54 -15.20
CA ILE C 46 6.70 -14.89 -14.45
C ILE C 46 6.95 -15.86 -13.31
N GLU C 47 7.90 -16.77 -13.49
CA GLU C 47 8.20 -17.73 -12.44
C GLU C 47 8.84 -17.06 -11.22
N ASN C 48 9.78 -16.13 -11.44
CA ASN C 48 10.39 -15.39 -10.34
C ASN C 48 9.43 -14.39 -9.68
N ARG C 49 8.50 -13.84 -10.46
CA ARG C 49 7.43 -13.02 -9.89
C ARG C 49 6.56 -13.86 -8.96
N ASP C 50 6.09 -15.01 -9.44
CA ASP C 50 5.30 -15.91 -8.62
C ASP C 50 6.06 -16.26 -7.33
N ALA C 51 7.31 -16.67 -7.48
CA ALA C 51 8.12 -17.10 -6.33
C ALA C 51 8.41 -16.00 -5.30
N THR C 52 8.45 -14.74 -5.73
CA THR C 52 8.67 -13.62 -4.82
C THR C 52 7.37 -12.91 -4.38
N ASN C 53 6.22 -13.45 -4.76
CA ASN C 53 4.92 -12.80 -4.54
C ASN C 53 4.82 -11.40 -5.12
N ASP C 54 5.41 -11.29 -6.31
CA ASP C 54 5.50 -10.07 -7.10
C ASP C 54 6.36 -8.97 -6.47
N GLN C 55 7.16 -9.33 -5.46
CA GLN C 55 7.98 -8.36 -4.75
C GLN C 55 9.11 -7.85 -5.65
N VAL C 56 9.64 -8.72 -6.49
CA VAL C 56 10.69 -8.35 -7.45
C VAL C 56 10.27 -7.17 -8.35
N THR C 57 8.99 -7.10 -8.73
CA THR C 57 8.48 -5.98 -9.52
C THR C 57 8.57 -4.66 -8.74
N LYS C 58 8.21 -4.72 -7.47
CA LYS C 58 8.26 -3.56 -6.59
C LYS C 58 9.69 -3.15 -6.36
N ASP C 59 10.56 -4.12 -6.07
CA ASP C 59 11.99 -3.84 -5.90
C ASP C 59 12.60 -3.18 -7.15
N ALA C 60 12.21 -3.68 -8.32
CA ALA C 60 12.66 -3.11 -9.59
C ALA C 60 12.21 -1.65 -9.76
N ALA C 61 10.94 -1.38 -9.49
CA ALA C 61 10.42 -0.02 -9.58
C ALA C 61 11.17 0.93 -8.65
N GLU C 62 11.41 0.50 -7.41
CA GLU C 62 12.14 1.32 -6.43
C GLU C 62 13.58 1.57 -6.91
N ALA C 63 14.20 0.57 -7.54
CA ALA C 63 15.55 0.75 -8.11
C ALA C 63 15.58 1.79 -9.23
N ILE C 64 14.54 1.83 -10.08
CA ILE C 64 14.44 2.81 -11.15
C ILE C 64 14.29 4.22 -10.58
N LYS C 65 13.47 4.34 -9.56
CA LYS C 65 13.26 5.61 -8.84
C LYS C 65 14.58 6.15 -8.32
N LYS C 66 15.45 5.23 -7.91
CA LYS C 66 16.76 5.54 -7.34
C LYS C 66 17.83 5.85 -8.39
N HIS C 67 17.90 5.05 -9.46
CA HIS C 67 18.98 5.19 -10.45
C HIS C 67 18.59 5.94 -11.71
N ASN C 68 17.30 6.26 -11.87
CA ASN C 68 16.78 7.09 -12.98
C ASN C 68 16.62 6.44 -14.36
N VAL C 69 17.19 5.25 -14.59
CA VAL C 69 17.12 4.62 -15.91
C VAL C 69 16.77 3.15 -15.78
N GLY C 70 15.65 2.78 -16.40
CA GLY C 70 15.22 1.38 -16.47
C GLY C 70 15.10 0.95 -17.93
N VAL C 71 15.53 -0.28 -18.21
CA VAL C 71 15.24 -0.93 -19.48
C VAL C 71 14.63 -2.29 -19.20
N LYS C 72 13.45 -2.54 -19.75
CA LYS C 72 12.66 -3.72 -19.40
C LYS C 72 12.27 -4.52 -20.63
N CYS C 73 12.36 -5.83 -20.49
CA CYS C 73 11.87 -6.80 -21.46
C CYS C 73 10.38 -7.04 -21.29
N ALA C 74 9.68 -7.47 -22.34
CA ALA C 74 8.25 -7.75 -22.24
C ALA C 74 7.95 -8.88 -21.29
N THR C 75 6.84 -8.79 -20.58
CA THR C 75 6.47 -9.72 -19.53
C THR C 75 5.08 -10.27 -19.77
N ILE C 76 4.79 -11.45 -19.23
CA ILE C 76 3.43 -12.00 -19.26
C ILE C 76 2.56 -11.24 -18.27
N THR C 77 1.38 -10.81 -18.73
CA THR C 77 0.32 -10.35 -17.81
C THR C 77 -0.65 -11.52 -17.57
N PRO C 78 -0.69 -12.06 -16.34
CA PRO C 78 -1.49 -13.25 -16.11
C PRO C 78 -3.00 -13.05 -16.27
N ASP C 79 -3.64 -14.02 -16.92
CA ASP C 79 -5.09 -14.19 -16.93
C ASP C 79 -5.38 -15.62 -16.41
N GLU C 80 -6.63 -16.07 -16.48
CA GLU C 80 -6.99 -17.40 -15.98
C GLU C 80 -6.17 -18.52 -16.62
N LYS C 81 -6.03 -18.49 -17.93
CA LYS C 81 -5.23 -19.49 -18.66
C LYS C 81 -3.78 -19.53 -18.19
N ARG C 82 -3.17 -18.37 -17.93
CA ARG C 82 -1.81 -18.30 -17.40
C ARG C 82 -1.69 -18.83 -15.99
N VAL C 83 -2.71 -18.60 -15.16
CA VAL C 83 -2.76 -19.19 -13.83
C VAL C 83 -2.74 -20.71 -13.95
N GLU C 84 -3.54 -21.29 -14.87
CA GLU C 84 -3.56 -22.76 -15.01
C GLU C 84 -2.24 -23.27 -15.61
N GLU C 85 -1.67 -22.54 -16.56
CA GLU C 85 -0.42 -22.92 -17.23
C GLU C 85 0.78 -23.03 -16.27
N PHE C 86 0.97 -22.02 -15.43
CA PHE C 86 2.10 -21.99 -14.50
C PHE C 86 1.71 -22.38 -13.07
N LYS C 87 0.45 -22.78 -12.86
CA LYS C 87 -0.11 -23.03 -11.52
C LYS C 87 0.31 -21.90 -10.58
N LEU C 88 0.00 -20.67 -10.98
CA LEU C 88 0.33 -19.46 -10.23
C LEU C 88 -0.43 -19.42 -8.90
N LYS C 89 0.13 -18.68 -7.95
CA LYS C 89 -0.48 -18.52 -6.63
C LYS C 89 -1.62 -17.52 -6.65
N GLN C 90 -1.43 -16.41 -7.36
CA GLN C 90 -2.48 -15.44 -7.64
C GLN C 90 -2.38 -14.96 -9.07
N MET C 91 -3.47 -14.35 -9.54
CA MET C 91 -3.48 -13.66 -10.82
C MET C 91 -2.82 -12.31 -10.62
N TRP C 92 -1.49 -12.33 -10.69
CA TRP C 92 -0.67 -11.16 -10.38
C TRP C 92 -1.00 -10.00 -11.33
N LYS C 93 -0.82 -8.78 -10.81
CA LYS C 93 -1.12 -7.57 -11.57
C LYS C 93 -0.03 -7.37 -12.63
N SER C 94 -0.36 -6.70 -13.74
CA SER C 94 0.64 -6.36 -14.75
C SER C 94 1.85 -5.65 -14.14
N PRO C 95 3.07 -6.17 -14.35
CA PRO C 95 4.22 -5.44 -13.80
C PRO C 95 4.40 -4.02 -14.35
N ASN C 96 3.98 -3.80 -15.59
CA ASN C 96 3.98 -2.45 -16.19
C ASN C 96 3.14 -1.50 -15.39
N GLY C 97 1.94 -1.94 -15.01
CA GLY C 97 1.04 -1.15 -14.16
C GLY C 97 1.67 -0.82 -12.82
N THR C 98 2.21 -1.84 -12.17
CA THR C 98 2.84 -1.70 -10.87
C THR C 98 4.02 -0.74 -10.92
N ILE C 99 4.82 -0.80 -11.99
CA ILE C 99 5.99 0.08 -12.11
C ILE C 99 5.54 1.52 -12.39
N ARG C 100 4.66 1.68 -13.37
CA ARG C 100 4.10 2.99 -13.75
C ARG C 100 3.42 3.68 -12.56
N ASN C 101 2.71 2.89 -11.76
CA ASN C 101 2.03 3.38 -10.57
C ASN C 101 3.03 3.89 -9.52
N ILE C 102 4.02 3.07 -9.18
CA ILE C 102 5.08 3.45 -8.22
C ILE C 102 5.87 4.68 -8.70
N LEU C 103 6.15 4.76 -10.00
CA LEU C 103 7.00 5.86 -10.53
C LEU C 103 6.19 7.11 -10.88
N GLY C 104 4.89 6.93 -11.11
CA GLY C 104 3.98 8.05 -11.39
C GLY C 104 4.06 8.64 -12.79
N GLY C 105 4.66 7.91 -13.72
CA GLY C 105 4.89 8.45 -15.04
C GLY C 105 3.75 8.32 -16.03
N THR C 106 4.03 8.80 -17.24
CA THR C 106 3.19 8.62 -18.41
C THR C 106 3.98 7.83 -19.46
N VAL C 107 3.32 6.82 -20.05
CA VAL C 107 3.92 5.98 -21.09
C VAL C 107 3.67 6.59 -22.46
N PHE C 108 4.73 6.74 -23.25
CA PHE C 108 4.68 7.27 -24.60
C PHE C 108 5.16 6.23 -25.63
N ARG C 109 4.28 5.90 -26.59
CA ARG C 109 4.61 4.96 -27.66
CA ARG C 109 4.62 4.95 -27.64
C ARG C 109 5.13 5.68 -28.90
N GLU C 110 6.24 5.20 -29.44
CA GLU C 110 6.90 5.80 -30.60
C GLU C 110 7.31 4.71 -31.56
N ALA C 111 6.87 4.81 -32.81
CA ALA C 111 7.35 3.91 -33.87
C ALA C 111 8.80 4.17 -34.27
N ILE C 112 9.44 3.13 -34.81
CA ILE C 112 10.69 3.26 -35.57
C ILE C 112 10.34 3.20 -37.06
N ILE C 113 10.65 4.28 -37.78
CA ILE C 113 10.37 4.38 -39.22
C ILE C 113 11.60 3.95 -40.04
N CYS C 114 11.39 3.01 -40.97
CA CYS C 114 12.36 2.72 -42.01
C CYS C 114 11.76 3.11 -43.36
N LYS C 115 12.58 3.69 -44.23
CA LYS C 115 12.13 4.24 -45.53
C LYS C 115 11.43 3.25 -46.45
N ASN C 116 11.85 1.98 -46.38
CA ASN C 116 11.31 0.92 -47.23
C ASN C 116 10.11 0.19 -46.64
N ILE C 117 9.68 0.55 -45.44
CA ILE C 117 8.51 -0.07 -44.81
C ILE C 117 7.29 0.84 -44.92
N PRO C 118 6.21 0.36 -45.56
CA PRO C 118 4.98 1.15 -45.66
C PRO C 118 4.37 1.55 -44.31
N ARG C 119 3.80 2.76 -44.23
CA ARG C 119 2.95 3.18 -43.11
C ARG C 119 1.54 3.34 -43.62
N LEU C 120 0.64 3.59 -42.68
CA LEU C 120 -0.76 3.86 -42.98
C LEU C 120 -0.86 5.03 -43.94
N VAL C 121 -0.17 6.11 -43.59
CA VAL C 121 -0.14 7.36 -44.36
C VAL C 121 1.29 7.50 -44.88
N SER C 122 1.46 7.53 -46.20
CA SER C 122 2.79 7.50 -46.80
C SER C 122 3.61 8.76 -46.56
N GLY C 123 2.93 9.88 -46.36
CA GLY C 123 3.58 11.14 -45.97
C GLY C 123 4.35 11.15 -44.64
N TRP C 124 4.02 10.24 -43.72
CA TRP C 124 4.70 10.22 -42.42
C TRP C 124 6.17 9.87 -42.62
N VAL C 125 7.04 10.81 -42.27
CA VAL C 125 8.49 10.58 -42.26
C VAL C 125 9.05 10.54 -40.84
N LYS C 126 8.41 11.26 -39.91
CA LYS C 126 8.69 11.14 -38.49
C LYS C 126 7.51 10.51 -37.77
N PRO C 127 7.77 9.90 -36.59
CA PRO C 127 6.66 9.30 -35.85
C PRO C 127 5.77 10.34 -35.12
N ILE C 128 4.54 9.94 -34.84
CA ILE C 128 3.65 10.65 -33.98
C ILE C 128 3.68 9.90 -32.65
N ILE C 129 4.20 10.54 -31.61
CA ILE C 129 4.36 9.90 -30.31
C ILE C 129 3.05 10.06 -29.56
N ILE C 130 2.50 8.96 -29.05
CA ILE C 130 1.20 8.98 -28.38
C ILE C 130 1.33 8.61 -26.90
N GLY C 131 0.92 9.56 -26.05
CA GLY C 131 0.96 9.40 -24.60
C GLY C 131 -0.42 9.12 -24.04
N HIS C 132 -0.49 8.28 -23.02
CA HIS C 132 -1.76 7.86 -22.44
C HIS C 132 -1.84 8.22 -20.97
N HIS C 133 -3.02 8.64 -20.54
CA HIS C 133 -3.29 8.79 -19.13
C HIS C 133 -3.88 7.49 -18.59
N ALA C 134 -3.06 6.74 -17.86
CA ALA C 134 -3.48 5.43 -17.33
C ALA C 134 -3.84 5.48 -15.85
N TYR C 135 -4.51 4.42 -15.40
CA TYR C 135 -4.90 4.28 -14.01
C TYR C 135 -3.69 4.19 -13.08
N GLY C 136 -3.92 4.56 -11.83
CA GLY C 136 -2.87 4.56 -10.81
C GLY C 136 -3.45 4.70 -9.42
N ASP C 137 -2.63 5.14 -8.49
CA ASP C 137 -3.07 5.37 -7.10
C ASP C 137 -4.14 6.47 -6.99
N GLN C 138 -4.10 7.45 -7.90
CA GLN C 138 -5.00 8.62 -7.83
C GLN C 138 -5.96 8.74 -9.03
N TYR C 139 -6.14 7.64 -9.76
CA TYR C 139 -7.04 7.57 -10.92
C TYR C 139 -7.47 6.12 -11.12
N ARG C 140 -8.71 5.79 -10.76
CA ARG C 140 -9.20 4.39 -10.70
C ARG C 140 -10.71 4.33 -10.87
N ALA C 141 -11.25 3.18 -11.27
CA ALA C 141 -12.69 2.99 -11.48
C ALA C 141 -13.18 1.63 -10.98
N THR C 142 -14.35 1.64 -10.34
CA THR C 142 -15.09 0.42 -10.01
C THR C 142 -16.37 0.42 -10.84
N ASP C 143 -16.81 -0.78 -11.20
CA ASP C 143 -18.12 -0.99 -11.81
C ASP C 143 -18.82 -2.14 -11.10
N PHE C 144 -20.14 -2.23 -11.22
CA PHE C 144 -20.87 -3.33 -10.62
C PHE C 144 -22.19 -3.59 -11.30
N VAL C 145 -22.66 -4.83 -11.18
CA VAL C 145 -23.94 -5.24 -11.73
C VAL C 145 -25.06 -4.73 -10.80
N VAL C 146 -25.93 -3.89 -11.34
CA VAL C 146 -27.18 -3.51 -10.69
C VAL C 146 -28.13 -4.69 -10.92
N PRO C 147 -28.42 -5.48 -9.87
CA PRO C 147 -29.16 -6.74 -10.04
C PRO C 147 -30.65 -6.57 -10.32
N GLY C 148 -31.23 -5.43 -9.96
CA GLY C 148 -32.65 -5.21 -10.21
C GLY C 148 -33.09 -3.80 -9.86
N PRO C 149 -34.41 -3.55 -9.88
CA PRO C 149 -34.98 -2.24 -9.55
C PRO C 149 -34.33 -1.59 -8.32
N GLY C 150 -34.12 -0.28 -8.37
CA GLY C 150 -33.56 0.46 -7.25
C GLY C 150 -33.26 1.92 -7.53
N LYS C 151 -32.08 2.37 -7.09
CA LYS C 151 -31.71 3.78 -7.12
C LYS C 151 -30.20 3.91 -6.94
N VAL C 152 -29.48 4.17 -8.03
CA VAL C 152 -28.06 4.44 -7.96
C VAL C 152 -27.85 5.94 -7.68
N GLU C 153 -26.90 6.23 -6.79
CA GLU C 153 -26.53 7.59 -6.44
C GLU C 153 -25.02 7.64 -6.31
N ILE C 154 -24.45 8.83 -6.50
CA ILE C 154 -23.03 9.08 -6.22
C ILE C 154 -22.95 10.31 -5.34
N THR C 155 -22.33 10.16 -4.18
CA THR C 155 -22.32 11.17 -3.14
C THR C 155 -20.88 11.60 -2.86
N TYR C 156 -20.74 12.81 -2.32
CA TYR C 156 -19.46 13.35 -1.88
C TYR C 156 -19.64 13.90 -0.46
N THR C 157 -19.04 13.23 0.51
CA THR C 157 -19.04 13.63 1.91
C THR C 157 -17.70 14.30 2.22
N PRO C 158 -17.67 15.65 2.24
CA PRO C 158 -16.38 16.34 2.45
C PRO C 158 -15.80 16.13 3.87
N SER C 159 -14.46 16.15 3.97
CA SER C 159 -13.74 15.79 5.20
C SER C 159 -14.02 16.76 6.32
N ASP C 160 -13.93 18.06 6.01
CA ASP C 160 -14.15 19.15 6.98
C ASP C 160 -15.48 19.07 7.75
N GLY C 161 -16.48 18.36 7.21
CA GLY C 161 -17.78 18.17 7.84
C GLY C 161 -18.86 19.12 7.33
N THR C 162 -18.64 19.70 6.15
CA THR C 162 -19.62 20.59 5.51
C THR C 162 -20.68 19.69 4.81
N GLN C 163 -21.77 20.30 4.34
CA GLN C 163 -22.95 19.57 3.82
C GLN C 163 -22.57 18.65 2.66
N LYS C 164 -23.11 17.43 2.70
CA LYS C 164 -22.79 16.42 1.69
C LYS C 164 -23.58 16.72 0.41
N VAL C 165 -22.93 16.49 -0.72
CA VAL C 165 -23.51 16.75 -2.02
C VAL C 165 -23.80 15.40 -2.66
N THR C 166 -24.98 15.29 -3.25
CA THR C 166 -25.48 14.03 -3.78
C THR C 166 -25.84 14.21 -5.26
N TYR C 167 -25.46 13.24 -6.09
CA TYR C 167 -25.73 13.26 -7.55
C TYR C 167 -26.37 11.94 -8.00
N LEU C 168 -27.59 12.03 -8.54
CA LEU C 168 -28.30 10.86 -9.02
C LEU C 168 -27.67 10.43 -10.34
N VAL C 169 -27.32 9.14 -10.40
CA VAL C 169 -26.87 8.52 -11.64
C VAL C 169 -28.11 8.06 -12.40
N HIS C 170 -29.06 7.41 -11.72
CA HIS C 170 -30.38 7.02 -12.28
C HIS C 170 -31.35 6.54 -11.19
N ASN C 171 -32.63 6.52 -11.53
CA ASN C 171 -33.62 5.74 -10.81
C ASN C 171 -34.01 4.53 -11.69
N PHE C 172 -33.46 3.35 -11.35
CA PHE C 172 -33.81 2.09 -12.01
C PHE C 172 -35.21 1.62 -11.56
N GLU C 173 -36.23 1.92 -12.36
CA GLU C 173 -37.61 1.45 -12.09
C GLU C 173 -37.97 0.14 -12.83
N GLU C 174 -37.23 -0.20 -13.91
CA GLU C 174 -37.50 -1.40 -14.72
C GLU C 174 -36.57 -2.55 -14.29
N GLY C 175 -35.88 -3.22 -15.23
CA GLY C 175 -35.12 -4.43 -14.91
C GLY C 175 -33.78 -4.12 -14.29
N GLY C 176 -32.74 -4.86 -14.70
CA GLY C 176 -31.39 -4.68 -14.18
C GLY C 176 -30.54 -3.73 -15.00
N GLY C 177 -29.23 -3.89 -14.89
CA GLY C 177 -28.27 -3.09 -15.64
C GLY C 177 -26.86 -3.20 -15.09
N VAL C 178 -26.05 -2.19 -15.43
CA VAL C 178 -24.70 -2.01 -14.86
C VAL C 178 -24.47 -0.54 -14.55
N ALA C 179 -23.56 -0.28 -13.62
CA ALA C 179 -23.18 1.08 -13.26
C ALA C 179 -21.67 1.15 -13.09
N MET C 180 -21.16 2.36 -12.95
CA MET C 180 -19.74 2.58 -12.68
C MET C 180 -19.47 3.94 -12.08
N GLY C 181 -18.25 4.10 -11.60
CA GLY C 181 -17.77 5.34 -11.02
C GLY C 181 -16.28 5.43 -11.30
N MET C 182 -15.76 6.64 -11.27
CA MET C 182 -14.38 6.91 -11.62
C MET C 182 -13.99 8.20 -10.97
N TYR C 183 -12.73 8.32 -10.59
CA TYR C 183 -12.25 9.52 -9.95
C TYR C 183 -10.91 9.87 -10.54
N ASN C 184 -10.46 11.08 -10.24
CA ASN C 184 -9.19 11.54 -10.72
C ASN C 184 -8.72 12.72 -9.86
N GLN C 185 -7.59 12.56 -9.20
CA GLN C 185 -7.04 13.63 -8.38
C GLN C 185 -6.27 14.61 -9.24
N ASP C 186 -6.24 15.88 -8.82
CA ASP C 186 -5.48 16.90 -9.54
C ASP C 186 -4.02 16.49 -9.76
N LYS C 187 -3.38 15.96 -8.72
CA LYS C 187 -2.00 15.49 -8.77
C LYS C 187 -1.76 14.52 -9.95
N SER C 188 -2.64 13.55 -10.12
CA SER C 188 -2.58 12.60 -11.24
C SER C 188 -2.56 13.33 -12.60
N ILE C 189 -3.36 14.39 -12.70
CA ILE C 189 -3.46 15.19 -13.92
C ILE C 189 -2.21 16.07 -14.09
N GLU C 190 -1.71 16.62 -12.99
CA GLU C 190 -0.51 17.46 -13.00
C GLU C 190 0.70 16.66 -13.42
N ASP C 191 0.81 15.43 -12.91
CA ASP C 191 1.83 14.47 -13.33
C ASP C 191 1.78 14.25 -14.84
N PHE C 192 0.61 13.90 -15.35
CA PHE C 192 0.36 13.65 -16.77
C PHE C 192 0.76 14.84 -17.64
N ALA C 193 0.44 16.04 -17.16
CA ALA C 193 0.86 17.28 -17.84
C ALA C 193 2.37 17.45 -17.82
N HIS C 194 2.96 17.46 -16.62
CA HIS C 194 4.41 17.57 -16.44
C HIS C 194 5.17 16.57 -17.32
N SER C 195 4.79 15.29 -17.25
CA SER C 195 5.43 14.25 -18.07
C SER C 195 5.35 14.56 -19.56
N SER C 196 4.19 15.02 -20.01
CA SER C 196 3.99 15.35 -21.42
C SER C 196 4.81 16.55 -21.90
N PHE C 197 4.98 17.58 -21.05
CA PHE C 197 5.81 18.74 -21.41
C PHE C 197 7.29 18.36 -21.42
N GLN C 198 7.70 17.60 -20.39
CA GLN C 198 9.07 17.09 -20.29
C GLN C 198 9.45 16.27 -21.53
N MET C 199 8.53 15.41 -21.97
CA MET C 199 8.70 14.61 -23.18
C MET C 199 8.86 15.45 -24.43
N ALA C 200 8.06 16.51 -24.54
CA ALA C 200 8.15 17.45 -25.64
C ALA C 200 9.49 18.18 -25.67
N LEU C 201 9.92 18.71 -24.54
CA LEU C 201 11.24 19.36 -24.43
C LEU C 201 12.36 18.41 -24.85
N SER C 202 12.28 17.16 -24.41
CA SER C 202 13.26 16.11 -24.75
C SER C 202 13.40 15.91 -26.26
N LYS C 203 12.29 15.68 -26.95
CA LYS C 203 12.29 15.44 -28.41
C LYS C 203 12.40 16.72 -29.26
N GLY C 204 12.14 17.87 -28.66
CA GLY C 204 12.10 19.12 -29.40
C GLY C 204 10.92 19.24 -30.35
N TRP C 205 9.82 18.54 -30.06
CA TRP C 205 8.60 18.57 -30.88
C TRP C 205 7.43 19.18 -30.13
N PRO C 206 6.47 19.76 -30.87
CA PRO C 206 5.29 20.32 -30.22
C PRO C 206 4.41 19.24 -29.60
N LEU C 207 3.55 19.67 -28.68
CA LEU C 207 2.67 18.80 -27.90
C LEU C 207 1.21 19.20 -28.10
N TYR C 208 0.34 18.20 -28.23
CA TYR C 208 -1.09 18.42 -28.35
C TYR C 208 -1.81 17.53 -27.36
N LEU C 209 -2.64 18.15 -26.52
CA LEU C 209 -3.55 17.42 -25.64
C LEU C 209 -4.85 17.31 -26.39
N SER C 210 -5.35 16.11 -26.61
CA SER C 210 -6.63 15.92 -27.27
C SER C 210 -7.68 15.51 -26.27
N THR C 211 -8.86 16.08 -26.41
CA THR C 211 -10.06 15.63 -25.72
C THR C 211 -11.20 15.60 -26.73
N LYS C 212 -12.37 15.14 -26.28
CA LYS C 212 -13.55 15.12 -27.14
C LYS C 212 -14.75 15.74 -26.45
N ASN C 213 -15.63 16.28 -27.30
CA ASN C 213 -17.04 16.20 -27.07
C ASN C 213 -17.54 17.17 -25.97
N THR C 214 -17.11 16.92 -24.74
CA THR C 214 -17.57 17.66 -23.55
C THR C 214 -19.03 17.24 -23.15
N ILE C 215 -19.26 15.93 -23.17
CA ILE C 215 -20.43 15.32 -22.50
C ILE C 215 -20.17 15.32 -21.00
N LEU C 216 -18.92 15.02 -20.61
CA LEU C 216 -18.45 15.14 -19.23
C LEU C 216 -17.60 16.42 -19.20
N LYS C 217 -18.28 17.55 -19.29
CA LYS C 217 -17.62 18.85 -19.48
C LYS C 217 -16.69 19.24 -18.34
N LYS C 218 -17.18 19.16 -17.11
CA LYS C 218 -16.38 19.51 -15.92
C LYS C 218 -15.13 18.63 -15.73
N TYR C 219 -15.19 17.38 -16.19
CA TYR C 219 -14.06 16.46 -16.11
C TYR C 219 -12.95 16.86 -17.11
N ASP C 220 -13.32 17.01 -18.37
CA ASP C 220 -12.36 17.41 -19.43
C ASP C 220 -11.82 18.83 -19.27
N GLY C 221 -12.66 19.74 -18.76
CA GLY C 221 -12.25 21.09 -18.44
C GLY C 221 -11.12 21.16 -17.44
N ARG C 222 -11.11 20.25 -16.47
CA ARG C 222 -10.07 20.21 -15.43
C ARG C 222 -8.71 19.87 -16.05
N PHE C 223 -8.72 18.97 -17.03
CA PHE C 223 -7.51 18.63 -17.79
C PHE C 223 -7.00 19.81 -18.59
N LYS C 224 -7.87 20.40 -19.42
CA LYS C 224 -7.52 21.57 -20.23
C LYS C 224 -6.87 22.65 -19.37
N ASP C 225 -7.56 23.02 -18.29
CA ASP C 225 -7.10 24.07 -17.39
C ASP C 225 -5.75 23.74 -16.78
N ILE C 226 -5.62 22.53 -16.23
CA ILE C 226 -4.40 22.14 -15.52
C ILE C 226 -3.21 22.16 -16.48
N PHE C 227 -3.41 21.64 -17.68
CA PHE C 227 -2.37 21.68 -18.72
C PHE C 227 -1.96 23.12 -19.05
N GLN C 228 -2.96 23.99 -19.21
CA GLN C 228 -2.69 25.37 -19.57
C GLN C 228 -1.95 26.10 -18.46
N GLU C 229 -2.45 25.99 -17.22
CA GLU C 229 -1.81 26.58 -16.03
C GLU C 229 -0.34 26.20 -15.92
N ILE C 230 -0.08 24.91 -15.99
CA ILE C 230 1.29 24.38 -15.85
C ILE C 230 2.17 24.86 -17.02
N TYR C 231 1.61 24.88 -18.23
CA TYR C 231 2.33 25.36 -19.43
C TYR C 231 2.69 26.84 -19.33
N ASP C 232 1.71 27.67 -19.02
CA ASP C 232 1.91 29.11 -18.87
C ASP C 232 2.96 29.46 -17.82
N LYS C 233 3.04 28.68 -16.75
CA LYS C 233 3.88 29.03 -15.60
C LYS C 233 5.25 28.38 -15.52
N GLN C 234 5.45 27.23 -16.17
CA GLN C 234 6.72 26.50 -16.05
C GLN C 234 7.43 26.11 -17.34
N TYR C 235 6.74 26.17 -18.49
CA TYR C 235 7.29 25.61 -19.75
C TYR C 235 7.31 26.54 -20.97
N LYS C 236 6.33 27.43 -21.11
CA LYS C 236 6.20 28.28 -22.30
C LYS C 236 7.51 28.99 -22.70
N SER C 237 8.25 29.48 -21.70
CA SER C 237 9.58 30.10 -21.91
C SER C 237 10.56 29.12 -22.55
N GLN C 238 10.58 27.89 -22.07
CA GLN C 238 11.44 26.84 -22.63
C GLN C 238 10.94 26.32 -23.98
N PHE C 239 9.62 26.35 -24.19
CA PHE C 239 9.01 25.88 -25.45
C PHE C 239 9.34 26.84 -26.60
N GLU C 240 9.10 28.14 -26.39
CA GLU C 240 9.45 29.16 -27.40
C GLU C 240 10.94 29.16 -27.72
N ALA C 241 11.76 28.90 -26.70
CA ALA C 241 13.22 28.75 -26.85
C ALA C 241 13.63 27.70 -27.89
N GLN C 242 12.86 26.62 -27.99
CA GLN C 242 13.12 25.56 -28.98
C GLN C 242 12.19 25.62 -30.22
N LYS C 243 11.54 26.77 -30.45
CA LYS C 243 10.62 26.95 -31.60
C LYS C 243 9.43 25.96 -31.61
N ILE C 244 8.96 25.55 -30.42
CA ILE C 244 7.83 24.62 -30.29
C ILE C 244 6.72 25.20 -29.43
N TRP C 245 5.58 24.52 -29.37
CA TRP C 245 4.37 25.03 -28.71
C TRP C 245 3.54 23.90 -28.07
N TYR C 246 2.62 24.30 -27.20
CA TYR C 246 1.57 23.42 -26.69
C TYR C 246 0.22 23.94 -27.17
N GLU C 247 -0.68 23.04 -27.52
CA GLU C 247 -2.02 23.40 -27.94
C GLU C 247 -3.00 22.31 -27.52
N HIS C 248 -4.12 22.69 -26.92
CA HIS C 248 -5.25 21.78 -26.76
C HIS C 248 -5.93 21.68 -28.12
N ARG C 249 -6.54 20.54 -28.39
CA ARG C 249 -7.16 20.28 -29.69
C ARG C 249 -8.31 19.30 -29.52
N LEU C 250 -9.33 19.37 -30.36
CA LEU C 250 -10.38 18.36 -30.36
C LEU C 250 -9.90 17.11 -31.07
N ILE C 251 -10.53 15.98 -30.76
CA ILE C 251 -10.06 14.66 -31.22
C ILE C 251 -10.14 14.50 -32.75
N ASP C 252 -11.22 15.00 -33.34
CA ASP C 252 -11.44 14.93 -34.78
C ASP C 252 -10.46 15.79 -35.56
N ASP C 253 -10.16 16.98 -35.04
CA ASP C 253 -9.13 17.85 -35.62
C ASP C 253 -7.75 17.23 -35.48
N MET C 254 -7.57 16.42 -34.44
CA MET C 254 -6.32 15.73 -34.19
C MET C 254 -6.06 14.62 -35.22
N VAL C 255 -7.08 13.82 -35.57
CA VAL C 255 -6.88 12.78 -36.60
C VAL C 255 -6.70 13.42 -37.97
N ALA C 256 -7.46 14.48 -38.24
CA ALA C 256 -7.33 15.28 -39.45
C ALA C 256 -5.90 15.76 -39.65
N GLN C 257 -5.32 16.33 -38.59
CA GLN C 257 -3.96 16.83 -38.63
C GLN C 257 -2.97 15.70 -38.89
N ALA C 258 -3.14 14.60 -38.17
CA ALA C 258 -2.28 13.41 -38.32
C ALA C 258 -2.27 12.91 -39.76
N MET C 259 -3.47 12.69 -40.30
CA MET C 259 -3.69 12.33 -41.71
C MET C 259 -2.90 13.13 -42.74
N LYS C 260 -2.74 14.43 -42.47
CA LYS C 260 -2.18 15.38 -43.44
C LYS C 260 -0.82 15.97 -43.02
N SER C 261 -0.11 15.34 -42.09
CA SER C 261 1.20 15.85 -41.63
C SER C 261 2.33 14.88 -41.92
N GLU C 262 3.54 15.39 -41.74
CA GLU C 262 4.76 14.59 -41.86
C GLU C 262 5.08 13.83 -40.57
N GLY C 263 4.35 14.13 -39.50
CA GLY C 263 4.62 13.57 -38.18
C GLY C 263 5.48 14.51 -37.38
N GLY C 264 6.14 13.98 -36.36
CA GLY C 264 7.03 14.76 -35.50
C GLY C 264 6.32 15.67 -34.51
N PHE C 265 5.24 15.16 -33.93
CA PHE C 265 4.62 15.81 -32.77
C PHE C 265 4.24 14.77 -31.74
N ILE C 266 3.96 15.25 -30.52
CA ILE C 266 3.53 14.41 -29.43
C ILE C 266 2.06 14.67 -29.21
N TRP C 267 1.30 13.59 -29.10
CA TRP C 267 -0.14 13.62 -28.98
C TRP C 267 -0.51 12.97 -27.65
N ALA C 268 -0.81 13.81 -26.65
CA ALA C 268 -1.28 13.33 -25.36
C ALA C 268 -2.77 13.05 -25.46
N CYS C 269 -3.14 11.77 -25.40
CA CYS C 269 -4.53 11.37 -25.57
C CYS C 269 -5.20 11.31 -24.21
N LYS C 270 -6.42 11.82 -24.14
CA LYS C 270 -7.21 11.72 -22.93
C LYS C 270 -8.60 11.19 -23.27
N ASN C 271 -8.80 9.91 -22.94
CA ASN C 271 -10.07 9.20 -23.10
C ASN C 271 -10.38 8.57 -21.74
N TYR C 272 -11.36 7.67 -21.66
CA TYR C 272 -11.67 6.99 -20.40
C TYR C 272 -11.09 5.55 -20.33
N ASP C 273 -9.77 5.46 -20.60
CA ASP C 273 -8.87 4.26 -20.62
C ASP C 273 -7.64 4.56 -21.61
N GLY C 274 -7.98 5.14 -22.77
CA GLY C 274 -7.05 5.40 -23.92
C GLY C 274 -7.67 5.16 -25.32
N VAL C 276 -9.53 4.72 -29.41
CA VAL C 276 -9.83 4.04 -30.73
C VAL C 276 -9.02 4.49 -31.94
N GLN C 277 -8.61 5.76 -31.97
CA GLN C 277 -7.93 6.39 -33.13
C GLN C 277 -6.50 6.83 -32.82
N SER C 278 -6.25 7.24 -31.59
CA SER C 278 -4.90 7.23 -31.04
C SER C 278 -4.33 5.86 -31.30
N ASP C 279 -5.01 4.82 -30.80
CA ASP C 279 -4.53 3.45 -30.91
C ASP C 279 -4.47 2.94 -32.34
N SER C 280 -5.17 3.60 -33.26
CA SER C 280 -5.14 3.25 -34.66
C SER C 280 -3.89 3.77 -35.33
N VAL C 281 -3.42 4.96 -34.96
CA VAL C 281 -2.14 5.51 -35.48
C VAL C 281 -0.93 4.57 -35.15
N ALA C 282 -0.92 4.00 -33.94
CA ALA C 282 0.14 3.10 -33.45
C ALA C 282 0.19 1.69 -34.05
N GLN C 283 -0.75 1.35 -34.90
CA GLN C 283 -0.71 0.08 -35.65
C GLN C 283 -0.53 0.37 -37.14
N GLY C 284 -0.32 1.64 -37.44
CA GLY C 284 -0.22 2.17 -38.78
C GLY C 284 1.22 2.36 -39.19
N TYR C 285 2.20 1.90 -38.39
CA TYR C 285 3.60 1.91 -38.81
C TYR C 285 4.12 0.49 -39.14
N GLY C 286 3.26 -0.33 -39.75
CA GLY C 286 3.69 -1.62 -40.31
C GLY C 286 3.59 -2.81 -39.38
N SER C 287 4.43 -2.85 -38.37
CA SER C 287 4.55 -4.05 -37.53
C SER C 287 4.75 -3.72 -36.06
N LEU C 288 4.21 -4.58 -35.21
CA LEU C 288 4.34 -4.47 -33.77
C LEU C 288 5.78 -4.46 -33.28
N GLY C 289 6.67 -5.13 -34.01
CA GLY C 289 8.10 -5.12 -33.68
C GLY C 289 8.80 -3.80 -33.84
N MET C 290 8.11 -2.78 -34.31
CA MET C 290 8.71 -1.47 -34.54
C MET C 290 8.17 -0.37 -33.61
N MET C 291 7.64 -0.74 -32.45
CA MET C 291 6.98 0.21 -31.57
C MET C 291 7.58 0.08 -30.17
N THR C 292 8.24 1.14 -29.69
CA THR C 292 8.71 1.22 -28.30
C THR C 292 7.79 2.02 -27.38
N SER C 293 7.87 1.73 -26.08
CA SER C 293 7.25 2.51 -24.98
C SER C 293 8.34 3.20 -24.19
N VAL C 294 8.11 4.44 -23.78
CA VAL C 294 8.98 5.11 -22.82
C VAL C 294 8.09 5.67 -21.73
N LEU C 295 8.32 5.24 -20.50
CA LEU C 295 7.67 5.78 -19.32
C LEU C 295 8.46 6.99 -18.87
N VAL C 296 7.83 8.17 -18.86
CA VAL C 296 8.49 9.42 -18.48
C VAL C 296 7.82 9.97 -17.22
N CYS C 297 8.61 10.21 -16.18
CA CYS C 297 8.12 10.72 -14.91
C CYS C 297 7.98 12.23 -14.97
N PRO C 298 7.22 12.83 -14.02
CA PRO C 298 7.03 14.29 -14.02
C PRO C 298 8.31 15.10 -13.83
N ASP C 299 9.22 14.61 -12.98
CA ASP C 299 10.53 15.24 -12.76
C ASP C 299 11.40 15.46 -14.02
N GLY C 300 11.13 14.75 -15.12
CA GLY C 300 11.96 14.80 -16.33
C GLY C 300 13.20 13.93 -16.29
N LYS C 301 13.55 13.47 -15.09
CA LYS C 301 14.83 12.86 -14.80
C LYS C 301 14.80 11.32 -14.94
N THR C 302 13.68 10.70 -14.61
CA THR C 302 13.58 9.23 -14.56
C THR C 302 12.77 8.67 -15.74
N VAL C 303 13.33 7.69 -16.44
CA VAL C 303 12.61 6.99 -17.52
C VAL C 303 12.75 5.47 -17.43
N GLU C 304 11.75 4.77 -17.95
CA GLU C 304 11.80 3.32 -18.16
C GLU C 304 11.43 3.00 -19.61
N ALA C 305 12.34 2.37 -20.34
CA ALA C 305 12.14 2.05 -21.76
C ALA C 305 11.79 0.59 -21.93
N GLU C 306 10.93 0.30 -22.89
CA GLU C 306 10.35 -1.03 -23.07
C GLU C 306 9.76 -1.18 -24.48
N ALA C 307 9.80 -2.38 -25.04
CA ALA C 307 9.06 -2.63 -26.29
C ALA C 307 7.55 -2.53 -25.99
N ALA C 308 6.80 -1.99 -26.96
CA ALA C 308 5.36 -1.86 -26.83
C ALA C 308 4.62 -3.17 -27.05
N HIS C 309 5.20 -4.07 -27.85
CA HIS C 309 4.58 -5.38 -28.08
C HIS C 309 4.69 -6.30 -26.87
N GLY C 310 4.01 -7.43 -26.96
CA GLY C 310 4.07 -8.46 -25.94
C GLY C 310 5.24 -9.43 -26.09
N THR C 311 5.09 -10.59 -25.46
CA THR C 311 6.17 -11.58 -25.37
C THR C 311 6.27 -12.50 -26.60
N VAL C 312 5.32 -12.38 -27.51
CA VAL C 312 5.32 -13.09 -28.78
C VAL C 312 5.21 -14.59 -28.54
N THR C 313 4.20 -14.97 -27.76
CA THR C 313 3.98 -16.35 -27.36
C THR C 313 3.99 -17.30 -28.55
N ARG C 314 3.36 -16.92 -29.65
CA ARG C 314 3.27 -17.83 -30.80
C ARG C 314 4.67 -18.23 -31.30
N HIS C 315 5.57 -17.27 -31.40
CA HIS C 315 6.94 -17.55 -31.83
C HIS C 315 7.67 -18.36 -30.77
N TYR C 316 7.42 -18.06 -29.50
CA TYR C 316 8.04 -18.83 -28.42
C TYR C 316 7.71 -20.32 -28.50
N ARG C 317 6.45 -20.65 -28.78
CA ARG C 317 6.02 -22.05 -28.90
C ARG C 317 6.77 -22.79 -30.02
N MET C 318 7.07 -22.07 -31.11
CA MET C 318 7.84 -22.62 -32.20
C MET C 318 9.28 -22.86 -31.76
N TYR C 319 9.88 -21.88 -31.10
CA TYR C 319 11.20 -22.00 -30.51
C TYR C 319 11.31 -23.19 -29.54
N GLN C 320 10.26 -23.47 -28.78
CA GLN C 320 10.24 -24.61 -27.85
C GLN C 320 10.22 -25.97 -28.53
N LYS C 321 9.62 -26.01 -29.73
CA LYS C 321 9.59 -27.19 -30.56
C LYS C 321 10.78 -27.28 -31.53
N GLY C 322 11.75 -26.39 -31.40
CA GLY C 322 12.92 -26.41 -32.26
C GLY C 322 12.68 -25.97 -33.68
N GLN C 323 11.63 -25.17 -33.90
CA GLN C 323 11.30 -24.63 -35.21
C GLN C 323 11.82 -23.21 -35.38
N GLU C 324 12.06 -22.84 -36.63
CA GLU C 324 12.65 -21.56 -36.98
C GLU C 324 11.66 -20.45 -36.73
N THR C 325 12.16 -19.35 -36.19
CA THR C 325 11.33 -18.16 -35.94
C THR C 325 11.90 -16.98 -36.67
N SER C 326 11.07 -15.97 -36.90
CA SER C 326 11.53 -14.69 -37.41
C SER C 326 10.90 -13.57 -36.55
N THR C 327 11.49 -13.34 -35.39
CA THR C 327 10.98 -12.37 -34.43
C THR C 327 11.79 -11.07 -34.50
N ASN C 328 11.09 -9.96 -34.65
CA ASN C 328 11.71 -8.66 -34.85
C ASN C 328 12.23 -8.08 -33.53
N PRO C 329 13.54 -7.84 -33.39
CA PRO C 329 14.10 -7.34 -32.16
C PRO C 329 14.17 -5.80 -32.03
N ILE C 330 13.71 -5.07 -33.03
CA ILE C 330 13.97 -3.62 -33.11
C ILE C 330 13.40 -2.86 -31.91
N ALA C 331 12.13 -3.09 -31.59
CA ALA C 331 11.49 -2.44 -30.45
C ALA C 331 12.27 -2.70 -29.16
N SER C 332 12.68 -3.95 -28.96
CA SER C 332 13.51 -4.30 -27.81
C SER C 332 14.88 -3.63 -27.84
N ILE C 333 15.49 -3.55 -29.01
CA ILE C 333 16.79 -2.85 -29.16
C ILE C 333 16.64 -1.37 -28.84
N PHE C 334 15.57 -0.77 -29.35
CA PHE C 334 15.33 0.66 -29.13
C PHE C 334 14.99 0.99 -27.67
N ALA C 335 14.49 0.01 -26.91
CA ALA C 335 14.39 0.17 -25.45
C ALA C 335 15.77 0.40 -24.84
N TRP C 336 16.75 -0.42 -25.21
CA TRP C 336 18.10 -0.22 -24.75
C TRP C 336 18.68 1.13 -25.19
N THR C 337 18.53 1.46 -26.46
CA THR C 337 19.16 2.67 -27.01
C THR C 337 18.53 3.93 -26.44
N ARG C 338 17.22 3.93 -26.27
CA ARG C 338 16.55 5.08 -25.66
C ARG C 338 16.82 5.20 -24.15
N GLY C 339 16.96 4.07 -23.47
CA GLY C 339 17.41 4.03 -22.09
C GLY C 339 18.84 4.54 -21.94
N LEU C 340 19.75 3.96 -22.72
CA LEU C 340 21.16 4.40 -22.70
C LEU C 340 21.34 5.86 -23.14
N ALA C 341 20.50 6.34 -24.05
CA ALA C 341 20.54 7.75 -24.48
C ALA C 341 20.17 8.69 -23.33
N HIS C 342 19.15 8.31 -22.56
CA HIS C 342 18.74 9.10 -21.40
C HIS C 342 19.80 9.05 -20.30
N ARG C 343 20.32 7.85 -20.04
CA ARG C 343 21.46 7.67 -19.15
C ARG C 343 22.62 8.61 -19.51
N ALA C 344 22.93 8.70 -20.80
CA ALA C 344 24.03 9.54 -21.29
C ALA C 344 23.77 11.02 -21.10
N LYS C 345 22.51 11.44 -21.28
CA LYS C 345 22.13 12.82 -21.08
C LYS C 345 22.23 13.24 -19.60
N LEU C 346 21.81 12.36 -18.69
CA LEU C 346 21.97 12.61 -17.25
C LEU C 346 23.43 12.66 -16.80
N ASP C 347 24.21 11.67 -17.24
CA ASP C 347 25.64 11.58 -16.88
C ASP C 347 26.56 12.45 -17.74
N ASN C 348 26.01 13.12 -18.76
CA ASN C 348 26.81 13.97 -19.66
C ASN C 348 27.95 13.19 -20.35
N ASN C 349 27.57 12.03 -20.89
CA ASN C 349 28.50 11.04 -21.38
C ASN C 349 28.45 11.04 -22.92
N LYS C 350 29.37 11.79 -23.54
CA LYS C 350 29.46 11.89 -25.00
C LYS C 350 29.58 10.51 -25.68
N GLU C 351 30.45 9.65 -25.16
CA GLU C 351 30.70 8.34 -25.77
C GLU C 351 29.48 7.40 -25.77
N LEU C 352 28.70 7.41 -24.68
CA LEU C 352 27.51 6.58 -24.58
C LEU C 352 26.37 7.11 -25.43
N ALA C 353 26.26 8.43 -25.56
CA ALA C 353 25.24 9.03 -26.42
C ALA C 353 25.49 8.68 -27.86
N PHE C 354 26.78 8.71 -28.25
CA PHE C 354 27.21 8.31 -29.59
C PHE C 354 26.88 6.86 -29.90
N PHE C 355 27.24 5.96 -28.99
CA PHE C 355 26.95 4.54 -29.12
C PHE C 355 25.46 4.27 -29.29
N ALA C 356 24.64 4.88 -28.44
CA ALA C 356 23.20 4.67 -28.48
C ALA C 356 22.63 5.05 -29.83
N ASN C 357 23.04 6.21 -30.33
CA ASN C 357 22.61 6.66 -31.64
C ASN C 357 23.15 5.76 -32.78
N ALA C 358 24.39 5.30 -32.65
CA ALA C 358 24.99 4.40 -33.63
C ALA C 358 24.15 3.13 -33.79
N LEU C 359 23.76 2.53 -32.67
CA LEU C 359 22.99 1.29 -32.70
C LEU C 359 21.61 1.51 -33.31
N GLU C 360 21.02 2.69 -33.12
CA GLU C 360 19.76 3.02 -33.78
C GLU C 360 19.95 3.13 -35.30
N GLU C 361 20.99 3.85 -35.72
CA GLU C 361 21.33 3.99 -37.16
C GLU C 361 21.58 2.64 -37.84
N VAL C 362 22.36 1.78 -37.19
CA VAL C 362 22.66 0.44 -37.70
C VAL C 362 21.38 -0.38 -37.91
N SER C 363 20.51 -0.34 -36.91
CA SER C 363 19.24 -1.04 -36.96
C SER C 363 18.39 -0.64 -38.16
N ILE C 364 18.24 0.66 -38.36
CA ILE C 364 17.47 1.18 -39.48
C ILE C 364 18.18 0.94 -40.81
N GLU C 365 19.49 1.16 -40.84
CA GLU C 365 20.31 0.92 -42.03
C GLU C 365 20.22 -0.54 -42.52
N THR C 366 20.28 -1.47 -41.57
CA THR C 366 20.20 -2.89 -41.90
C THR C 366 18.87 -3.20 -42.61
N ILE C 367 17.77 -2.72 -42.05
CA ILE C 367 16.44 -2.93 -42.62
C ILE C 367 16.33 -2.21 -43.97
N GLU C 368 16.81 -0.97 -44.03
CA GLU C 368 16.73 -0.20 -45.27
C GLU C 368 17.60 -0.79 -46.37
N ALA C 369 18.63 -1.54 -46.00
CA ALA C 369 19.46 -2.28 -46.94
C ALA C 369 18.85 -3.61 -47.41
N GLY C 370 17.67 -3.98 -46.94
CA GLY C 370 16.98 -5.20 -47.38
C GLY C 370 17.06 -6.41 -46.46
N PHE C 371 17.76 -6.30 -45.34
CA PHE C 371 17.87 -7.42 -44.38
C PHE C 371 16.87 -7.20 -43.24
N MET C 372 15.90 -8.09 -43.11
CA MET C 372 14.78 -7.89 -42.20
C MET C 372 14.11 -9.18 -41.82
N THR C 373 13.35 -9.13 -40.73
CA THR C 373 12.54 -10.27 -40.29
C THR C 373 11.27 -10.37 -41.12
N LYS C 374 10.59 -11.50 -41.00
CA LYS C 374 9.47 -11.84 -41.86
C LYS C 374 8.29 -10.87 -41.81
N ASP C 375 8.00 -10.36 -40.61
CA ASP C 375 6.96 -9.34 -40.42
C ASP C 375 7.17 -8.14 -41.35
N LEU C 376 8.40 -7.66 -41.43
CA LEU C 376 8.69 -6.48 -42.24
C LEU C 376 8.64 -6.83 -43.73
N ALA C 377 9.11 -8.02 -44.10
CA ALA C 377 8.97 -8.50 -45.47
C ALA C 377 7.52 -8.57 -45.89
N ALA C 378 6.66 -8.99 -44.98
CA ALA C 378 5.22 -9.01 -45.23
C ALA C 378 4.61 -7.62 -45.42
N CYS C 379 5.07 -6.62 -44.66
CA CYS C 379 4.64 -5.24 -44.90
C CYS C 379 4.92 -4.78 -46.32
N ILE C 380 6.07 -5.17 -46.85
CA ILE C 380 6.47 -4.76 -48.20
C ILE C 380 5.71 -5.56 -49.26
N LYS C 381 5.72 -6.88 -49.17
CA LYS C 381 5.25 -7.76 -50.24
C LYS C 381 3.84 -8.31 -50.06
N GLY C 382 3.29 -8.24 -48.86
CA GLY C 382 2.08 -8.98 -48.52
C GLY C 382 2.43 -10.42 -48.15
N LEU C 383 1.92 -10.87 -47.01
CA LEU C 383 2.28 -12.17 -46.43
C LEU C 383 2.19 -13.36 -47.41
N PRO C 384 1.13 -13.42 -48.25
CA PRO C 384 1.05 -14.54 -49.22
C PRO C 384 2.22 -14.60 -50.22
N ASN C 385 2.83 -13.46 -50.50
CA ASN C 385 3.94 -13.35 -51.45
C ASN C 385 5.33 -13.43 -50.84
N VAL C 386 5.42 -13.69 -49.54
CA VAL C 386 6.71 -13.73 -48.87
C VAL C 386 7.27 -15.12 -49.04
N GLN C 387 8.50 -15.19 -49.57
CA GLN C 387 9.26 -16.42 -49.66
C GLN C 387 10.33 -16.40 -48.60
N ARG C 388 10.94 -17.56 -48.34
CA ARG C 388 11.99 -17.67 -47.32
C ARG C 388 13.24 -16.82 -47.65
N SER C 389 13.54 -16.63 -48.93
CA SER C 389 14.65 -15.79 -49.35
C SER C 389 14.46 -14.29 -49.02
N ASP C 390 13.21 -13.85 -48.87
CA ASP C 390 12.91 -12.44 -48.54
C ASP C 390 13.25 -11.96 -47.10
N TYR C 391 13.54 -12.88 -46.19
CA TYR C 391 13.77 -12.48 -44.81
C TYR C 391 14.82 -13.33 -44.11
N LEU C 392 15.21 -12.89 -42.93
CA LEU C 392 16.11 -13.63 -42.06
C LEU C 392 15.37 -14.15 -40.83
N ASN C 393 15.83 -15.30 -40.30
CA ASN C 393 15.33 -15.79 -39.02
C ASN C 393 15.87 -14.95 -37.85
N THR C 394 15.33 -15.20 -36.67
CA THR C 394 15.62 -14.39 -35.50
C THR C 394 17.12 -14.24 -35.26
N PHE C 395 17.84 -15.36 -35.36
CA PHE C 395 19.27 -15.41 -35.05
C PHE C 395 20.10 -14.87 -36.19
N GLU C 396 19.69 -15.15 -37.43
CA GLU C 396 20.34 -14.56 -38.61
C GLU C 396 20.27 -13.03 -38.59
N PHE C 397 19.13 -12.47 -38.23
CA PHE C 397 18.97 -11.02 -38.20
C PHE C 397 19.79 -10.38 -37.07
N MET C 398 19.82 -11.01 -35.89
CA MET C 398 20.64 -10.49 -34.79
C MET C 398 22.13 -10.53 -35.15
N ASP C 399 22.57 -11.62 -35.79
CA ASP C 399 23.95 -11.71 -36.29
C ASP C 399 24.26 -10.58 -37.25
N LYS C 400 23.32 -10.32 -38.17
CA LYS C 400 23.51 -9.27 -39.14
C LYS C 400 23.63 -7.91 -38.48
N LEU C 401 22.77 -7.64 -37.49
CA LEU C 401 22.89 -6.41 -36.70
C LEU C 401 24.22 -6.31 -35.96
N GLY C 402 24.60 -7.39 -35.31
CA GLY C 402 25.86 -7.45 -34.55
C GLY C 402 27.08 -7.20 -35.42
N GLU C 403 27.05 -7.77 -36.61
CA GLU C 403 28.10 -7.63 -37.62
C GLU C 403 28.20 -6.15 -38.11
N ASN C 404 27.06 -5.54 -38.42
CA ASN C 404 27.02 -4.14 -38.85
C ASN C 404 27.37 -3.13 -37.77
N LEU C 405 26.97 -3.41 -36.53
CA LEU C 405 27.34 -2.59 -35.40
C LEU C 405 28.84 -2.54 -35.19
N LYS C 406 29.48 -3.71 -35.27
CA LYS C 406 30.93 -3.79 -35.13
C LYS C 406 31.62 -2.92 -36.18
N ILE C 407 31.18 -3.02 -37.43
CA ILE C 407 31.73 -2.24 -38.54
C ILE C 407 31.57 -0.75 -38.26
N LYS C 408 30.37 -0.34 -37.86
CA LYS C 408 30.07 1.07 -37.64
C LYS C 408 30.95 1.69 -36.55
N LEU C 409 31.15 0.97 -35.46
CA LEU C 409 31.98 1.47 -34.36
C LEU C 409 33.44 1.42 -34.67
N ALA C 410 33.85 0.45 -35.49
CA ALA C 410 35.21 0.36 -36.01
C ALA C 410 35.54 1.54 -36.90
N GLN C 411 34.60 1.91 -37.78
CA GLN C 411 34.75 3.07 -38.66
C GLN C 411 34.84 4.38 -37.86
N ALA C 412 34.00 4.49 -36.83
CA ALA C 412 34.05 5.63 -35.92
C ALA C 412 35.41 5.76 -35.25
N LYS C 413 35.94 4.66 -34.71
CA LYS C 413 37.30 4.65 -34.11
C LYS C 413 38.41 5.00 -35.09
N LEU C 414 38.27 4.60 -36.35
CA LEU C 414 39.29 4.87 -37.38
C LEU C 414 39.30 6.31 -37.90
N SER C 415 38.23 7.06 -37.65
CA SER C 415 38.10 8.41 -38.17
C SER C 415 38.64 9.40 -37.17
N LEU C 416 38.95 10.60 -37.65
CA LEU C 416 39.67 11.58 -36.87
C LEU C 416 40.82 11.01 -36.00
N LYS D 3 -46.54 12.68 -65.08
CA LYS D 3 -46.92 12.32 -63.68
C LYS D 3 -45.68 12.09 -62.82
N LYS D 4 -45.76 12.47 -61.54
CA LYS D 4 -44.69 12.22 -60.57
C LYS D 4 -44.85 10.89 -59.84
N ILE D 5 -43.77 10.43 -59.19
CA ILE D 5 -43.81 9.21 -58.38
C ILE D 5 -44.55 9.50 -57.07
N SER D 6 -45.46 8.60 -56.70
CA SER D 6 -46.15 8.69 -55.42
C SER D 6 -45.21 8.18 -54.33
N GLY D 7 -44.65 9.12 -53.57
CA GLY D 7 -43.62 8.82 -52.58
C GLY D 7 -44.09 8.33 -51.20
N GLY D 8 -45.29 8.74 -50.79
CA GLY D 8 -45.82 8.37 -49.47
C GLY D 8 -45.41 9.31 -48.35
N SER D 9 -45.47 8.82 -47.11
CA SER D 9 -45.27 9.65 -45.91
C SER D 9 -43.81 9.77 -45.51
N VAL D 10 -43.29 10.99 -45.46
CA VAL D 10 -41.93 11.25 -45.01
C VAL D 10 -41.90 12.45 -44.06
N VAL D 11 -41.25 12.28 -42.91
CA VAL D 11 -41.00 13.38 -41.99
C VAL D 11 -39.70 14.05 -42.43
N GLU D 12 -39.74 15.35 -42.63
CA GLU D 12 -38.59 16.12 -43.03
C GLU D 12 -38.27 17.13 -41.98
N MET D 13 -36.99 17.31 -41.68
CA MET D 13 -36.54 18.26 -40.67
C MET D 13 -35.53 19.25 -41.25
N GLN D 14 -35.91 20.52 -41.33
CA GLN D 14 -35.04 21.56 -41.82
C GLN D 14 -34.03 21.92 -40.74
N GLY D 15 -32.82 22.30 -41.17
CA GLY D 15 -31.71 22.58 -40.28
C GLY D 15 -31.17 23.99 -40.39
N ASP D 16 -29.85 24.13 -40.33
CA ASP D 16 -29.18 25.41 -40.17
C ASP D 16 -28.07 25.72 -41.18
N GLU D 17 -27.77 27.01 -41.30
CA GLU D 17 -26.59 27.52 -42.00
C GLU D 17 -26.43 26.92 -43.41
N MET D 18 -25.25 26.46 -43.82
CA MET D 18 -25.04 26.10 -45.22
C MET D 18 -25.85 24.88 -45.62
N THR D 19 -25.97 23.91 -44.73
CA THR D 19 -26.73 22.70 -45.02
C THR D 19 -28.20 23.01 -45.30
N ARG D 20 -28.76 24.03 -44.65
CA ARG D 20 -30.13 24.46 -44.93
C ARG D 20 -30.32 24.95 -46.38
N ILE D 21 -29.35 25.70 -46.90
CA ILE D 21 -29.36 26.18 -48.28
C ILE D 21 -29.36 24.99 -49.23
N ILE D 22 -28.43 24.09 -48.99
CA ILE D 22 -28.26 22.87 -49.79
C ILE D 22 -29.45 21.93 -49.73
N TRP D 23 -30.04 21.82 -48.56
CA TRP D 23 -31.22 21.03 -48.36
C TRP D 23 -32.34 21.50 -49.28
N GLU D 24 -32.53 22.81 -49.40
CA GLU D 24 -33.58 23.35 -50.29
C GLU D 24 -33.25 23.11 -51.78
N LEU D 25 -31.98 23.22 -52.16
CA LEU D 25 -31.57 22.93 -53.54
C LEU D 25 -31.84 21.47 -53.89
N ILE D 26 -31.60 20.57 -52.93
CA ILE D 26 -31.86 19.16 -53.15
C ILE D 26 -33.33 18.93 -53.38
N LYS D 27 -34.17 19.53 -52.55
CA LYS D 27 -35.61 19.37 -52.68
C LYS D 27 -36.10 19.94 -53.99
N GLU D 28 -35.67 21.16 -54.30
CA GLU D 28 -36.13 21.87 -55.50
C GLU D 28 -35.72 21.18 -56.81
N LYS D 29 -34.49 20.68 -56.87
CA LYS D 29 -33.89 20.18 -58.11
C LYS D 29 -33.83 18.67 -58.27
N LEU D 30 -33.61 17.94 -57.18
CA LEU D 30 -33.44 16.49 -57.25
C LEU D 30 -34.65 15.66 -56.84
N ILE D 31 -35.54 16.20 -56.01
CA ILE D 31 -36.60 15.40 -55.40
C ILE D 31 -37.98 15.78 -55.91
N PHE D 32 -38.42 17.00 -55.62
CA PHE D 32 -39.79 17.44 -55.94
C PHE D 32 -40.21 17.42 -57.43
N PRO D 33 -39.27 17.66 -58.37
CA PRO D 33 -39.63 17.49 -59.79
C PRO D 33 -40.08 16.08 -60.18
N TYR D 34 -39.57 15.06 -59.49
CA TYR D 34 -39.83 13.67 -59.84
C TYR D 34 -40.71 12.89 -58.84
N VAL D 35 -40.85 13.39 -57.61
CA VAL D 35 -41.53 12.66 -56.52
C VAL D 35 -42.52 13.56 -55.80
N GLU D 36 -43.74 13.07 -55.60
CA GLU D 36 -44.78 13.74 -54.81
C GLU D 36 -44.74 13.08 -53.44
N LEU D 37 -44.66 13.90 -52.39
CA LEU D 37 -44.55 13.38 -51.03
C LEU D 37 -45.64 13.93 -50.12
N ASP D 38 -46.22 13.03 -49.31
CA ASP D 38 -46.97 13.41 -48.12
C ASP D 38 -45.93 13.80 -47.08
N LEU D 39 -45.62 15.09 -47.05
CA LEU D 39 -44.46 15.60 -46.34
C LEU D 39 -44.89 16.19 -45.00
N HIS D 40 -44.26 15.74 -43.92
CA HIS D 40 -44.50 16.27 -42.59
C HIS D 40 -43.26 17.04 -42.17
N SER D 41 -43.31 18.35 -42.36
CA SER D 41 -42.14 19.21 -42.20
C SER D 41 -42.07 19.86 -40.84
N TYR D 42 -40.90 19.75 -40.21
CA TYR D 42 -40.61 20.38 -38.92
C TYR D 42 -39.35 21.19 -39.09
N ASP D 43 -39.39 22.45 -38.64
CA ASP D 43 -38.25 23.32 -38.78
C ASP D 43 -37.39 23.22 -37.52
N LEU D 44 -36.29 22.47 -37.60
CA LEU D 44 -35.35 22.36 -36.48
C LEU D 44 -34.23 23.35 -36.58
N GLY D 45 -34.39 24.38 -37.41
CA GLY D 45 -33.47 25.50 -37.37
C GLY D 45 -33.41 26.05 -35.95
N ILE D 46 -32.27 26.62 -35.59
CA ILE D 46 -32.06 27.03 -34.21
C ILE D 46 -33.02 28.10 -33.69
N GLU D 47 -33.44 29.02 -34.54
CA GLU D 47 -34.38 30.06 -34.10
C GLU D 47 -35.75 29.49 -33.75
N ASN D 48 -36.25 28.57 -34.57
CA ASN D 48 -37.53 27.93 -34.29
C ASN D 48 -37.46 27.01 -33.07
N ARG D 49 -36.31 26.39 -32.86
CA ARG D 49 -36.09 25.58 -31.66
C ARG D 49 -36.14 26.44 -30.42
N ASP D 50 -35.38 27.53 -30.42
CA ASP D 50 -35.43 28.47 -29.30
C ASP D 50 -36.87 28.94 -29.05
N ALA D 51 -37.55 29.37 -30.11
CA ALA D 51 -38.90 29.92 -29.99
C ALA D 51 -39.93 28.91 -29.46
N THR D 52 -39.72 27.61 -29.73
CA THR D 52 -40.64 26.56 -29.27
C THR D 52 -40.17 25.88 -27.98
N ASN D 53 -39.09 26.36 -27.37
CA ASN D 53 -38.43 25.73 -26.21
C ASN D 53 -38.03 24.29 -26.47
N ASP D 54 -37.52 24.10 -27.69
CA ASP D 54 -37.10 22.81 -28.23
C ASP D 54 -38.24 21.79 -28.41
N GLN D 55 -39.50 22.24 -28.37
CA GLN D 55 -40.64 21.35 -28.53
C GLN D 55 -40.74 20.79 -29.94
N VAL D 56 -40.38 21.60 -30.93
CA VAL D 56 -40.41 21.18 -32.33
C VAL D 56 -39.55 19.91 -32.57
N THR D 57 -38.44 19.79 -31.83
CA THR D 57 -37.58 18.60 -31.94
C THR D 57 -38.31 17.38 -31.44
N LYS D 58 -39.03 17.53 -30.33
CA LYS D 58 -39.82 16.45 -29.76
C LYS D 58 -40.95 16.08 -30.69
N ASP D 59 -41.68 17.09 -31.20
CA ASP D 59 -42.77 16.85 -32.16
C ASP D 59 -42.28 16.10 -33.39
N ALA D 60 -41.10 16.47 -33.89
CA ALA D 60 -40.47 15.81 -35.03
C ALA D 60 -40.19 14.34 -34.72
N ALA D 61 -39.58 14.07 -33.57
CA ALA D 61 -39.27 12.71 -33.19
C ALA D 61 -40.54 11.86 -33.09
N GLU D 62 -41.59 12.39 -32.48
CA GLU D 62 -42.86 11.68 -32.37
C GLU D 62 -43.45 11.41 -33.77
N ALA D 63 -43.29 12.35 -34.70
CA ALA D 63 -43.76 12.15 -36.08
C ALA D 63 -43.01 11.01 -36.79
N ILE D 64 -41.71 10.88 -36.55
CA ILE D 64 -40.91 9.79 -37.12
C ILE D 64 -41.36 8.44 -36.56
N LYS D 65 -41.59 8.40 -35.25
CA LYS D 65 -42.09 7.20 -34.57
C LYS D 65 -43.40 6.72 -35.20
N LYS D 66 -44.21 7.69 -35.63
CA LYS D 66 -45.51 7.45 -36.25
C LYS D 66 -45.43 7.06 -37.74
N HIS D 67 -44.62 7.76 -38.52
CA HIS D 67 -44.56 7.55 -39.98
C HIS D 67 -43.40 6.69 -40.47
N ASN D 68 -42.47 6.34 -39.58
CA ASN D 68 -41.36 5.40 -39.86
C ASN D 68 -40.16 5.92 -40.67
N VAL D 69 -40.27 7.09 -41.30
CA VAL D 69 -39.19 7.60 -42.15
C VAL D 69 -38.97 9.06 -41.87
N GLY D 70 -37.73 9.38 -41.46
CA GLY D 70 -37.28 10.74 -41.24
C GLY D 70 -36.07 11.04 -42.11
N VAL D 71 -36.04 12.25 -42.66
CA VAL D 71 -34.86 12.77 -43.32
C VAL D 71 -34.58 14.13 -42.72
N LYS D 72 -33.38 14.32 -42.19
CA LYS D 72 -33.04 15.53 -41.43
C LYS D 72 -31.77 16.22 -41.95
N CYS D 73 -31.86 17.54 -42.00
CA CYS D 73 -30.76 18.42 -42.34
C CYS D 73 -29.90 18.64 -41.10
N ALA D 74 -28.62 18.96 -41.28
CA ALA D 74 -27.74 19.24 -40.15
C ALA D 74 -28.21 20.46 -39.36
N THR D 75 -28.01 20.41 -38.05
CA THR D 75 -28.48 21.44 -37.16
C THR D 75 -27.34 21.96 -36.29
N ILE D 76 -27.48 23.17 -35.76
CA ILE D 76 -26.53 23.73 -34.79
C ILE D 76 -26.75 23.07 -33.43
N THR D 77 -25.67 22.59 -32.82
CA THR D 77 -25.68 22.18 -31.42
C THR D 77 -25.14 23.35 -30.60
N PRO D 78 -25.97 23.99 -29.78
CA PRO D 78 -25.53 25.20 -29.10
C PRO D 78 -24.43 24.98 -28.06
N ASP D 79 -23.46 25.89 -28.07
CA ASP D 79 -22.46 26.04 -27.00
C ASP D 79 -22.57 27.49 -26.50
N GLU D 80 -21.66 27.93 -25.63
CA GLU D 80 -21.73 29.30 -25.10
C GLU D 80 -21.74 30.37 -26.18
N LYS D 81 -20.85 30.23 -27.17
CA LYS D 81 -20.77 31.20 -28.27
C LYS D 81 -22.08 31.30 -29.06
N ARG D 82 -22.73 30.16 -29.29
CA ARG D 82 -24.04 30.14 -29.96
C ARG D 82 -25.13 30.80 -29.13
N VAL D 83 -25.08 30.60 -27.80
CA VAL D 83 -26.00 31.27 -26.90
C VAL D 83 -25.84 32.79 -27.06
N GLU D 84 -24.60 33.29 -27.11
CA GLU D 84 -24.39 34.75 -27.26
C GLU D 84 -24.80 35.23 -28.65
N GLU D 85 -24.52 34.44 -29.69
CA GLU D 85 -24.83 34.78 -31.09
C GLU D 85 -26.32 34.97 -31.35
N PHE D 86 -27.13 34.01 -30.89
CA PHE D 86 -28.59 34.04 -31.11
C PHE D 86 -29.38 34.51 -29.88
N LYS D 87 -28.67 34.92 -28.80
CA LYS D 87 -29.28 35.27 -27.51
C LYS D 87 -30.32 34.22 -27.13
N LEU D 88 -29.86 32.97 -27.10
CA LEU D 88 -30.71 31.82 -26.79
C LEU D 88 -31.19 31.86 -25.34
N LYS D 89 -32.32 31.21 -25.09
CA LYS D 89 -32.93 31.15 -23.75
C LYS D 89 -32.22 30.14 -22.87
N GLN D 90 -31.90 28.98 -23.44
CA GLN D 90 -31.04 27.98 -22.80
C GLN D 90 -30.06 27.39 -23.81
N MET D 91 -29.02 26.74 -23.30
CA MET D 91 -28.11 25.96 -24.12
C MET D 91 -28.78 24.64 -24.42
N TRP D 92 -29.62 24.66 -25.46
CA TRP D 92 -30.49 23.54 -25.82
C TRP D 92 -29.67 22.31 -26.15
N LYS D 93 -30.25 21.15 -25.89
CA LYS D 93 -29.59 19.86 -26.10
C LYS D 93 -29.54 19.61 -27.62
N SER D 94 -28.55 18.85 -28.06
CA SER D 94 -28.46 18.45 -29.48
C SER D 94 -29.77 17.80 -29.95
N PRO D 95 -30.37 18.31 -31.05
CA PRO D 95 -31.61 17.66 -31.50
C PRO D 95 -31.43 16.21 -31.93
N ASN D 96 -30.24 15.87 -32.41
CA ASN D 96 -29.88 14.48 -32.72
C ASN D 96 -30.02 13.58 -31.51
N GLY D 97 -29.49 14.05 -30.37
CA GLY D 97 -29.60 13.36 -29.09
C GLY D 97 -31.06 13.16 -28.67
N THR D 98 -31.82 14.23 -28.73
CA THR D 98 -33.22 14.19 -28.37
C THR D 98 -34.03 13.23 -29.25
N ILE D 99 -33.74 13.22 -30.55
CA ILE D 99 -34.49 12.34 -31.47
C ILE D 99 -34.10 10.89 -31.26
N ARG D 100 -32.80 10.64 -31.21
CA ARG D 100 -32.26 9.30 -30.96
C ARG D 100 -32.76 8.73 -29.63
N ASN D 101 -32.85 9.58 -28.63
CA ASN D 101 -33.37 9.20 -27.30
C ASN D 101 -34.84 8.77 -27.37
N ILE D 102 -35.68 9.61 -27.95
CA ILE D 102 -37.10 9.32 -28.09
C ILE D 102 -37.35 8.07 -28.94
N LEU D 103 -36.56 7.88 -30.00
CA LEU D 103 -36.77 6.75 -30.92
C LEU D 103 -36.08 5.47 -30.46
N GLY D 104 -35.05 5.62 -29.62
CA GLY D 104 -34.35 4.49 -29.03
C GLY D 104 -33.36 3.78 -29.96
N GLY D 105 -32.99 4.43 -31.06
CA GLY D 105 -32.18 3.76 -32.07
C GLY D 105 -30.69 3.83 -31.84
N THR D 106 -29.98 3.26 -32.81
CA THR D 106 -28.54 3.35 -32.92
C THR D 106 -28.20 4.02 -34.25
N VAL D 107 -27.25 4.97 -34.21
CA VAL D 107 -26.79 5.70 -35.38
C VAL D 107 -25.63 4.98 -36.03
N PHE D 108 -25.72 4.75 -37.34
CA PHE D 108 -24.70 4.08 -38.13
C PHE D 108 -24.18 5.02 -39.22
N ARG D 109 -22.87 5.27 -39.19
CA ARG D 109 -22.20 6.10 -40.20
C ARG D 109 -21.64 5.26 -41.35
N GLU D 110 -21.92 5.67 -42.57
CA GLU D 110 -21.52 4.96 -43.77
C GLU D 110 -20.98 5.94 -44.77
N ALA D 111 -19.77 5.72 -45.26
CA ALA D 111 -19.20 6.51 -46.36
C ALA D 111 -19.84 6.20 -47.71
N ILE D 112 -19.78 7.19 -48.61
CA ILE D 112 -20.05 6.98 -50.02
C ILE D 112 -18.69 6.90 -50.72
N ILE D 113 -18.41 5.75 -51.35
CA ILE D 113 -17.15 5.51 -52.06
C ILE D 113 -17.30 5.85 -53.55
N CYS D 114 -16.38 6.69 -54.04
CA CYS D 114 -16.21 6.91 -55.47
C CYS D 114 -14.82 6.38 -55.85
N LYS D 115 -14.75 5.71 -57.00
CA LYS D 115 -13.51 5.04 -57.45
C LYS D 115 -12.28 5.96 -57.61
N ASN D 116 -12.51 7.21 -57.97
CA ASN D 116 -11.43 8.19 -58.13
C ASN D 116 -11.04 8.96 -56.87
N ILE D 117 -11.68 8.70 -55.74
CA ILE D 117 -11.38 9.39 -54.49
C ILE D 117 -10.55 8.46 -53.60
N PRO D 118 -9.33 8.89 -53.21
CA PRO D 118 -8.51 8.11 -52.29
C PRO D 118 -9.17 7.86 -50.93
N ARG D 119 -8.93 6.68 -50.38
CA ARG D 119 -9.26 6.36 -48.99
C ARG D 119 -7.97 6.15 -48.24
N LEU D 120 -8.10 6.02 -46.92
CA LEU D 120 -6.99 5.77 -46.02
C LEU D 120 -6.25 4.51 -46.46
N VAL D 121 -7.04 3.46 -46.69
CA VAL D 121 -6.57 2.17 -47.14
C VAL D 121 -7.12 1.98 -48.54
N SER D 122 -6.23 1.82 -49.52
CA SER D 122 -6.64 1.76 -50.93
C SER D 122 -7.44 0.51 -51.30
N GLY D 123 -7.21 -0.59 -50.57
CA GLY D 123 -8.00 -1.81 -50.72
C GLY D 123 -9.49 -1.71 -50.44
N TRP D 124 -9.93 -0.71 -49.68
CA TRP D 124 -11.35 -0.56 -49.37
C TRP D 124 -12.13 -0.28 -50.64
N VAL D 125 -13.01 -1.21 -51.03
CA VAL D 125 -13.95 -0.98 -52.14
C VAL D 125 -15.40 -0.82 -51.64
N LYS D 126 -15.73 -1.43 -50.50
CA LYS D 126 -16.99 -1.17 -49.80
C LYS D 126 -16.74 -0.44 -48.48
N PRO D 127 -17.75 0.27 -47.97
CA PRO D 127 -17.57 0.96 -46.69
C PRO D 127 -17.61 0.02 -45.49
N ILE D 128 -17.01 0.48 -44.40
CA ILE D 128 -17.13 -0.15 -43.10
C ILE D 128 -18.10 0.73 -42.33
N ILE D 129 -19.26 0.17 -42.01
CA ILE D 129 -20.33 0.93 -41.35
C ILE D 129 -20.07 0.87 -39.86
N ILE D 130 -20.03 2.03 -39.21
CA ILE D 130 -19.70 2.10 -37.78
C ILE D 130 -20.89 2.57 -36.96
N GLY D 131 -21.32 1.73 -36.03
CA GLY D 131 -22.43 2.02 -35.13
C GLY D 131 -21.94 2.41 -33.75
N HIS D 132 -22.62 3.35 -33.11
CA HIS D 132 -22.24 3.83 -31.78
CA HIS D 132 -22.24 3.84 -31.78
C HIS D 132 -23.33 3.61 -30.74
N HIS D 133 -22.90 3.27 -29.52
CA HIS D 133 -23.82 3.25 -28.39
C HIS D 133 -23.75 4.59 -27.67
N ALA D 134 -24.80 5.40 -27.86
CA ALA D 134 -24.86 6.75 -27.32
C ALA D 134 -25.79 6.84 -26.11
N TYR D 135 -25.64 7.96 -25.39
CA TYR D 135 -26.47 8.25 -24.23
C TYR D 135 -27.96 8.37 -24.56
N GLY D 136 -28.78 8.11 -23.54
CA GLY D 136 -30.24 8.15 -23.66
C GLY D 136 -30.93 8.18 -22.32
N ASP D 137 -32.22 7.80 -22.31
CA ASP D 137 -33.00 7.72 -21.07
C ASP D 137 -32.46 6.66 -20.11
N GLN D 138 -31.83 5.61 -20.66
CA GLN D 138 -31.36 4.49 -19.85
C GLN D 138 -29.84 4.28 -19.88
N TYR D 139 -29.11 5.31 -20.30
CA TYR D 139 -27.65 5.31 -20.36
C TYR D 139 -27.15 6.76 -20.27
N ARG D 140 -26.66 7.17 -19.11
CA ARG D 140 -26.35 8.59 -18.85
C ARG D 140 -25.25 8.71 -17.80
N ALA D 141 -24.55 9.85 -17.81
CA ALA D 141 -23.45 10.09 -16.89
C ALA D 141 -23.45 11.52 -16.38
N THR D 142 -23.22 11.68 -15.09
CA THR D 142 -22.94 12.97 -14.49
C THR D 142 -21.49 12.97 -14.05
N ASP D 143 -20.87 14.15 -14.10
CA ASP D 143 -19.55 14.38 -13.53
C ASP D 143 -19.59 15.66 -12.71
N PHE D 144 -18.63 15.83 -11.80
CA PHE D 144 -18.56 17.04 -10.99
C PHE D 144 -17.19 17.28 -10.39
N VAL D 145 -16.92 18.54 -10.07
CA VAL D 145 -15.66 18.93 -9.44
C VAL D 145 -15.71 18.58 -7.96
N VAL D 146 -14.79 17.73 -7.54
CA VAL D 146 -14.53 17.49 -6.13
C VAL D 146 -13.66 18.66 -5.66
N PRO D 147 -14.24 19.58 -4.85
CA PRO D 147 -13.56 20.82 -4.50
C PRO D 147 -12.42 20.68 -3.50
N GLY D 148 -12.41 19.61 -2.72
CA GLY D 148 -11.35 19.40 -1.74
C GLY D 148 -11.45 18.07 -1.03
N PRO D 149 -10.64 17.86 0.01
CA PRO D 149 -10.64 16.62 0.78
C PRO D 149 -12.04 16.10 1.09
N GLY D 150 -12.23 14.80 1.01
CA GLY D 150 -13.50 14.18 1.34
C GLY D 150 -13.56 12.70 1.05
N LYS D 151 -14.68 12.27 0.47
CA LYS D 151 -15.00 10.86 0.34
C LYS D 151 -16.10 10.72 -0.70
N VAL D 152 -15.73 10.29 -1.91
CA VAL D 152 -16.72 9.97 -2.94
C VAL D 152 -17.19 8.52 -2.80
N GLU D 153 -18.50 8.33 -2.95
CA GLU D 153 -19.14 7.02 -2.83
C GLU D 153 -20.21 6.91 -3.88
N ILE D 154 -20.54 5.69 -4.27
CA ILE D 154 -21.69 5.40 -5.14
C ILE D 154 -22.50 4.29 -4.47
N THR D 155 -23.78 4.56 -4.24
CA THR D 155 -24.65 3.69 -3.44
C THR D 155 -25.81 3.18 -4.28
N TYR D 156 -26.38 2.05 -3.86
CA TYR D 156 -27.51 1.40 -4.52
C TYR D 156 -28.54 1.05 -3.44
N THR D 157 -29.66 1.75 -3.46
CA THR D 157 -30.78 1.51 -2.55
C THR D 157 -31.83 0.68 -3.31
N PRO D 158 -31.88 -0.65 -3.08
CA PRO D 158 -32.81 -1.49 -3.85
C PRO D 158 -34.30 -1.20 -3.54
N SER D 159 -35.16 -1.41 -4.54
CA SER D 159 -36.58 -1.01 -4.49
C SER D 159 -37.33 -1.78 -3.43
N ASP D 160 -37.15 -3.10 -3.41
CA ASP D 160 -37.82 -3.99 -2.45
C ASP D 160 -37.65 -3.62 -0.96
N GLY D 161 -36.62 -2.84 -0.64
CA GLY D 161 -36.36 -2.37 0.74
C GLY D 161 -35.34 -3.20 1.49
N THR D 162 -34.53 -3.96 0.76
CA THR D 162 -33.44 -4.76 1.35
C THR D 162 -32.25 -3.82 1.62
N GLN D 163 -31.23 -4.33 2.32
CA GLN D 163 -30.11 -3.50 2.79
C GLN D 163 -29.37 -2.81 1.63
N LYS D 164 -29.02 -1.54 1.83
CA LYS D 164 -28.38 -0.75 0.78
C LYS D 164 -26.90 -1.13 0.67
N VAL D 165 -26.39 -1.14 -0.55
CA VAL D 165 -25.04 -1.52 -0.85
C VAL D 165 -24.29 -0.24 -1.25
N THR D 166 -23.07 -0.08 -0.73
CA THR D 166 -22.26 1.13 -0.92
C THR D 166 -20.94 0.71 -1.56
N TYR D 167 -20.52 1.48 -2.57
CA TYR D 167 -19.25 1.24 -3.29
C TYR D 167 -18.40 2.51 -3.26
N LEU D 168 -17.21 2.39 -2.69
CA LEU D 168 -16.28 3.49 -2.64
C LEU D 168 -15.67 3.72 -4.02
N VAL D 169 -15.74 4.96 -4.47
CA VAL D 169 -15.05 5.39 -5.68
C VAL D 169 -13.61 5.81 -5.28
N HIS D 170 -13.48 6.58 -4.18
CA HIS D 170 -12.18 6.94 -3.59
C HIS D 170 -12.33 7.59 -2.21
N ASN D 171 -11.25 7.61 -1.43
CA ASN D 171 -11.10 8.50 -0.29
C ASN D 171 -10.10 9.59 -0.68
N PHE D 172 -10.60 10.79 -0.98
CA PHE D 172 -9.77 11.99 -1.22
C PHE D 172 -9.21 12.54 0.10
N GLU D 173 -7.98 12.21 0.46
CA GLU D 173 -7.31 12.80 1.64
C GLU D 173 -6.46 14.02 1.33
N GLU D 174 -6.02 14.17 0.07
CA GLU D 174 -5.10 15.25 -0.31
C GLU D 174 -5.93 16.42 -0.90
N GLY D 175 -5.57 16.94 -2.08
CA GLY D 175 -6.21 18.14 -2.62
C GLY D 175 -7.55 17.86 -3.26
N GLY D 176 -7.82 18.51 -4.39
CA GLY D 176 -9.09 18.34 -5.10
C GLY D 176 -9.08 17.27 -6.17
N GLY D 177 -9.97 17.41 -7.16
CA GLY D 177 -10.05 16.49 -8.28
C GLY D 177 -11.34 16.61 -9.06
N VAL D 178 -11.67 15.55 -9.80
CA VAL D 178 -12.96 15.40 -10.48
C VAL D 178 -13.44 13.97 -10.31
N ALA D 179 -14.75 13.78 -10.41
CA ALA D 179 -15.34 12.46 -10.33
C ALA D 179 -16.40 12.33 -11.36
N MET D 180 -16.89 11.11 -11.53
CA MET D 180 -17.99 10.84 -12.41
C MET D 180 -18.69 9.53 -12.06
N GLY D 181 -19.85 9.34 -12.66
CA GLY D 181 -20.65 8.15 -12.50
C GLY D 181 -21.39 7.91 -13.78
N MET D 182 -21.78 6.68 -14.02
CA MET D 182 -22.40 6.28 -15.28
C MET D 182 -23.20 5.03 -15.01
N TYR D 183 -24.29 4.84 -15.75
CA TYR D 183 -25.11 3.65 -15.61
C TYR D 183 -25.55 3.21 -16.98
N ASN D 184 -26.13 2.02 -17.05
CA ASN D 184 -26.61 1.46 -18.30
C ASN D 184 -27.61 0.35 -18.03
N GLN D 185 -28.85 0.52 -18.48
CA GLN D 185 -29.88 -0.48 -18.29
C GLN D 185 -29.76 -1.55 -19.37
N ASP D 186 -30.17 -2.77 -19.02
CA ASP D 186 -30.15 -3.88 -19.97
C ASP D 186 -30.91 -3.54 -21.25
N LYS D 187 -32.09 -2.93 -21.11
CA LYS D 187 -32.92 -2.49 -22.24
C LYS D 187 -32.15 -1.63 -23.27
N SER D 188 -31.40 -0.64 -22.77
CA SER D 188 -30.51 0.19 -23.60
C SER D 188 -29.52 -0.65 -24.42
N ILE D 189 -28.98 -1.70 -23.80
CA ILE D 189 -28.04 -2.61 -24.45
C ILE D 189 -28.76 -3.53 -25.44
N GLU D 190 -29.95 -3.98 -25.07
CA GLU D 190 -30.76 -4.85 -25.94
C GLU D 190 -31.18 -4.12 -27.20
N ASP D 191 -31.58 -2.86 -27.06
CA ASP D 191 -31.88 -1.96 -28.18
C ASP D 191 -30.68 -1.87 -29.14
N PHE D 192 -29.52 -1.55 -28.58
CA PHE D 192 -28.27 -1.43 -29.33
C PHE D 192 -27.91 -2.72 -30.10
N ALA D 193 -28.14 -3.87 -29.47
CA ALA D 193 -27.96 -5.17 -30.11
C ALA D 193 -28.96 -5.38 -31.24
N HIS D 194 -30.25 -5.27 -30.92
CA HIS D 194 -31.32 -5.39 -31.91
C HIS D 194 -31.09 -4.50 -33.14
N SER D 195 -30.84 -3.22 -32.91
CA SER D 195 -30.58 -2.27 -33.99
C SER D 195 -29.42 -2.71 -34.86
N SER D 196 -28.34 -3.19 -34.22
CA SER D 196 -27.15 -3.64 -34.94
C SER D 196 -27.38 -4.89 -35.79
N PHE D 197 -28.18 -5.84 -35.30
CA PHE D 197 -28.52 -7.04 -36.06
C PHE D 197 -29.47 -6.71 -37.23
N GLN D 198 -30.46 -5.87 -36.96
CA GLN D 198 -31.40 -5.37 -37.98
C GLN D 198 -30.66 -4.70 -39.12
N MET D 199 -29.68 -3.87 -38.77
CA MET D 199 -28.83 -3.16 -39.73
C MET D 199 -28.01 -4.12 -40.60
N ALA D 200 -27.46 -5.16 -39.96
CA ALA D 200 -26.74 -6.22 -40.67
C ALA D 200 -27.64 -6.98 -41.64
N LEU D 201 -28.81 -7.42 -41.20
CA LEU D 201 -29.77 -8.09 -42.09
C LEU D 201 -30.14 -7.21 -43.29
N SER D 202 -30.36 -5.91 -43.04
CA SER D 202 -30.68 -4.94 -44.10
C SER D 202 -29.60 -4.88 -45.20
N LYS D 203 -28.34 -4.67 -44.81
CA LYS D 203 -27.22 -4.56 -45.77
C LYS D 203 -26.71 -5.92 -46.29
N GLY D 204 -27.05 -7.01 -45.61
CA GLY D 204 -26.53 -8.34 -45.96
C GLY D 204 -25.06 -8.53 -45.66
N TRP D 205 -24.54 -7.78 -44.69
CA TRP D 205 -23.13 -7.85 -44.29
C TRP D 205 -22.98 -8.36 -42.88
N PRO D 206 -21.83 -9.00 -42.57
CA PRO D 206 -21.59 -9.44 -41.20
C PRO D 206 -21.42 -8.29 -40.19
N LEU D 207 -21.58 -8.63 -38.92
CA LEU D 207 -21.55 -7.66 -37.83
C LEU D 207 -20.47 -8.04 -36.82
N TYR D 208 -19.76 -7.03 -36.31
CA TYR D 208 -18.77 -7.23 -35.27
C TYR D 208 -19.02 -6.25 -34.15
N LEU D 209 -19.15 -6.75 -32.92
CA LEU D 209 -19.18 -5.93 -31.72
C LEU D 209 -17.76 -5.86 -31.21
N SER D 210 -17.21 -4.66 -31.08
CA SER D 210 -15.85 -4.49 -30.54
C SER D 210 -15.91 -3.95 -29.12
N THR D 211 -15.06 -4.52 -28.27
CA THR D 211 -14.80 -3.96 -26.93
C THR D 211 -13.30 -4.01 -26.72
N LYS D 212 -12.85 -3.47 -25.58
CA LYS D 212 -11.44 -3.53 -25.19
C LYS D 212 -11.34 -4.15 -23.77
N ASN D 213 -10.40 -5.07 -23.59
CA ASN D 213 -10.47 -6.09 -22.46
C ASN D 213 -10.79 -5.68 -20.98
N THR D 214 -9.75 -5.41 -20.18
CA THR D 214 -9.75 -5.62 -18.72
C THR D 214 -10.46 -4.55 -17.91
N ILE D 215 -10.35 -3.29 -18.34
CA ILE D 215 -10.54 -2.04 -17.52
C ILE D 215 -11.85 -1.97 -16.64
N LEU D 216 -12.96 -2.36 -17.24
CA LEU D 216 -14.25 -2.50 -16.58
C LEU D 216 -14.92 -3.82 -17.02
N LYS D 217 -14.48 -4.93 -16.42
CA LYS D 217 -14.82 -6.28 -16.89
C LYS D 217 -16.32 -6.60 -16.84
N LYS D 218 -16.95 -6.37 -15.68
CA LYS D 218 -18.38 -6.66 -15.50
C LYS D 218 -19.29 -5.83 -16.41
N TYR D 219 -18.85 -4.63 -16.77
CA TYR D 219 -19.60 -3.76 -17.67
C TYR D 219 -19.58 -4.28 -19.11
N ASP D 220 -18.38 -4.56 -19.64
CA ASP D 220 -18.21 -5.07 -21.00
C ASP D 220 -18.76 -6.48 -21.20
N GLY D 221 -18.64 -7.31 -20.15
CA GLY D 221 -19.22 -8.64 -20.15
C GLY D 221 -20.73 -8.66 -20.35
N ARG D 222 -21.42 -7.67 -19.81
CA ARG D 222 -22.88 -7.56 -19.97
C ARG D 222 -23.26 -7.30 -21.43
N PHE D 223 -22.46 -6.50 -22.12
CA PHE D 223 -22.65 -6.27 -23.55
C PHE D 223 -22.44 -7.55 -24.35
N LYS D 224 -21.29 -8.18 -24.16
CA LYS D 224 -20.95 -9.42 -24.88
C LYS D 224 -22.07 -10.44 -24.75
N ASP D 225 -22.46 -10.69 -23.50
CA ASP D 225 -23.51 -11.67 -23.17
C ASP D 225 -24.84 -11.31 -23.82
N ILE D 226 -25.28 -10.07 -23.67
CA ILE D 226 -26.57 -9.63 -24.21
C ILE D 226 -26.61 -9.77 -25.73
N PHE D 227 -25.55 -9.36 -26.39
CA PHE D 227 -25.43 -9.53 -27.84
C PHE D 227 -25.52 -11.00 -28.24
N GLN D 228 -24.79 -11.85 -27.52
CA GLN D 228 -24.75 -13.28 -27.84
C GLN D 228 -26.12 -13.93 -27.64
N GLU D 229 -26.72 -13.69 -26.46
CA GLU D 229 -28.07 -14.18 -26.14
C GLU D 229 -29.09 -13.83 -27.23
N ILE D 230 -29.14 -12.55 -27.60
CA ILE D 230 -30.10 -12.05 -28.59
C ILE D 230 -29.81 -12.67 -29.96
N TYR D 231 -28.53 -12.79 -30.31
CA TYR D 231 -28.10 -13.39 -31.58
C TYR D 231 -28.51 -14.85 -31.69
N ASP D 232 -28.14 -15.63 -30.67
CA ASP D 232 -28.46 -17.06 -30.62
C ASP D 232 -29.97 -17.34 -30.71
N LYS D 233 -30.79 -16.47 -30.13
CA LYS D 233 -32.22 -16.72 -30.00
C LYS D 233 -33.14 -16.11 -31.06
N GLN D 234 -32.71 -15.03 -31.71
CA GLN D 234 -33.58 -14.33 -32.67
C GLN D 234 -33.02 -14.06 -34.06
N TYR D 235 -31.71 -14.20 -34.28
CA TYR D 235 -31.09 -13.78 -35.55
C TYR D 235 -30.23 -14.81 -36.29
N LYS D 236 -29.53 -15.69 -35.55
CA LYS D 236 -28.60 -16.65 -36.17
C LYS D 236 -29.18 -17.44 -37.35
N SER D 237 -30.44 -17.85 -37.22
CA SER D 237 -31.18 -18.51 -38.31
C SER D 237 -31.28 -17.63 -39.57
N GLN D 238 -31.60 -16.35 -39.37
CA GLN D 238 -31.66 -15.38 -40.48
C GLN D 238 -30.28 -14.98 -41.01
N PHE D 239 -29.27 -14.99 -40.14
CA PHE D 239 -27.90 -14.63 -40.53
C PHE D 239 -27.28 -15.69 -41.44
N GLU D 240 -27.35 -16.96 -41.01
CA GLU D 240 -26.88 -18.09 -41.84
C GLU D 240 -27.60 -18.15 -43.19
N ALA D 241 -28.89 -17.82 -43.18
CA ALA D 241 -29.71 -17.73 -44.40
C ALA D 241 -29.14 -16.80 -45.46
N GLN D 242 -28.51 -15.70 -45.03
CA GLN D 242 -27.87 -14.74 -45.94
C GLN D 242 -26.33 -14.89 -46.03
N LYS D 243 -25.78 -16.04 -45.59
CA LYS D 243 -24.34 -16.30 -45.62
C LYS D 243 -23.51 -15.28 -44.81
N ILE D 244 -24.07 -14.76 -43.70
CA ILE D 244 -23.39 -13.78 -42.84
C ILE D 244 -23.34 -14.27 -41.40
N TRP D 245 -22.62 -13.54 -40.55
CA TRP D 245 -22.38 -13.95 -39.15
C TRP D 245 -22.25 -12.76 -38.20
N TYR D 246 -22.35 -13.05 -36.90
CA TYR D 246 -22.01 -12.12 -35.84
C TYR D 246 -20.81 -12.65 -35.07
N GLU D 247 -19.92 -11.76 -34.67
CA GLU D 247 -18.74 -12.13 -33.90
C GLU D 247 -18.36 -10.99 -32.96
N HIS D 248 -18.13 -11.28 -31.69
CA HIS D 248 -17.47 -10.32 -30.79
C HIS D 248 -15.99 -10.34 -31.16
N ARG D 249 -15.34 -9.21 -30.98
CA ARG D 249 -13.93 -9.06 -31.35
C ARG D 249 -13.26 -8.03 -30.44
N LEU D 250 -11.96 -8.16 -30.19
CA LEU D 250 -11.22 -7.14 -29.45
C LEU D 250 -10.92 -5.98 -30.39
N ILE D 251 -10.69 -4.80 -29.81
CA ILE D 251 -10.57 -3.56 -30.55
C ILE D 251 -9.35 -3.56 -31.49
N ASP D 252 -8.23 -4.08 -31.01
CA ASP D 252 -6.99 -4.13 -31.77
C ASP D 252 -7.08 -5.09 -32.95
N ASP D 253 -7.75 -6.22 -32.74
CA ASP D 253 -8.01 -7.19 -33.83
C ASP D 253 -8.98 -6.59 -34.84
N MET D 254 -9.83 -5.69 -34.37
CA MET D 254 -10.78 -5.01 -35.23
C MET D 254 -10.10 -4.02 -36.19
N VAL D 255 -9.13 -3.24 -35.69
CA VAL D 255 -8.43 -2.29 -36.59
C VAL D 255 -7.54 -3.08 -37.56
N ALA D 256 -6.90 -4.14 -37.06
CA ALA D 256 -6.10 -5.07 -37.87
C ALA D 256 -6.90 -5.61 -39.06
N GLN D 257 -8.12 -6.08 -38.77
CA GLN D 257 -9.00 -6.61 -39.81
C GLN D 257 -9.38 -5.53 -40.81
N ALA D 258 -9.76 -4.34 -40.31
CA ALA D 258 -10.13 -3.22 -41.16
C ALA D 258 -9.02 -2.86 -42.13
N MET D 259 -7.82 -2.66 -41.58
CA MET D 259 -6.58 -2.44 -42.34
C MET D 259 -6.37 -3.36 -43.55
N LYS D 260 -6.76 -4.63 -43.40
CA LYS D 260 -6.44 -5.67 -44.36
C LYS D 260 -7.67 -6.25 -45.08
N SER D 261 -8.81 -5.55 -45.07
CA SER D 261 -10.02 -6.02 -45.75
C SER D 261 -10.48 -5.13 -46.88
N GLU D 262 -11.43 -5.63 -47.65
CA GLU D 262 -12.09 -4.87 -48.72
C GLU D 262 -13.22 -4.00 -48.19
N GLY D 263 -13.59 -4.18 -46.92
CA GLY D 263 -14.73 -3.49 -46.32
C GLY D 263 -15.95 -4.36 -46.41
N GLY D 264 -17.12 -3.73 -46.28
CA GLY D 264 -18.40 -4.44 -46.36
C GLY D 264 -18.72 -5.25 -45.11
N PHE D 265 -18.43 -4.67 -43.94
CA PHE D 265 -18.95 -5.18 -42.67
C PHE D 265 -19.43 -4.04 -41.79
N ILE D 266 -20.21 -4.40 -40.78
CA ILE D 266 -20.71 -3.46 -39.80
C ILE D 266 -19.93 -3.65 -38.52
N TRP D 267 -19.48 -2.55 -37.94
CA TRP D 267 -18.62 -2.54 -36.77
C TRP D 267 -19.35 -1.78 -35.68
N ALA D 268 -19.95 -2.50 -34.74
CA ALA D 268 -20.62 -1.89 -33.60
C ALA D 268 -19.57 -1.58 -32.55
N CYS D 269 -19.30 -0.30 -32.32
CA CYS D 269 -18.26 0.12 -31.40
C CYS D 269 -18.85 0.33 -30.03
N LYS D 270 -18.16 -0.14 -29.01
CA LYS D 270 -18.56 0.10 -27.64
C LYS D 270 -17.37 0.64 -26.82
N ASN D 271 -17.44 1.95 -26.56
CA ASN D 271 -16.48 2.68 -25.75
C ASN D 271 -17.28 3.46 -24.69
N TYR D 272 -16.68 4.40 -23.96
CA TYR D 272 -17.40 5.21 -22.96
C TYR D 272 -17.80 6.62 -23.43
N ASP D 273 -18.57 6.68 -24.53
CA ASP D 273 -19.34 7.91 -24.87
C ASP D 273 -20.86 7.55 -24.99
N ASP D 275 -22.59 9.34 -28.25
CA ASP D 275 -22.24 9.77 -29.59
C ASP D 275 -21.26 10.93 -29.47
N VAL D 276 -20.11 10.81 -30.15
CA VAL D 276 -19.23 11.94 -30.39
C VAL D 276 -19.63 12.51 -31.76
N GLN D 277 -19.24 13.75 -32.05
CA GLN D 277 -19.35 14.26 -33.41
C GLN D 277 -18.26 13.65 -34.36
N SER D 278 -18.19 12.32 -34.47
CA SER D 278 -17.05 11.57 -35.12
C SER D 278 -16.68 11.88 -36.61
N ASP D 279 -16.26 13.13 -36.78
CA ASP D 279 -15.60 13.61 -38.00
C ASP D 279 -14.25 12.90 -38.26
N SER D 280 -13.76 12.13 -37.28
CA SER D 280 -12.59 11.27 -37.49
C SER D 280 -12.83 10.05 -38.43
N VAL D 281 -13.99 9.38 -38.33
CA VAL D 281 -14.32 8.23 -39.25
C VAL D 281 -14.32 8.67 -40.73
N ALA D 282 -14.85 9.86 -40.97
CA ALA D 282 -15.00 10.44 -42.33
C ALA D 282 -13.72 10.95 -43.00
N GLN D 283 -12.59 10.89 -42.29
CA GLN D 283 -11.30 11.20 -42.91
C GLN D 283 -10.56 9.92 -43.19
N GLY D 284 -11.25 8.79 -43.00
CA GLY D 284 -10.86 7.54 -43.63
C GLY D 284 -11.20 7.48 -45.13
N TYR D 285 -12.33 8.08 -45.45
CA TYR D 285 -12.88 8.04 -46.79
C TYR D 285 -12.85 9.40 -47.51
N GLY D 286 -11.79 10.16 -47.28
CA GLY D 286 -11.55 11.39 -48.02
C GLY D 286 -12.13 12.66 -47.40
N SER D 287 -13.44 12.79 -47.42
CA SER D 287 -14.06 14.06 -47.03
C SER D 287 -15.34 13.90 -46.23
N LEU D 288 -15.55 14.84 -45.32
CA LEU D 288 -16.74 14.87 -44.48
C LEU D 288 -18.05 14.93 -45.26
N GLY D 289 -18.03 15.52 -46.45
CA GLY D 289 -19.19 15.53 -47.34
C GLY D 289 -19.63 14.19 -47.92
N MET D 290 -18.90 13.12 -47.63
CA MET D 290 -19.22 11.80 -48.15
C MET D 290 -19.64 10.80 -47.08
N MET D 291 -20.14 11.29 -45.95
CA MET D 291 -20.46 10.42 -44.81
C MET D 291 -21.90 10.69 -44.37
N THR D 292 -22.75 9.69 -44.50
CA THR D 292 -24.13 9.73 -43.96
C THR D 292 -24.28 9.02 -42.63
N SER D 293 -25.30 9.42 -41.87
CA SER D 293 -25.77 8.75 -40.66
C SER D 293 -27.13 8.13 -40.96
N VAL D 294 -27.38 6.95 -40.42
CA VAL D 294 -28.72 6.37 -40.41
C VAL D 294 -29.00 5.90 -38.99
N LEU D 295 -30.05 6.45 -38.41
CA LEU D 295 -30.55 6.02 -37.12
C LEU D 295 -31.50 4.85 -37.35
N VAL D 296 -31.18 3.69 -36.79
CA VAL D 296 -31.98 2.48 -36.97
C VAL D 296 -32.52 2.05 -35.62
N CYS D 297 -33.85 1.90 -35.54
CA CYS D 297 -34.52 1.50 -34.31
C CYS D 297 -34.50 -0.01 -34.13
N PRO D 298 -34.77 -0.50 -32.89
CA PRO D 298 -34.72 -1.96 -32.65
C PRO D 298 -35.74 -2.75 -33.46
N ASP D 299 -36.94 -2.18 -33.65
CA ASP D 299 -37.99 -2.78 -34.49
C ASP D 299 -37.61 -3.12 -35.95
N GLY D 300 -36.55 -2.50 -36.48
CA GLY D 300 -36.17 -2.67 -37.90
C GLY D 300 -36.95 -1.77 -38.88
N LYS D 301 -38.07 -1.21 -38.40
CA LYS D 301 -39.09 -0.57 -39.25
C LYS D 301 -38.86 0.96 -39.39
N THR D 302 -38.33 1.61 -38.36
CA THR D 302 -38.22 3.07 -38.33
C THR D 302 -36.78 3.50 -38.53
N VAL D 303 -36.54 4.44 -39.46
CA VAL D 303 -35.21 5.02 -39.65
C VAL D 303 -35.25 6.55 -39.81
N GLU D 304 -34.15 7.19 -39.43
CA GLU D 304 -33.93 8.61 -39.66
C GLU D 304 -32.58 8.79 -40.32
N ALA D 305 -32.57 9.34 -41.53
CA ALA D 305 -31.35 9.53 -42.31
C ALA D 305 -30.88 10.99 -42.21
N GLU D 306 -29.57 11.17 -42.20
CA GLU D 306 -28.97 12.48 -41.95
C GLU D 306 -27.53 12.50 -42.44
N ALA D 307 -27.03 13.64 -42.90
CA ALA D 307 -25.59 13.76 -43.16
C ALA D 307 -24.85 13.70 -41.82
N ALA D 308 -23.67 13.06 -41.84
CA ALA D 308 -22.83 12.94 -40.63
C ALA D 308 -22.11 14.23 -40.29
N HIS D 309 -21.81 15.04 -41.30
CA HIS D 309 -21.13 16.33 -41.05
C HIS D 309 -22.05 17.35 -40.39
N GLY D 310 -21.47 18.48 -40.01
CA GLY D 310 -22.20 19.61 -39.44
C GLY D 310 -22.78 20.55 -40.47
N THR D 311 -23.07 21.77 -40.02
CA THR D 311 -23.77 22.77 -40.83
C THR D 311 -22.84 23.56 -41.75
N VAL D 312 -21.54 23.35 -41.62
CA VAL D 312 -20.53 23.95 -42.50
C VAL D 312 -20.55 25.49 -42.34
N THR D 313 -20.47 25.94 -41.10
CA THR D 313 -20.52 27.36 -40.75
C THR D 313 -19.55 28.20 -41.58
N ARG D 314 -18.33 27.72 -41.78
CA ARG D 314 -17.35 28.51 -42.53
C ARG D 314 -17.85 28.85 -43.93
N HIS D 315 -18.41 27.87 -44.64
CA HIS D 315 -18.98 28.10 -45.98
C HIS D 315 -20.20 28.99 -45.91
N TYR D 316 -21.02 28.82 -44.88
CA TYR D 316 -22.17 29.69 -44.67
C TYR D 316 -21.81 31.16 -44.55
N ARG D 317 -20.75 31.47 -43.79
CA ARG D 317 -20.28 32.87 -43.66
C ARG D 317 -19.89 33.47 -45.00
N MET D 318 -19.31 32.65 -45.88
CA MET D 318 -18.93 33.09 -47.22
C MET D 318 -20.19 33.38 -48.05
N TYR D 319 -21.14 32.46 -47.98
CA TYR D 319 -22.42 32.62 -48.64
C TYR D 319 -23.19 33.88 -48.19
N GLN D 320 -23.07 34.24 -46.91
CA GLN D 320 -23.68 35.48 -46.38
C GLN D 320 -23.07 36.75 -46.93
N LYS D 321 -21.77 36.70 -47.24
CA LYS D 321 -21.02 37.80 -47.85
C LYS D 321 -21.04 37.77 -49.38
N GLY D 322 -21.84 36.88 -49.96
CA GLY D 322 -21.95 36.78 -51.41
C GLY D 322 -20.76 36.18 -52.13
N GLN D 323 -19.96 35.41 -51.41
CA GLN D 323 -18.76 34.79 -51.96
C GLN D 323 -19.04 33.36 -52.39
N GLU D 324 -18.26 32.91 -53.34
CA GLU D 324 -18.44 31.59 -53.92
C GLU D 324 -18.05 30.51 -52.93
N THR D 325 -18.86 29.45 -52.87
CA THR D 325 -18.61 28.30 -52.00
C THR D 325 -18.51 27.05 -52.85
N SER D 326 -17.88 26.02 -52.31
CA SER D 326 -17.88 24.69 -52.90
C SER D 326 -18.20 23.67 -51.82
N THR D 327 -19.48 23.56 -51.49
CA THR D 327 -19.95 22.69 -50.42
C THR D 327 -20.49 21.39 -51.02
N ASN D 328 -20.00 20.27 -50.52
CA ASN D 328 -20.37 18.97 -51.04
C ASN D 328 -21.75 18.53 -50.53
N PRO D 329 -22.72 18.29 -51.45
CA PRO D 329 -24.07 17.90 -51.05
C PRO D 329 -24.34 16.40 -50.94
N ILE D 330 -23.33 15.56 -51.21
CA ILE D 330 -23.55 14.11 -51.36
C ILE D 330 -24.14 13.46 -50.11
N ALA D 331 -23.53 13.71 -48.96
CA ALA D 331 -24.05 13.17 -47.69
C ALA D 331 -25.50 13.56 -47.48
N SER D 332 -25.82 14.83 -47.74
CA SER D 332 -27.20 15.33 -47.62
C SER D 332 -28.13 14.67 -48.64
N ILE D 333 -27.64 14.48 -49.87
CA ILE D 333 -28.41 13.76 -50.90
C ILE D 333 -28.66 12.31 -50.50
N PHE D 334 -27.64 11.65 -49.98
CA PHE D 334 -27.77 10.26 -49.57
C PHE D 334 -28.69 10.08 -48.35
N ALA D 335 -28.87 11.12 -47.54
CA ALA D 335 -29.90 11.09 -46.51
C ALA D 335 -31.27 10.95 -47.14
N TRP D 336 -31.56 11.75 -48.16
CA TRP D 336 -32.81 11.62 -48.90
C TRP D 336 -32.95 10.24 -49.58
N THR D 337 -31.91 9.78 -50.27
CA THR D 337 -32.01 8.53 -51.00
C THR D 337 -32.15 7.35 -50.08
N ARG D 338 -31.42 7.33 -48.97
CA ARG D 338 -31.52 6.22 -48.01
C ARG D 338 -32.85 6.26 -47.26
N GLY D 339 -33.37 7.45 -46.99
CA GLY D 339 -34.69 7.62 -46.42
C GLY D 339 -35.77 7.14 -47.38
N LEU D 340 -35.74 7.64 -48.61
CA LEU D 340 -36.70 7.24 -49.64
C LEU D 340 -36.60 5.75 -49.98
N ALA D 341 -35.40 5.18 -49.91
CA ALA D 341 -35.22 3.75 -50.15
C ALA D 341 -35.93 2.92 -49.09
N HIS D 342 -35.81 3.34 -47.83
CA HIS D 342 -36.47 2.66 -46.73
C HIS D 342 -37.98 2.82 -46.80
N ARG D 343 -38.41 4.04 -47.10
CA ARG D 343 -39.81 4.33 -47.40
C ARG D 343 -40.37 3.38 -48.46
N ALA D 344 -39.62 3.17 -49.53
CA ALA D 344 -40.04 2.31 -50.63
C ALA D 344 -40.12 0.83 -50.23
N LYS D 345 -39.20 0.40 -49.38
CA LYS D 345 -39.19 -0.98 -48.88
C LYS D 345 -40.40 -1.26 -47.97
N LEU D 346 -40.76 -0.31 -47.12
CA LEU D 346 -41.95 -0.42 -46.28
C LEU D 346 -43.25 -0.41 -47.09
N ASP D 347 -43.37 0.55 -48.00
CA ASP D 347 -44.56 0.69 -48.87
C ASP D 347 -44.60 -0.25 -50.08
N ASN D 348 -43.52 -1.00 -50.31
CA ASN D 348 -43.42 -1.92 -51.44
C ASN D 348 -43.60 -1.18 -52.78
N ASN D 349 -42.86 -0.08 -52.91
CA ASN D 349 -43.01 0.87 -54.00
C ASN D 349 -41.82 0.73 -54.97
N LYS D 350 -42.02 -0.05 -56.03
CA LYS D 350 -40.98 -0.30 -57.04
C LYS D 350 -40.44 0.99 -57.64
N GLU D 351 -41.33 1.91 -58.01
CA GLU D 351 -40.92 3.17 -58.67
C GLU D 351 -40.04 4.08 -57.79
N LEU D 352 -40.36 4.18 -56.51
CA LEU D 352 -39.59 5.00 -55.58
C LEU D 352 -38.25 4.35 -55.22
N ALA D 353 -38.19 3.03 -55.15
CA ALA D 353 -36.93 2.34 -54.90
C ALA D 353 -35.99 2.57 -56.05
N PHE D 354 -36.53 2.51 -57.27
CA PHE D 354 -35.76 2.75 -58.49
C PHE D 354 -35.17 4.16 -58.52
N PHE D 355 -36.03 5.15 -58.26
CA PHE D 355 -35.62 6.56 -58.21
C PHE D 355 -34.51 6.81 -57.20
N ALA D 356 -34.67 6.26 -55.99
CA ALA D 356 -33.69 6.44 -54.93
C ALA D 356 -32.33 5.91 -55.35
N ASN D 357 -32.31 4.71 -55.91
CA ASN D 357 -31.09 4.12 -56.42
C ASN D 357 -30.49 4.90 -57.61
N ALA D 358 -31.35 5.39 -58.50
CA ALA D 358 -30.92 6.20 -59.63
C ALA D 358 -30.16 7.44 -59.18
N LEU D 359 -30.71 8.15 -58.19
CA LEU D 359 -30.07 9.37 -57.69
C LEU D 359 -28.73 9.09 -57.01
N GLU D 360 -28.59 7.92 -56.37
CA GLU D 360 -27.30 7.51 -55.81
C GLU D 360 -26.29 7.26 -56.94
N GLU D 361 -26.70 6.51 -57.96
CA GLU D 361 -25.84 6.22 -59.11
C GLU D 361 -25.36 7.50 -59.81
N VAL D 362 -26.29 8.42 -60.05
CA VAL D 362 -25.99 9.70 -60.71
C VAL D 362 -24.94 10.47 -59.91
N SER D 363 -25.13 10.53 -58.60
CA SER D 363 -24.22 11.22 -57.69
C SER D 363 -22.79 10.68 -57.77
N ILE D 364 -22.65 9.37 -57.71
CA ILE D 364 -21.34 8.71 -57.82
C ILE D 364 -20.77 8.82 -59.25
N GLU D 365 -21.61 8.60 -60.26
CA GLU D 365 -21.21 8.75 -61.65
C GLU D 365 -20.69 10.14 -61.99
N THR D 366 -21.37 11.18 -61.50
CA THR D 366 -20.94 12.55 -61.70
C THR D 366 -19.52 12.77 -61.18
N ILE D 367 -19.27 12.34 -59.94
CA ILE D 367 -17.96 12.49 -59.31
C ILE D 367 -16.92 11.65 -60.02
N GLU D 368 -17.28 10.42 -60.34
CA GLU D 368 -16.35 9.53 -61.06
C GLU D 368 -16.03 10.02 -62.48
N ALA D 369 -16.93 10.82 -63.06
CA ALA D 369 -16.68 11.48 -64.34
C ALA D 369 -15.84 12.75 -64.26
N GLY D 370 -15.38 13.14 -63.06
CA GLY D 370 -14.51 14.31 -62.89
C GLY D 370 -15.16 15.61 -62.44
N PHE D 371 -16.47 15.60 -62.24
CA PHE D 371 -17.18 16.79 -61.78
C PHE D 371 -17.37 16.65 -60.28
N MET D 372 -16.78 17.56 -59.52
CA MET D 372 -16.81 17.46 -58.05
C MET D 372 -16.57 18.81 -57.37
N THR D 373 -16.92 18.86 -56.10
CA THR D 373 -16.66 20.04 -55.26
C THR D 373 -15.21 20.04 -54.79
N LYS D 374 -14.79 21.16 -54.24
CA LYS D 374 -13.38 21.42 -53.97
C LYS D 374 -12.75 20.44 -52.99
N ASP D 375 -13.50 20.06 -51.97
CA ASP D 375 -13.06 19.05 -50.99
C ASP D 375 -12.60 17.76 -51.66
N LEU D 376 -13.36 17.27 -52.64
CA LEU D 376 -13.00 16.04 -53.34
C LEU D 376 -11.82 16.23 -54.30
N ALA D 377 -11.74 17.37 -54.95
CA ALA D 377 -10.56 17.74 -55.73
C ALA D 377 -9.31 17.74 -54.86
N ALA D 378 -9.42 18.24 -53.63
CA ALA D 378 -8.32 18.25 -52.68
C ALA D 378 -7.88 16.85 -52.25
N CYS D 379 -8.82 15.93 -52.09
CA CYS D 379 -8.44 14.53 -51.85
C CYS D 379 -7.57 13.95 -52.96
N ILE D 380 -7.89 14.27 -54.20
CA ILE D 380 -7.14 13.75 -55.34
C ILE D 380 -5.78 14.43 -55.48
N LYS D 381 -5.76 15.76 -55.47
CA LYS D 381 -4.57 16.54 -55.82
C LYS D 381 -3.76 17.10 -54.65
N GLY D 382 -4.36 17.14 -53.46
CA GLY D 382 -3.80 17.91 -52.35
C GLY D 382 -4.21 19.37 -52.46
N LEU D 383 -4.73 19.91 -51.37
CA LEU D 383 -5.30 21.27 -51.35
C LEU D 383 -4.41 22.37 -51.95
N PRO D 384 -3.09 22.37 -51.63
CA PRO D 384 -2.22 23.39 -52.27
C PRO D 384 -2.20 23.35 -53.81
N ASN D 385 -2.43 22.18 -54.41
CA ASN D 385 -2.41 21.99 -55.86
C ASN D 385 -3.76 22.12 -56.55
N VAL D 386 -4.80 22.48 -55.82
CA VAL D 386 -6.12 22.62 -56.40
C VAL D 386 -6.26 23.99 -57.01
N GLN D 387 -6.61 24.00 -58.29
CA GLN D 387 -6.93 25.23 -59.03
C GLN D 387 -8.43 25.31 -59.21
N ARG D 388 -8.92 26.48 -59.60
CA ARG D 388 -10.36 26.70 -59.77
C ARG D 388 -10.97 25.82 -60.87
N SER D 389 -10.19 25.51 -61.90
CA SER D 389 -10.61 24.61 -62.98
C SER D 389 -10.86 23.17 -62.53
N ASP D 390 -10.24 22.74 -61.42
CA ASP D 390 -10.41 21.37 -60.89
C ASP D 390 -11.75 21.05 -60.20
N TYR D 391 -12.57 22.05 -59.90
CA TYR D 391 -13.82 21.80 -59.19
C TYR D 391 -14.97 22.73 -59.60
N LEU D 392 -16.17 22.40 -59.11
CA LEU D 392 -17.36 23.22 -59.31
C LEU D 392 -17.78 23.84 -58.00
N ASN D 393 -18.39 25.03 -58.08
CA ASN D 393 -19.00 25.65 -56.89
C ASN D 393 -20.29 24.94 -56.51
N THR D 394 -20.83 25.30 -55.35
CA THR D 394 -21.98 24.63 -54.78
C THR D 394 -23.13 24.52 -55.76
N PHE D 395 -23.42 25.61 -56.45
CA PHE D 395 -24.57 25.70 -57.34
C PHE D 395 -24.29 25.07 -58.69
N GLU D 396 -23.06 25.22 -59.19
CA GLU D 396 -22.63 24.52 -60.41
C GLU D 396 -22.73 22.99 -60.26
N PHE D 397 -22.30 22.46 -59.11
CA PHE D 397 -22.34 21.03 -58.87
C PHE D 397 -23.77 20.51 -58.75
N MET D 398 -24.64 21.25 -58.06
CA MET D 398 -26.05 20.85 -57.93
C MET D 398 -26.72 20.85 -59.30
N ASP D 399 -26.43 21.86 -60.13
CA ASP D 399 -26.94 21.92 -61.51
C ASP D 399 -26.50 20.72 -62.30
N LYS D 400 -25.21 20.38 -62.18
CA LYS D 400 -24.67 19.21 -62.87
C LYS D 400 -25.36 17.91 -62.45
N LEU D 401 -25.57 17.74 -61.16
CA LEU D 401 -26.35 16.61 -60.66
C LEU D 401 -27.78 16.59 -61.19
N GLY D 402 -28.44 17.74 -61.14
CA GLY D 402 -29.82 17.87 -61.61
C GLY D 402 -29.98 17.54 -63.08
N GLU D 403 -29.00 17.98 -63.85
CA GLU D 403 -28.95 17.74 -65.29
C GLU D 403 -28.73 16.24 -65.61
N ASN D 404 -27.81 15.60 -64.91
CA ASN D 404 -27.56 14.16 -65.08
C ASN D 404 -28.71 13.29 -64.60
N LEU D 405 -29.36 13.69 -63.51
CA LEU D 405 -30.53 12.97 -63.00
C LEU D 405 -31.64 12.95 -64.04
N LYS D 406 -31.89 14.09 -64.65
CA LYS D 406 -32.93 14.19 -65.67
C LYS D 406 -32.67 13.23 -66.83
N ILE D 407 -31.42 13.21 -67.29
CA ILE D 407 -30.96 12.30 -68.37
C ILE D 407 -31.17 10.84 -67.97
N LYS D 408 -30.73 10.49 -66.77
CA LYS D 408 -30.85 9.11 -66.30
C LYS D 408 -32.31 8.61 -66.25
N LEU D 409 -33.21 9.43 -65.72
CA LEU D 409 -34.63 9.05 -65.61
C LEU D 409 -35.33 9.07 -66.97
N ALA D 410 -34.87 9.94 -67.87
CA ALA D 410 -35.34 9.95 -69.27
C ALA D 410 -34.93 8.67 -70.02
N GLN D 411 -33.69 8.24 -69.82
CA GLN D 411 -33.19 6.98 -70.41
C GLN D 411 -33.94 5.77 -69.84
N ALA D 412 -34.22 5.77 -68.55
CA ALA D 412 -35.05 4.73 -67.91
C ALA D 412 -36.45 4.64 -68.53
N LYS D 413 -37.12 5.79 -68.69
CA LYS D 413 -38.44 5.83 -69.36
C LYS D 413 -38.42 5.31 -70.80
N LEU D 414 -37.31 5.50 -71.53
CA LEU D 414 -37.13 4.89 -72.86
C LEU D 414 -36.88 3.38 -72.69
N SER D 415 -37.92 2.54 -72.90
CA SER D 415 -38.11 1.25 -72.21
C SER D 415 -38.22 1.45 -70.70
#